data_1AO0
#
_entry.id   1AO0
#
_cell.length_a   160.300
_cell.length_b   70.400
_cell.length_c   182.700
_cell.angle_alpha   90.00
_cell.angle_beta   90.00
_cell.angle_gamma   90.00
#
_symmetry.space_group_name_H-M   'P 21 21 21'
#
loop_
_entity.id
_entity.type
_entity.pdbx_description
1 polymer 'GLUTAMINE PHOSPHORIBOSYLPYROPHOSPHATE AMIDOTRANSFERASE'
2 non-polymer 'MAGNESIUM ION'
3 non-polymer 'IRON/SULFUR CLUSTER'
4 non-polymer "GUANOSINE-5'-MONOPHOSPHATE"
5 non-polymer "ADENOSINE-5'-DIPHOSPHATE"
6 water water
#
_entity_poly.entity_id   1
_entity_poly.type   'polypeptide(L)'
_entity_poly.pdbx_seq_one_letter_code
;CGVFGIWGHEEAPQITYYGLHSLQHRGQEGAGIVATDGEKLTAHKGQGLITEVFQNGELSKVKGKGAIGHVRYATAGGGG
YENVQPLLFRSQNNGSLALAHNGNLVNATQLKQQLENQGSIFQTSSDTEVLAHLIKRSGHFTLKDQIKNSLSMLKGAYAF
LIMTETEMIVALDPNGLRPLSIGMMGDAYVVASETCAFDVVGATYLREVEPGEMLIINDEGMKSERFSMNINRSICSMEY
IYFSRPDSNIDGINVHSARKNLGKMLAQESAVEADVVTGVPDSSISAAIGYAEATGIPYELGLIKNRYVGRTFIQPSQAL
REQGVRMKLSAVRGVVEGKRVVMVDDSIVRGTTSRRIVTMLREAGATEVHVKISSPPIAHPCFYGIDTSTHEELIASSHS
VEEIRQEIGADTLSFLSVEGLLKGIGRKYDDSNCGQCLACFTGKYPTEIYQDTVLPHVK
;
_entity_poly.pdbx_strand_id   A,B,C,D
#
# COMPACT_ATOMS: atom_id res chain seq x y z
N CYS A 1 25.96 6.06 -5.09
CA CYS A 1 25.68 5.07 -4.02
C CYS A 1 26.45 5.47 -2.80
N GLY A 2 26.06 4.95 -1.64
CA GLY A 2 26.67 5.40 -0.43
C GLY A 2 26.67 4.22 0.44
N VAL A 3 27.67 4.13 1.30
CA VAL A 3 27.82 2.95 2.12
C VAL A 3 28.12 3.43 3.52
N PHE A 4 27.64 2.68 4.49
CA PHE A 4 27.84 3.05 5.88
C PHE A 4 28.04 1.75 6.63
N GLY A 5 29.07 1.71 7.46
CA GLY A 5 29.23 0.57 8.31
C GLY A 5 29.65 1.03 9.68
N ILE A 6 29.36 0.22 10.67
CA ILE A 6 29.79 0.51 12.01
C ILE A 6 29.98 -0.81 12.72
N TRP A 7 31.03 -0.89 13.52
CA TRP A 7 31.32 -2.11 14.28
C TRP A 7 31.44 -1.78 15.75
N GLY A 8 30.65 -2.48 16.58
CA GLY A 8 30.79 -2.38 18.01
C GLY A 8 29.77 -1.45 18.65
N HIS A 9 28.49 -1.72 18.43
CA HIS A 9 27.43 -0.83 18.89
C HIS A 9 26.13 -1.63 18.99
N GLU A 10 25.53 -1.66 20.19
CA GLU A 10 24.29 -2.38 20.41
C GLU A 10 23.27 -2.16 19.31
N GLU A 11 23.18 -0.91 18.86
CA GLU A 11 22.14 -0.48 17.95
C GLU A 11 22.73 -0.21 16.60
N ALA A 12 23.69 -1.03 16.20
CA ALA A 12 24.42 -0.83 14.94
C ALA A 12 23.46 -0.69 13.76
N PRO A 13 22.36 -1.47 13.77
CA PRO A 13 21.44 -1.31 12.63
C PRO A 13 20.63 0.02 12.61
N GLN A 14 20.34 0.55 13.79
CA GLN A 14 19.63 1.81 13.87
C GLN A 14 20.58 2.90 13.41
N ILE A 15 21.79 2.90 13.99
CA ILE A 15 22.81 3.86 13.57
C ILE A 15 23.00 3.83 12.06
N THR A 16 22.94 2.63 11.48
CA THR A 16 23.11 2.49 10.05
C THR A 16 21.95 3.11 9.26
N TYR A 17 20.74 2.94 9.80
CA TYR A 17 19.55 3.59 9.27
C TYR A 17 19.81 5.10 9.17
N TYR A 18 20.31 5.65 10.26
CA TYR A 18 20.48 7.08 10.34
C TYR A 18 21.65 7.52 9.48
N GLY A 19 22.76 6.79 9.58
CA GLY A 19 23.91 7.05 8.76
C GLY A 19 23.50 7.01 7.28
N LEU A 20 22.73 5.99 6.93
CA LEU A 20 22.40 5.76 5.53
C LEU A 20 21.46 6.87 5.06
N HIS A 21 20.62 7.27 5.99
CA HIS A 21 19.69 8.35 5.77
C HIS A 21 20.37 9.64 5.38
N SER A 22 21.39 10.03 6.14
CA SER A 22 22.23 11.16 5.79
C SER A 22 22.95 10.99 4.46
N LEU A 23 23.06 9.76 3.94
CA LEU A 23 23.58 9.54 2.58
C LEU A 23 22.50 9.27 1.53
N GLN A 24 21.24 9.40 1.91
CA GLN A 24 20.15 9.13 1.02
C GLN A 24 20.21 9.85 -0.31
N HIS A 25 20.92 10.99 -0.37
CA HIS A 25 20.99 11.78 -1.61
C HIS A 25 21.80 11.08 -2.66
N ARG A 26 22.64 10.14 -2.22
CA ARG A 26 23.57 9.38 -3.07
C ARG A 26 22.84 8.53 -4.10
N GLY A 27 21.63 8.11 -3.72
CA GLY A 27 20.70 7.49 -4.66
C GLY A 27 19.47 7.00 -3.92
N GLN A 28 18.35 6.85 -4.59
CA GLN A 28 17.13 6.48 -3.89
C GLN A 28 16.45 5.27 -4.50
N GLU A 29 17.22 4.44 -5.21
CA GLU A 29 16.66 3.37 -5.99
C GLU A 29 16.69 2.06 -5.27
N GLY A 30 17.28 2.06 -4.09
CA GLY A 30 17.10 0.94 -3.18
C GLY A 30 17.87 1.23 -1.90
N ALA A 31 17.89 0.31 -0.96
CA ALA A 31 18.63 0.50 0.29
C ALA A 31 18.60 -0.79 1.07
N GLY A 32 19.62 -1.05 1.88
CA GLY A 32 19.63 -2.26 2.68
C GLY A 32 20.59 -2.22 3.83
N ILE A 33 20.31 -2.93 4.90
CA ILE A 33 21.22 -3.04 6.02
C ILE A 33 21.39 -4.51 6.32
N VAL A 34 22.61 -4.91 6.62
CA VAL A 34 22.87 -6.25 7.11
C VAL A 34 23.58 -6.06 8.44
N ALA A 35 23.18 -6.83 9.43
CA ALA A 35 23.74 -6.69 10.77
C ALA A 35 24.12 -8.04 11.33
N THR A 36 25.07 -8.05 12.26
CA THR A 36 25.52 -9.28 12.89
C THR A 36 25.57 -9.15 14.40
N ASP A 37 25.14 -10.20 15.08
CA ASP A 37 25.25 -10.24 16.54
C ASP A 37 26.49 -10.99 16.97
N GLY A 38 27.15 -11.65 16.02
CA GLY A 38 28.30 -12.49 16.35
C GLY A 38 28.08 -13.91 15.88
N GLU A 39 26.81 -14.29 15.74
CA GLU A 39 26.41 -15.64 15.37
C GLU A 39 25.77 -15.59 14.00
N LYS A 40 24.67 -14.87 13.92
CA LYS A 40 23.83 -14.90 12.75
C LYS A 40 23.95 -13.53 12.09
N LEU A 41 23.72 -13.46 10.79
CA LEU A 41 23.55 -12.17 10.13
C LEU A 41 22.07 -11.99 9.80
N THR A 42 21.52 -10.86 10.27
CA THR A 42 20.18 -10.41 9.92
C THR A 42 20.24 -9.35 8.82
N ALA A 43 19.18 -9.19 8.06
CA ALA A 43 19.24 -8.30 6.91
C ALA A 43 17.85 -7.87 6.42
N HIS A 44 17.57 -6.59 6.35
CA HIS A 44 16.47 -6.21 5.51
C HIS A 44 16.93 -5.21 4.49
N LYS A 45 16.35 -5.30 3.30
CA LYS A 45 16.71 -4.42 2.20
C LYS A 45 15.56 -4.39 1.24
N GLY A 46 15.35 -3.26 0.56
CA GLY A 46 14.37 -3.17 -0.51
C GLY A 46 14.63 -2.08 -1.52
N GLN A 47 13.73 -1.94 -2.48
CA GLN A 47 13.78 -0.82 -3.42
C GLN A 47 13.19 0.44 -2.81
N GLY A 48 13.41 1.57 -3.47
CA GLY A 48 12.98 2.86 -2.94
C GLY A 48 13.86 3.47 -1.85
N LEU A 49 13.32 4.47 -1.15
CA LEU A 49 14.04 5.19 -0.09
C LEU A 49 14.16 4.34 1.15
N ILE A 50 15.04 4.78 2.04
CA ILE A 50 15.29 4.03 3.26
C ILE A 50 14.02 3.91 4.08
N THR A 51 13.18 4.94 4.02
CA THR A 51 11.92 4.97 4.76
C THR A 51 10.82 4.14 4.07
N GLU A 52 10.78 4.17 2.74
CA GLU A 52 9.96 3.24 2.01
C GLU A 52 10.38 1.79 2.29
N VAL A 53 11.63 1.59 2.70
CA VAL A 53 12.13 0.23 2.91
C VAL A 53 11.92 -0.19 4.36
N PHE A 54 12.01 0.76 5.28
CA PHE A 54 11.75 0.48 6.69
C PHE A 54 10.50 1.17 7.27
N GLN A 55 9.74 0.39 8.04
CA GLN A 55 8.32 0.61 8.30
C GLN A 55 7.52 0.30 7.04
N ASN A 56 8.10 -0.60 6.26
CA ASN A 56 7.48 -1.26 5.11
C ASN A 56 8.27 -2.57 5.05
N GLY A 57 8.48 -3.14 6.24
CA GLY A 57 9.53 -4.11 6.47
C GLY A 57 10.24 -3.56 7.70
N GLU A 58 10.23 -4.31 8.79
CA GLU A 58 10.61 -3.74 10.10
C GLU A 58 12.12 -3.64 10.38
N LEU A 59 12.53 -2.51 10.94
CA LEU A 59 13.91 -2.29 11.34
C LEU A 59 14.20 -3.09 12.59
N SER A 60 13.15 -3.39 13.36
CA SER A 60 13.26 -4.18 14.57
C SER A 60 13.80 -5.61 14.36
N LYS A 61 13.38 -6.22 13.24
CA LYS A 61 13.84 -7.55 12.79
C LYS A 61 15.37 -7.64 12.63
N VAL A 62 15.99 -6.61 12.02
CA VAL A 62 17.44 -6.58 11.84
C VAL A 62 18.10 -6.09 13.13
N LYS A 63 18.91 -6.93 13.73
CA LYS A 63 19.49 -6.62 15.01
C LYS A 63 20.96 -7.03 14.95
N GLY A 64 21.82 -6.38 15.74
CA GLY A 64 23.23 -6.72 15.77
C GLY A 64 24.17 -5.76 16.52
N LYS A 65 25.47 -5.95 16.34
CA LYS A 65 26.50 -5.10 16.94
C LYS A 65 27.43 -4.57 15.83
N GLY A 66 27.26 -5.12 14.64
CA GLY A 66 27.93 -4.53 13.52
C GLY A 66 26.92 -4.54 12.41
N ALA A 67 27.02 -3.58 11.52
CA ALA A 67 26.22 -3.63 10.32
C ALA A 67 26.88 -2.84 9.25
N ILE A 68 26.50 -3.17 8.04
CA ILE A 68 26.91 -2.41 6.88
C ILE A 68 25.63 -2.18 6.11
N GLY A 69 25.58 -1.05 5.44
CA GLY A 69 24.38 -0.70 4.71
C GLY A 69 24.78 0.03 3.50
N HIS A 70 23.87 0.04 2.55
CA HIS A 70 24.14 0.57 1.24
C HIS A 70 22.92 1.35 0.77
N VAL A 71 23.16 2.45 0.11
CA VAL A 71 22.10 3.20 -0.54
C VAL A 71 22.40 3.25 -2.05
N ARG A 72 21.48 2.73 -2.85
CA ARG A 72 21.74 2.51 -4.24
C ARG A 72 21.18 3.56 -5.15
N TYR A 73 22.01 4.06 -6.07
CA TYR A 73 21.59 4.98 -7.13
C TYR A 73 21.23 4.09 -8.28
N ALA A 74 20.23 4.47 -9.07
CA ALA A 74 19.90 3.70 -10.27
C ALA A 74 19.35 4.47 -11.46
N THR A 75 19.70 3.95 -12.62
CA THR A 75 19.22 4.46 -13.90
C THR A 75 18.04 3.57 -14.23
N GLY A 80 15.76 -4.09 -9.96
CA GLY A 80 15.73 -5.48 -9.57
C GLY A 80 16.09 -5.45 -8.11
N TYR A 81 15.32 -6.15 -7.29
CA TYR A 81 15.64 -6.31 -5.88
C TYR A 81 16.85 -7.26 -5.69
N GLU A 82 17.19 -7.99 -6.74
CA GLU A 82 18.42 -8.77 -6.72
C GLU A 82 19.66 -7.90 -6.65
N ASN A 83 19.53 -6.63 -7.07
CA ASN A 83 20.64 -5.67 -7.20
C ASN A 83 20.77 -4.71 -6.01
N VAL A 84 19.79 -4.75 -5.13
CA VAL A 84 19.83 -3.88 -4.01
C VAL A 84 20.85 -4.46 -3.04
N GLN A 85 21.78 -3.62 -2.59
CA GLN A 85 22.79 -4.10 -1.66
C GLN A 85 22.52 -3.60 -0.25
N PRO A 86 23.27 -4.15 0.73
CA PRO A 86 24.34 -5.14 0.64
C PRO A 86 23.89 -6.44 -0.01
N LEU A 87 24.82 -7.17 -0.64
CA LEU A 87 24.61 -8.56 -1.03
C LEU A 87 25.01 -9.46 0.12
N LEU A 88 24.15 -10.42 0.45
CA LEU A 88 24.44 -11.32 1.56
C LEU A 88 24.49 -12.72 1.01
N PHE A 89 25.49 -13.47 1.50
CA PHE A 89 25.73 -14.84 1.08
C PHE A 89 25.94 -15.74 2.25
N ARG A 90 25.28 -16.87 2.22
CA ARG A 90 25.44 -17.81 3.31
C ARG A 90 26.02 -19.12 2.80
N SER A 91 26.49 -19.92 3.74
CA SER A 91 27.11 -21.17 3.40
C SER A 91 26.95 -22.19 4.51
N GLN A 92 27.04 -23.46 4.12
CA GLN A 92 26.81 -24.59 5.03
C GLN A 92 27.84 -24.61 6.15
N ASN A 93 29.10 -24.38 5.79
CA ASN A 93 30.22 -24.72 6.67
C ASN A 93 31.09 -23.51 6.99
N ASN A 94 30.95 -22.48 6.18
CA ASN A 94 31.90 -21.38 6.16
C ASN A 94 31.24 -20.06 6.56
N GLY A 95 30.03 -20.12 7.11
CA GLY A 95 29.37 -18.89 7.53
C GLY A 95 29.11 -17.91 6.41
N SER A 96 28.96 -16.64 6.77
CA SER A 96 28.34 -15.68 5.86
C SER A 96 29.19 -14.52 5.47
N LEU A 97 28.81 -13.94 4.35
CA LEU A 97 29.51 -12.79 3.80
C LEU A 97 28.54 -11.80 3.15
N ALA A 98 28.56 -10.57 3.64
CA ALA A 98 27.84 -9.46 3.03
C ALA A 98 28.81 -8.44 2.50
N LEU A 99 28.45 -7.88 1.36
CA LEU A 99 29.34 -7.01 0.64
C LEU A 99 28.55 -5.86 0.10
N ALA A 100 29.14 -4.66 0.14
CA ALA A 100 28.57 -3.48 -0.48
C ALA A 100 29.64 -2.64 -1.15
N HIS A 101 29.33 -2.13 -2.34
CA HIS A 101 30.28 -1.46 -3.21
C HIS A 101 29.76 -0.06 -3.51
N ASN A 102 30.66 0.91 -3.64
CA ASN A 102 30.34 2.20 -4.25
C ASN A 102 31.46 2.51 -5.24
N GLY A 103 31.12 2.60 -6.52
CA GLY A 103 32.14 2.83 -7.51
C GLY A 103 31.80 2.01 -8.73
N ASN A 104 32.79 1.62 -9.53
CA ASN A 104 32.51 0.80 -10.71
C ASN A 104 33.76 0.14 -11.16
N LEU A 105 33.65 -1.15 -11.49
CA LEU A 105 34.79 -1.98 -11.87
C LEU A 105 34.88 -1.99 -13.38
N VAL A 106 35.93 -1.34 -13.85
CA VAL A 106 36.16 -1.07 -15.25
C VAL A 106 36.61 -2.33 -16.04
N ASN A 107 36.85 -3.44 -15.32
CA ASN A 107 37.14 -4.73 -15.94
C ASN A 107 36.13 -5.83 -15.60
N ALA A 108 35.02 -5.47 -14.96
CA ALA A 108 33.96 -6.42 -14.58
C ALA A 108 33.49 -7.39 -15.68
N THR A 109 33.32 -6.90 -16.90
CA THR A 109 32.97 -7.75 -18.03
C THR A 109 33.98 -8.89 -18.22
N GLN A 110 35.27 -8.53 -18.36
CA GLN A 110 36.37 -9.48 -18.38
C GLN A 110 36.12 -10.50 -17.27
N LEU A 111 36.15 -10.05 -16.01
CA LEU A 111 36.15 -10.99 -14.90
C LEU A 111 34.94 -11.93 -14.88
N LYS A 112 33.79 -11.41 -15.31
CA LYS A 112 32.56 -12.18 -15.28
C LYS A 112 32.68 -13.37 -16.19
N GLN A 113 33.13 -13.14 -17.41
CA GLN A 113 33.39 -14.24 -18.32
C GLN A 113 34.39 -15.27 -17.82
N GLN A 114 35.52 -14.80 -17.31
CA GLN A 114 36.46 -15.72 -16.72
C GLN A 114 35.82 -16.54 -15.61
N LEU A 115 35.09 -15.87 -14.73
CA LEU A 115 34.48 -16.56 -13.60
C LEU A 115 33.33 -17.46 -14.07
N GLU A 116 32.72 -17.09 -15.19
CA GLU A 116 31.63 -17.87 -15.78
C GLU A 116 32.19 -19.10 -16.47
N ASN A 117 33.35 -18.93 -17.10
CA ASN A 117 34.07 -20.04 -17.70
C ASN A 117 34.60 -21.00 -16.66
N GLN A 118 34.94 -20.49 -15.50
CA GLN A 118 35.27 -21.36 -14.39
C GLN A 118 34.04 -21.95 -13.68
N GLY A 119 32.83 -21.58 -14.12
CA GLY A 119 31.64 -22.22 -13.60
C GLY A 119 30.86 -21.45 -12.54
N SER A 120 31.09 -20.15 -12.48
CA SER A 120 30.29 -19.29 -11.62
C SER A 120 28.99 -18.94 -12.29
N ILE A 121 27.92 -18.98 -11.49
CA ILE A 121 26.61 -18.44 -11.89
C ILE A 121 26.43 -17.02 -11.33
N PHE A 122 25.99 -16.10 -12.18
CA PHE A 122 25.70 -14.76 -11.70
C PHE A 122 24.20 -14.45 -11.63
N GLN A 123 23.79 -14.00 -10.45
CA GLN A 123 22.37 -13.81 -10.14
C GLN A 123 21.96 -12.34 -10.02
N THR A 124 22.94 -11.47 -9.78
CA THR A 124 22.70 -10.03 -9.78
C THR A 124 23.42 -9.41 -10.97
N SER A 125 23.29 -8.09 -11.13
CA SER A 125 24.02 -7.36 -12.16
C SER A 125 25.18 -6.54 -11.57
N SER A 126 25.42 -6.71 -10.28
CA SER A 126 26.40 -5.91 -9.56
C SER A 126 27.84 -6.36 -9.64
N ASP A 127 28.72 -5.37 -9.61
CA ASP A 127 30.13 -5.56 -9.38
C ASP A 127 30.33 -6.24 -8.04
N THR A 128 29.51 -5.92 -7.06
CA THR A 128 29.75 -6.47 -5.72
C THR A 128 29.81 -8.00 -5.76
N GLU A 129 29.09 -8.59 -6.72
CA GLU A 129 28.95 -10.02 -6.79
C GLU A 129 30.24 -10.65 -7.33
N VAL A 130 30.80 -9.98 -8.33
CA VAL A 130 32.10 -10.35 -8.85
C VAL A 130 33.13 -10.51 -7.74
N LEU A 131 33.24 -9.52 -6.87
CA LEU A 131 34.13 -9.64 -5.73
C LEU A 131 33.80 -10.89 -4.92
N ALA A 132 32.53 -11.14 -4.71
CA ALA A 132 32.11 -12.31 -3.93
C ALA A 132 32.65 -13.59 -4.59
N HIS A 133 32.60 -13.64 -5.91
CA HIS A 133 33.01 -14.83 -6.63
C HIS A 133 34.50 -15.01 -6.62
N LEU A 134 35.25 -13.93 -6.83
CA LEU A 134 36.71 -13.99 -6.69
C LEU A 134 37.08 -14.46 -5.31
N ILE A 135 36.45 -13.94 -4.27
CA ILE A 135 36.81 -14.35 -2.92
C ILE A 135 36.62 -15.86 -2.73
N LYS A 136 35.50 -16.39 -3.23
CA LYS A 136 35.16 -17.80 -3.02
C LYS A 136 36.15 -18.68 -3.75
N ARG A 137 36.22 -18.45 -5.06
CA ARG A 137 37.15 -19.13 -5.94
C ARG A 137 38.55 -18.58 -5.84
N SER A 138 39.06 -18.51 -4.63
CA SER A 138 40.37 -17.98 -4.35
C SER A 138 41.03 -19.05 -3.51
N GLY A 139 42.34 -19.18 -3.70
CA GLY A 139 43.10 -20.22 -3.05
C GLY A 139 43.39 -20.04 -1.57
N HIS A 140 43.60 -18.82 -1.08
CA HIS A 140 44.17 -18.64 0.27
C HIS A 140 43.37 -19.16 1.46
N PHE A 141 44.09 -19.38 2.56
CA PHE A 141 43.48 -19.99 3.72
C PHE A 141 42.46 -19.06 4.35
N THR A 142 42.84 -17.80 4.57
CA THR A 142 41.95 -16.84 5.24
C THR A 142 41.21 -15.92 4.28
N LEU A 143 40.11 -15.38 4.79
CA LEU A 143 39.32 -14.43 4.04
C LEU A 143 40.08 -13.15 3.79
N LYS A 144 40.76 -12.65 4.84
CA LYS A 144 41.53 -11.41 4.74
C LYS A 144 42.36 -11.51 3.48
N ASP A 145 42.99 -12.67 3.32
CA ASP A 145 43.89 -12.95 2.21
C ASP A 145 43.21 -13.18 0.89
N GLN A 146 42.08 -13.92 0.92
CA GLN A 146 41.23 -14.10 -0.25
C GLN A 146 40.75 -12.77 -0.83
N ILE A 147 40.39 -11.87 0.08
CA ILE A 147 39.98 -10.54 -0.31
C ILE A 147 41.16 -9.76 -0.88
N LYS A 148 42.27 -9.68 -0.16
CA LYS A 148 43.43 -8.94 -0.69
C LYS A 148 43.76 -9.38 -2.09
N ASN A 149 43.79 -10.69 -2.27
CA ASN A 149 44.11 -11.31 -3.55
C ASN A 149 43.06 -10.88 -4.58
N SER A 150 41.79 -10.95 -4.18
CA SER A 150 40.71 -10.67 -5.11
C SER A 150 40.76 -9.20 -5.52
N LEU A 151 41.09 -8.36 -4.55
CA LEU A 151 41.03 -6.93 -4.76
C LEU A 151 41.99 -6.56 -5.85
N SER A 152 43.20 -7.13 -5.76
CA SER A 152 44.28 -6.80 -6.65
C SER A 152 43.96 -7.16 -8.10
N MET A 153 42.85 -7.86 -8.32
CA MET A 153 42.45 -8.22 -9.68
C MET A 153 41.43 -7.27 -10.25
N LEU A 154 40.86 -6.42 -9.39
CA LEU A 154 39.84 -5.45 -9.79
C LEU A 154 40.46 -4.23 -10.41
N LYS A 155 39.83 -3.71 -11.46
CA LYS A 155 40.25 -2.43 -12.05
C LYS A 155 39.10 -1.43 -11.99
N GLY A 156 39.34 -0.23 -11.48
CA GLY A 156 38.34 0.82 -11.46
C GLY A 156 38.16 1.48 -10.11
N ALA A 157 36.98 2.02 -9.88
CA ALA A 157 36.66 2.68 -8.64
C ALA A 157 35.92 1.72 -7.75
N TYR A 158 36.31 1.67 -6.49
CA TYR A 158 35.62 0.80 -5.57
C TYR A 158 35.93 1.13 -4.14
N ALA A 159 34.87 1.44 -3.40
CA ALA A 159 34.91 1.40 -1.96
C ALA A 159 34.03 0.24 -1.57
N PHE A 160 34.56 -0.62 -0.71
CA PHE A 160 33.93 -1.86 -0.40
C PHE A 160 33.77 -1.93 1.07
N LEU A 161 32.56 -2.28 1.50
CA LEU A 161 32.30 -2.75 2.84
C LEU A 161 31.99 -4.24 2.77
N ILE A 162 32.62 -5.02 3.63
CA ILE A 162 32.41 -6.45 3.63
C ILE A 162 32.27 -6.86 5.08
N MET A 163 31.33 -7.77 5.37
CA MET A 163 31.32 -8.32 6.69
C MET A 163 30.68 -9.65 6.86
N THR A 164 31.14 -10.30 7.93
CA THR A 164 30.83 -11.67 8.28
C THR A 164 30.34 -11.59 9.70
N GLU A 165 30.08 -12.74 10.26
CA GLU A 165 29.73 -12.88 11.67
C GLU A 165 30.69 -12.17 12.61
N THR A 166 31.97 -12.12 12.24
CA THR A 166 33.00 -11.82 13.24
C THR A 166 33.80 -10.53 13.00
N GLU A 167 33.71 -10.02 11.77
CA GLU A 167 34.52 -8.89 11.36
C GLU A 167 33.84 -8.02 10.37
N MET A 168 34.41 -6.83 10.23
CA MET A 168 34.14 -5.95 9.12
C MET A 168 35.42 -5.60 8.41
N ILE A 169 35.35 -5.65 7.08
CA ILE A 169 36.51 -5.42 6.24
C ILE A 169 36.16 -4.36 5.22
N VAL A 170 37.04 -3.36 5.14
CA VAL A 170 36.81 -2.14 4.38
C VAL A 170 38.00 -2.03 3.46
N ALA A 171 37.75 -1.63 2.22
CA ALA A 171 38.85 -1.47 1.29
C ALA A 171 38.56 -0.42 0.24
N LEU A 172 39.57 0.36 -0.12
CA LEU A 172 39.41 1.46 -1.09
C LEU A 172 40.37 1.27 -2.25
N ASP A 173 39.90 1.45 -3.47
CA ASP A 173 40.76 1.31 -4.65
C ASP A 173 41.98 2.19 -4.55
N PRO A 174 43.09 1.77 -5.13
CA PRO A 174 44.35 2.47 -4.90
C PRO A 174 44.44 3.83 -5.60
N ASN A 175 43.37 4.25 -6.26
CA ASN A 175 43.29 5.65 -6.66
C ASN A 175 42.51 6.52 -5.71
N GLY A 176 41.82 5.88 -4.75
CA GLY A 176 40.87 6.59 -3.91
C GLY A 176 39.93 7.52 -4.67
N LEU A 177 39.34 6.99 -5.74
CA LEU A 177 38.38 7.69 -6.60
C LEU A 177 37.09 8.08 -5.86
N ARG A 178 36.58 7.20 -5.01
CA ARG A 178 35.44 7.53 -4.15
C ARG A 178 35.91 7.85 -2.76
N PRO A 179 35.25 8.79 -2.10
CA PRO A 179 35.68 9.04 -0.73
C PRO A 179 35.33 7.86 0.17
N LEU A 180 36.04 7.69 1.27
CA LEU A 180 35.64 6.75 2.29
C LEU A 180 36.38 7.18 3.54
N SER A 181 35.67 7.32 4.65
CA SER A 181 36.28 7.80 5.89
C SER A 181 35.93 6.96 7.08
N ILE A 182 36.69 7.14 8.15
CA ILE A 182 36.54 6.33 9.34
C ILE A 182 36.22 7.30 10.47
N GLY A 183 35.40 6.86 11.40
CA GLY A 183 35.05 7.68 12.54
C GLY A 183 34.93 6.80 13.74
N MET A 184 34.75 7.44 14.88
CA MET A 184 34.64 6.74 16.13
C MET A 184 33.33 7.14 16.78
N MET A 185 32.58 6.16 17.28
CA MET A 185 31.52 6.43 18.25
C MET A 185 31.86 5.75 19.56
N GLY A 186 32.65 6.41 20.37
CA GLY A 186 33.10 5.82 21.61
C GLY A 186 34.18 4.86 21.20
N ASP A 187 33.88 3.59 21.35
CA ASP A 187 34.82 2.58 20.94
C ASP A 187 34.43 1.98 19.61
N ALA A 188 33.28 2.33 19.10
CA ALA A 188 32.83 1.81 17.82
C ALA A 188 33.59 2.43 16.67
N TYR A 189 33.62 1.72 15.56
CA TYR A 189 34.27 2.21 14.38
C TYR A 189 33.21 2.43 13.33
N VAL A 190 33.37 3.50 12.60
CA VAL A 190 32.33 3.83 11.66
C VAL A 190 32.96 4.18 10.34
N VAL A 191 32.31 3.80 9.26
CA VAL A 191 32.89 3.95 7.96
C VAL A 191 31.77 4.42 7.06
N ALA A 192 32.03 5.48 6.30
CA ALA A 192 30.98 6.09 5.51
C ALA A 192 31.55 6.68 4.23
N SER A 193 30.77 6.66 3.14
CA SER A 193 31.14 7.38 1.90
C SER A 193 31.42 8.85 2.11
N GLU A 194 30.65 9.48 3.02
CA GLU A 194 30.73 10.92 3.31
C GLU A 194 30.79 11.17 4.82
N THR A 195 31.39 12.29 5.20
CA THR A 195 31.52 12.58 6.62
C THR A 195 30.20 13.03 7.25
N CYS A 196 29.28 13.54 6.42
CA CYS A 196 28.04 14.06 6.97
C CYS A 196 27.34 12.99 7.78
N ALA A 197 27.44 11.75 7.34
CA ALA A 197 26.95 10.62 8.12
C ALA A 197 27.44 10.63 9.57
N PHE A 198 28.65 11.14 9.80
CA PHE A 198 29.23 11.13 11.15
C PHE A 198 28.55 12.19 11.99
N ASP A 199 28.55 13.42 11.48
CA ASP A 199 27.78 14.55 12.02
C ASP A 199 26.39 14.10 12.49
N VAL A 200 25.64 13.52 11.56
CA VAL A 200 24.29 13.02 11.81
C VAL A 200 24.15 11.94 12.92
N VAL A 201 25.14 11.07 13.09
CA VAL A 201 24.97 9.97 14.03
C VAL A 201 25.79 10.14 15.32
N GLY A 202 26.51 11.24 15.42
CA GLY A 202 27.33 11.45 16.60
C GLY A 202 28.71 10.81 16.51
N ALA A 203 29.17 10.53 15.30
CA ALA A 203 30.50 9.97 15.13
C ALA A 203 31.55 11.09 15.02
N THR A 204 32.71 10.86 15.63
CA THR A 204 33.92 11.70 15.43
C THR A 204 34.79 11.23 14.22
N TYR A 205 35.18 12.18 13.38
CA TYR A 205 36.11 11.91 12.30
C TYR A 205 37.42 11.42 12.86
N LEU A 206 37.96 10.39 12.17
CA LEU A 206 39.24 9.78 12.50
C LEU A 206 40.22 10.07 11.39
N ARG A 207 39.94 9.54 10.21
CA ARG A 207 40.74 9.80 9.03
C ARG A 207 40.10 9.20 7.83
N GLU A 208 40.71 9.45 6.68
CA GLU A 208 40.29 8.77 5.47
C GLU A 208 40.96 7.39 5.43
N VAL A 209 40.24 6.44 4.84
CA VAL A 209 40.80 5.20 4.34
C VAL A 209 41.73 5.54 3.17
N GLU A 210 42.94 5.00 3.21
CA GLU A 210 43.97 5.30 2.23
C GLU A 210 43.73 4.51 0.95
N PRO A 211 43.91 5.15 -0.22
CA PRO A 211 43.73 4.39 -1.48
C PRO A 211 44.65 3.18 -1.51
N GLY A 212 44.09 2.01 -1.77
CA GLY A 212 44.87 0.79 -1.72
C GLY A 212 45.02 0.26 -0.28
N GLU A 213 44.29 0.82 0.68
CA GLU A 213 44.34 0.30 2.03
C GLU A 213 43.18 -0.64 2.30
N MET A 214 43.32 -1.47 3.32
CA MET A 214 42.28 -2.38 3.70
C MET A 214 42.27 -2.47 5.22
N LEU A 215 41.07 -2.36 5.78
CA LEU A 215 40.90 -2.32 7.20
C LEU A 215 40.20 -3.59 7.59
N ILE A 216 40.64 -4.15 8.70
CA ILE A 216 39.93 -5.26 9.26
C ILE A 216 39.58 -4.83 10.65
N ILE A 217 38.29 -4.79 10.93
CA ILE A 217 37.79 -4.29 12.18
C ILE A 217 37.00 -5.43 12.83
N ASN A 218 37.15 -5.59 14.12
CA ASN A 218 36.59 -6.71 14.85
C ASN A 218 36.62 -6.35 16.31
N ASP A 219 36.26 -7.28 17.17
CA ASP A 219 36.01 -6.94 18.57
C ASP A 219 37.26 -6.53 19.33
N GLU A 220 38.42 -6.61 18.69
CA GLU A 220 39.67 -6.27 19.36
C GLU A 220 40.37 -5.14 18.64
N GLY A 221 39.73 -4.65 17.59
CA GLY A 221 40.13 -3.37 17.05
C GLY A 221 40.26 -3.39 15.56
N MET A 222 40.99 -2.40 15.07
CA MET A 222 41.13 -2.22 13.64
C MET A 222 42.58 -2.42 13.23
N LYS A 223 42.79 -3.12 12.12
CA LYS A 223 44.12 -3.24 11.56
C LYS A 223 44.13 -2.91 10.09
N SER A 224 45.19 -2.25 9.70
CA SER A 224 45.36 -1.80 8.34
C SER A 224 46.38 -2.69 7.61
N GLU A 225 46.25 -2.79 6.31
CA GLU A 225 47.05 -3.70 5.50
C GLU A 225 46.89 -3.20 4.08
N ARG A 226 47.99 -3.12 3.35
CA ARG A 226 47.95 -2.67 1.96
C ARG A 226 47.62 -3.82 1.08
N PHE A 227 47.13 -3.50 -0.10
CA PHE A 227 46.89 -4.52 -1.10
C PHE A 227 47.30 -3.96 -2.44
N SER A 228 47.86 -2.75 -2.42
CA SER A 228 48.46 -2.15 -3.59
C SER A 228 49.46 -1.07 -3.14
N MET A 229 50.75 -1.42 -3.18
CA MET A 229 51.78 -0.56 -2.56
C MET A 229 51.87 0.75 -3.32
N ASN A 230 51.83 0.68 -4.64
CA ASN A 230 51.87 1.88 -5.46
C ASN A 230 50.45 2.40 -5.67
N ILE A 231 50.24 3.66 -5.27
CA ILE A 231 48.95 4.30 -5.32
C ILE A 231 49.04 5.56 -6.17
N ASN A 232 47.97 5.92 -6.84
CA ASN A 232 47.96 7.14 -7.63
C ASN A 232 46.70 7.98 -7.36
N ARG A 233 46.77 8.80 -6.31
CA ARG A 233 45.69 9.71 -5.88
C ARG A 233 44.92 10.43 -7.00
N SER A 234 43.63 10.10 -7.19
CA SER A 234 42.78 10.84 -8.11
C SER A 234 41.27 10.74 -7.72
N ILE A 235 40.92 11.44 -6.66
CA ILE A 235 39.55 11.47 -6.18
C ILE A 235 38.63 12.16 -7.19
N CYS A 236 37.43 11.61 -7.34
CA CYS A 236 36.43 12.17 -8.22
C CYS A 236 36.21 13.68 -7.94
N SER A 237 36.32 14.50 -8.99
CA SER A 237 36.13 15.95 -8.85
C SER A 237 34.67 16.32 -8.55
N MET A 238 33.76 15.52 -9.09
CA MET A 238 32.34 15.80 -8.97
C MET A 238 31.87 15.63 -7.56
N GLU A 239 32.53 14.77 -6.80
CA GLU A 239 32.23 14.70 -5.37
C GLU A 239 32.30 16.08 -4.73
N TYR A 240 33.28 16.86 -5.17
CA TYR A 240 33.51 18.22 -4.66
C TYR A 240 32.54 19.22 -5.30
N ILE A 241 32.38 19.13 -6.61
CA ILE A 241 31.60 20.09 -7.39
C ILE A 241 30.08 19.98 -7.13
N TYR A 242 29.61 18.76 -6.94
CA TYR A 242 28.20 18.47 -7.08
C TYR A 242 27.72 17.37 -6.12
N PHE A 243 28.42 16.24 -6.09
CA PHE A 243 27.81 15.01 -5.66
C PHE A 243 27.73 14.84 -4.13
N SER A 244 28.70 15.33 -3.39
CA SER A 244 28.62 15.15 -1.95
C SER A 244 27.74 16.18 -1.25
N ARG A 245 27.38 15.92 0.00
CA ARG A 245 26.53 16.84 0.72
C ARG A 245 27.37 17.97 1.28
N PRO A 246 26.79 19.19 1.37
CA PRO A 246 27.64 20.36 1.64
C PRO A 246 28.23 20.37 3.02
N ASP A 247 27.65 19.60 3.93
CA ASP A 247 28.22 19.48 5.25
C ASP A 247 29.35 18.44 5.41
N SER A 248 29.57 17.69 4.33
CA SER A 248 30.69 16.76 4.26
C SER A 248 32.03 17.43 3.95
N ASN A 249 33.08 16.90 4.58
CA ASN A 249 34.45 17.32 4.30
C ASN A 249 35.15 16.19 3.58
N ILE A 250 35.38 16.36 2.28
CA ILE A 250 36.17 15.39 1.53
C ILE A 250 37.65 15.64 1.79
N ASP A 251 38.25 14.74 2.56
CA ASP A 251 39.67 14.85 2.85
C ASP A 251 39.92 16.12 3.64
N GLY A 252 39.08 16.34 4.66
CA GLY A 252 39.26 17.52 5.50
C GLY A 252 38.92 18.84 4.86
N ILE A 253 38.70 18.91 3.55
CA ILE A 253 38.21 20.11 2.89
C ILE A 253 36.68 20.06 2.83
N ASN A 254 36.01 21.05 3.43
CA ASN A 254 34.53 21.10 3.53
C ASN A 254 33.91 21.38 2.18
N VAL A 255 32.82 20.66 1.88
CA VAL A 255 32.25 20.67 0.53
C VAL A 255 31.50 21.96 0.27
N HIS A 256 30.92 22.54 1.32
CA HIS A 256 30.28 23.83 1.16
C HIS A 256 31.35 24.86 0.84
N SER A 257 32.29 24.98 1.77
CA SER A 257 33.40 25.91 1.65
C SER A 257 34.12 25.83 0.30
N ALA A 258 34.40 24.59 -0.15
CA ALA A 258 35.06 24.37 -1.42
C ALA A 258 34.26 24.93 -2.57
N ARG A 259 32.97 24.61 -2.59
CA ARG A 259 32.06 25.02 -3.62
C ARG A 259 31.88 26.55 -3.61
N LYS A 260 31.90 27.11 -2.40
CA LYS A 260 31.87 28.56 -2.31
C LYS A 260 33.13 29.17 -2.92
N ASN A 261 34.29 28.54 -2.71
CA ASN A 261 35.51 29.07 -3.28
C ASN A 261 35.53 28.96 -4.75
N LEU A 262 34.88 27.91 -5.24
CA LEU A 262 34.68 27.76 -6.65
C LEU A 262 33.87 28.92 -7.20
N GLY A 263 32.92 29.44 -6.40
CA GLY A 263 32.22 30.68 -6.73
C GLY A 263 33.14 31.90 -6.75
N LYS A 264 33.95 32.09 -5.70
CA LYS A 264 34.97 33.13 -5.71
C LYS A 264 35.90 33.02 -6.92
N MET A 265 36.29 31.81 -7.26
CA MET A 265 37.14 31.59 -8.43
C MET A 265 36.44 32.03 -9.70
N LEU A 266 35.19 31.62 -9.88
CA LEU A 266 34.41 32.08 -11.02
C LEU A 266 34.38 33.61 -11.09
N ALA A 267 34.24 34.25 -9.92
CA ALA A 267 34.13 35.69 -9.87
C ALA A 267 35.44 36.34 -10.31
N GLN A 268 36.56 35.76 -9.89
CA GLN A 268 37.89 36.21 -10.31
C GLN A 268 38.23 35.93 -11.78
N GLU A 269 37.64 34.90 -12.37
CA GLU A 269 37.92 34.60 -13.75
C GLU A 269 37.08 35.41 -14.71
N SER A 270 35.78 35.54 -14.44
CA SER A 270 34.89 36.09 -15.43
C SER A 270 33.80 36.85 -14.76
N ALA A 271 34.19 37.84 -13.97
CA ALA A 271 33.21 38.79 -13.48
C ALA A 271 32.49 39.54 -14.64
N VAL A 272 31.19 39.79 -14.43
CA VAL A 272 30.34 40.52 -15.35
C VAL A 272 29.50 41.48 -14.49
N GLU A 273 28.94 42.49 -15.12
CA GLU A 273 28.17 43.47 -14.42
C GLU A 273 26.70 43.10 -14.43
N ALA A 274 26.11 43.05 -13.23
CA ALA A 274 24.80 42.46 -13.07
C ALA A 274 24.12 42.95 -11.78
N ASP A 275 22.86 42.54 -11.57
CA ASP A 275 22.06 43.03 -10.45
C ASP A 275 21.82 42.07 -9.31
N VAL A 276 21.62 40.81 -9.65
CA VAL A 276 21.41 39.74 -8.66
C VAL A 276 22.18 38.46 -9.02
N VAL A 277 22.58 37.72 -8.01
CA VAL A 277 23.16 36.39 -8.23
C VAL A 277 22.23 35.36 -7.62
N THR A 278 21.80 34.41 -8.44
CA THR A 278 21.01 33.30 -7.92
C THR A 278 21.77 31.98 -8.16
N GLY A 279 21.67 31.08 -7.17
CA GLY A 279 22.02 29.70 -7.43
C GLY A 279 20.82 28.91 -7.92
N VAL A 280 21.04 27.61 -8.15
CA VAL A 280 19.95 26.67 -8.43
C VAL A 280 19.81 25.73 -7.26
N PRO A 281 18.66 25.73 -6.60
CA PRO A 281 18.55 24.76 -5.50
C PRO A 281 18.37 23.37 -6.05
N ASP A 282 19.15 22.42 -5.52
CA ASP A 282 20.12 22.69 -4.47
C ASP A 282 21.53 22.50 -4.95
N SER A 283 21.68 22.21 -6.23
CA SER A 283 22.95 21.84 -6.78
C SER A 283 23.98 22.95 -6.62
N SER A 284 23.58 24.21 -6.76
CA SER A 284 24.58 25.26 -6.87
C SER A 284 24.37 26.44 -5.99
N ILE A 285 23.85 26.19 -4.81
CA ILE A 285 23.67 27.24 -3.83
C ILE A 285 25.02 27.77 -3.30
N SER A 286 25.89 26.87 -2.85
CA SER A 286 27.15 27.33 -2.28
C SER A 286 28.03 28.07 -3.29
N ALA A 287 28.07 27.59 -4.51
CA ALA A 287 28.81 28.31 -5.53
C ALA A 287 28.26 29.73 -5.66
N ALA A 288 26.94 29.84 -5.83
CA ALA A 288 26.27 31.14 -5.97
C ALA A 288 26.55 32.11 -4.78
N ILE A 289 26.43 31.62 -3.55
CA ILE A 289 26.79 32.43 -2.37
C ILE A 289 28.23 33.00 -2.51
N GLY A 290 29.19 32.10 -2.77
CA GLY A 290 30.57 32.51 -2.99
C GLY A 290 30.75 33.53 -4.10
N TYR A 291 30.06 33.34 -5.24
CA TYR A 291 30.18 34.24 -6.37
C TYR A 291 29.71 35.62 -6.01
N ALA A 292 28.48 35.69 -5.52
CA ALA A 292 27.88 36.94 -5.06
C ALA A 292 28.81 37.67 -4.09
N GLU A 293 29.27 36.94 -3.09
CA GLU A 293 30.17 37.48 -2.07
C GLU A 293 31.46 38.07 -2.64
N ALA A 294 32.08 37.38 -3.57
CA ALA A 294 33.21 37.93 -4.30
C ALA A 294 32.85 39.19 -5.05
N THR A 295 31.84 39.13 -5.91
CA THR A 295 31.55 40.23 -6.80
C THR A 295 30.91 41.44 -6.09
N GLY A 296 30.37 41.22 -4.90
CA GLY A 296 29.55 42.24 -4.28
C GLY A 296 28.10 42.34 -4.75
N ILE A 297 27.72 41.69 -5.85
CA ILE A 297 26.32 41.58 -6.25
C ILE A 297 25.50 40.78 -5.20
N PRO A 298 24.22 41.17 -5.00
CA PRO A 298 23.47 40.55 -3.89
C PRO A 298 23.00 39.14 -4.24
N TYR A 299 23.05 38.24 -3.25
CA TYR A 299 22.57 36.88 -3.42
C TYR A 299 21.08 36.92 -3.21
N GLU A 300 20.34 36.36 -4.17
CA GLU A 300 18.89 36.23 -4.09
C GLU A 300 18.40 34.80 -4.40
N LEU A 301 17.17 34.48 -3.99
CA LEU A 301 16.56 33.24 -4.38
C LEU A 301 15.78 33.49 -5.61
N GLY A 302 16.45 33.46 -6.73
CA GLY A 302 15.78 33.79 -7.98
C GLY A 302 15.21 32.55 -8.63
N LEU A 303 15.38 31.42 -7.96
CA LEU A 303 14.84 30.17 -8.46
C LEU A 303 14.42 29.36 -7.24
N ILE A 304 13.30 28.66 -7.38
CA ILE A 304 12.75 27.85 -6.30
C ILE A 304 12.56 26.43 -6.80
N LYS A 305 12.95 25.45 -5.98
CA LYS A 305 12.76 24.04 -6.30
C LYS A 305 11.58 23.55 -5.49
N ASN A 306 10.57 23.03 -6.16
CA ASN A 306 9.48 22.45 -5.42
C ASN A 306 9.92 21.21 -4.64
N ARG A 307 9.69 21.31 -3.32
CA ARG A 307 10.11 20.34 -2.33
C ARG A 307 9.44 18.96 -2.49
N TYR A 308 8.37 18.88 -3.28
CA TYR A 308 7.52 17.70 -3.24
C TYR A 308 7.40 17.06 -4.61
N VAL A 309 8.40 17.23 -5.45
CA VAL A 309 8.29 16.68 -6.79
C VAL A 309 8.98 15.30 -6.82
N GLY A 310 8.50 14.38 -5.98
CA GLY A 310 8.96 12.99 -5.99
C GLY A 310 8.61 12.18 -7.24
N ARG A 311 8.92 10.88 -7.23
CA ARG A 311 8.56 10.05 -8.38
C ARG A 311 7.05 9.89 -8.50
N THR A 312 6.31 10.06 -7.40
CA THR A 312 4.85 10.05 -7.41
C THR A 312 4.26 11.16 -8.29
N PHE A 313 5.03 12.24 -8.43
CA PHE A 313 4.56 13.44 -9.09
C PHE A 313 4.21 13.21 -10.57
N ILE A 314 3.01 13.63 -10.95
CA ILE A 314 2.55 13.58 -12.33
C ILE A 314 3.21 14.61 -13.21
N GLN A 315 3.94 14.14 -14.19
CA GLN A 315 4.56 15.06 -15.14
C GLN A 315 3.49 15.81 -15.90
N PRO A 316 3.59 17.14 -15.94
CA PRO A 316 2.75 17.92 -16.85
C PRO A 316 2.85 17.43 -18.26
N SER A 317 1.74 17.37 -18.97
CA SER A 317 1.74 17.06 -20.39
C SER A 317 2.69 18.06 -21.07
N GLN A 318 3.31 17.63 -22.16
CA GLN A 318 4.22 18.50 -22.88
C GLN A 318 3.50 19.74 -23.39
N ALA A 319 2.21 19.59 -23.65
CA ALA A 319 1.41 20.72 -24.07
C ALA A 319 1.26 21.74 -22.93
N LEU A 320 1.06 21.23 -21.70
CA LEU A 320 0.95 22.08 -20.52
C LEU A 320 2.25 22.85 -20.27
N ARG A 321 3.36 22.16 -20.46
CA ARG A 321 4.65 22.78 -20.23
C ARG A 321 4.88 23.91 -21.23
N GLU A 322 4.41 23.72 -22.45
CA GLU A 322 4.40 24.80 -23.44
C GLU A 322 3.55 25.97 -22.95
N GLN A 323 2.48 25.63 -22.21
CA GLN A 323 1.56 26.62 -21.65
C GLN A 323 2.28 27.41 -20.56
N GLY A 324 3.16 26.74 -19.82
CA GLY A 324 3.99 27.41 -18.86
C GLY A 324 3.93 26.74 -17.51
N VAL A 325 3.33 25.55 -17.46
CA VAL A 325 3.36 24.81 -16.22
C VAL A 325 4.80 24.34 -15.95
N ARG A 326 5.29 24.63 -14.74
CA ARG A 326 6.62 24.25 -14.31
C ARG A 326 6.53 22.91 -13.63
N MET A 327 7.66 22.22 -13.55
CA MET A 327 7.78 20.99 -12.76
C MET A 327 8.56 21.27 -11.49
N LYS A 328 9.88 21.12 -11.55
CA LYS A 328 10.63 21.08 -10.33
C LYS A 328 11.00 22.50 -9.91
N LEU A 329 11.39 23.30 -10.89
CA LEU A 329 11.93 24.62 -10.58
C LEU A 329 11.07 25.67 -11.23
N SER A 330 11.09 26.86 -10.63
CA SER A 330 10.61 28.05 -11.30
C SER A 330 11.38 29.29 -10.88
N ALA A 331 11.30 30.30 -11.73
CA ALA A 331 12.00 31.56 -11.55
C ALA A 331 11.08 32.49 -10.76
N VAL A 332 11.65 33.16 -9.76
CA VAL A 332 10.94 34.14 -8.96
C VAL A 332 11.01 35.50 -9.66
N ARG A 333 9.96 35.90 -10.36
CA ARG A 333 9.94 37.25 -10.94
C ARG A 333 9.76 38.34 -9.89
N GLY A 334 9.22 37.97 -8.74
CA GLY A 334 9.30 38.82 -7.58
C GLY A 334 10.70 39.34 -7.29
N VAL A 335 11.72 38.70 -7.87
CA VAL A 335 13.10 38.97 -7.48
C VAL A 335 13.91 39.42 -8.72
N VAL A 336 13.59 38.82 -9.86
CA VAL A 336 14.41 38.99 -11.04
C VAL A 336 13.81 39.97 -12.02
N GLU A 337 12.52 40.23 -11.86
CA GLU A 337 11.82 41.04 -12.82
C GLU A 337 12.51 42.39 -12.95
N GLY A 338 12.99 42.63 -14.17
CA GLY A 338 13.69 43.85 -14.51
C GLY A 338 15.16 43.85 -14.15
N LYS A 339 15.65 42.77 -13.53
CA LYS A 339 17.07 42.70 -13.12
C LYS A 339 17.91 42.00 -14.18
N ARG A 340 19.20 42.28 -14.21
CA ARG A 340 20.13 41.41 -14.93
C ARG A 340 20.85 40.49 -13.93
N VAL A 341 20.75 39.21 -14.27
CA VAL A 341 20.94 38.09 -13.37
C VAL A 341 22.17 37.32 -13.74
N VAL A 342 22.98 36.99 -12.74
CA VAL A 342 23.98 35.94 -12.88
C VAL A 342 23.38 34.69 -12.27
N MET A 343 23.21 33.68 -13.11
CA MET A 343 22.79 32.37 -12.67
C MET A 343 24.00 31.43 -12.62
N VAL A 344 24.35 31.05 -11.39
CA VAL A 344 25.46 30.15 -11.09
C VAL A 344 24.95 28.67 -10.95
N ASP A 345 25.55 27.76 -11.71
CA ASP A 345 25.22 26.32 -11.58
C ASP A 345 26.51 25.54 -11.41
N ASP A 346 26.41 24.41 -10.72
CA ASP A 346 27.58 23.57 -10.48
C ASP A 346 28.21 23.03 -11.73
N SER A 347 27.38 22.62 -12.68
CA SER A 347 27.88 21.95 -13.85
C SER A 347 26.86 21.95 -14.98
N ILE A 348 27.31 21.53 -16.14
CA ILE A 348 26.41 21.32 -17.26
C ILE A 348 26.76 19.94 -17.81
N VAL A 349 25.72 19.18 -18.15
CA VAL A 349 25.93 17.85 -18.67
C VAL A 349 25.29 17.75 -20.05
N ARG A 350 23.98 17.51 -20.08
CA ARG A 350 23.18 17.59 -21.31
C ARG A 350 22.97 19.01 -21.78
N GLY A 351 22.87 19.92 -20.82
CA GLY A 351 22.60 21.31 -21.11
C GLY A 351 21.14 21.68 -20.99
N THR A 352 20.30 20.69 -20.71
CA THR A 352 18.88 20.86 -20.85
C THR A 352 18.32 21.71 -19.71
N THR A 353 18.85 21.49 -18.52
CA THR A 353 18.49 22.29 -17.38
C THR A 353 18.82 23.77 -17.48
N SER A 354 20.00 24.09 -17.97
CA SER A 354 20.46 25.48 -18.02
C SER A 354 19.64 26.25 -19.04
N ARG A 355 19.24 25.59 -20.11
CA ARG A 355 18.44 26.22 -21.15
C ARG A 355 17.09 26.59 -20.56
N ARG A 356 16.48 25.62 -19.89
CA ARG A 356 15.22 25.81 -19.21
C ARG A 356 15.33 26.92 -18.21
N ILE A 357 16.37 26.90 -17.37
CA ILE A 357 16.49 27.91 -16.33
C ILE A 357 16.64 29.28 -16.94
N VAL A 358 17.35 29.36 -18.05
CA VAL A 358 17.52 30.65 -18.72
C VAL A 358 16.17 31.14 -19.28
N THR A 359 15.42 30.23 -19.87
CA THR A 359 14.11 30.58 -20.35
C THR A 359 13.12 31.03 -19.27
N MET A 360 13.00 30.28 -18.18
CA MET A 360 12.10 30.67 -17.11
C MET A 360 12.47 32.05 -16.54
N LEU A 361 13.77 32.30 -16.41
CA LEU A 361 14.27 33.55 -15.86
C LEU A 361 13.89 34.73 -16.74
N ARG A 362 13.93 34.50 -18.04
CA ARG A 362 13.51 35.53 -18.97
C ARG A 362 12.01 35.75 -18.98
N GLU A 363 11.27 34.66 -18.77
CA GLU A 363 9.85 34.71 -18.60
C GLU A 363 9.42 35.31 -17.28
N ALA A 364 10.31 35.36 -16.30
CA ALA A 364 10.06 36.13 -15.06
C ALA A 364 10.52 37.57 -15.19
N GLY A 365 10.92 37.94 -16.40
CA GLY A 365 11.32 39.31 -16.68
C GLY A 365 12.72 39.72 -16.30
N ALA A 366 13.67 38.78 -16.20
CA ALA A 366 15.09 39.16 -16.13
C ALA A 366 15.54 39.75 -17.48
N THR A 367 16.32 40.83 -17.41
CA THR A 367 16.77 41.53 -18.61
C THR A 367 18.04 40.89 -19.21
N GLU A 368 18.89 40.39 -18.33
CA GLU A 368 20.05 39.62 -18.77
C GLU A 368 20.17 38.34 -17.96
N VAL A 369 20.59 37.26 -18.61
CA VAL A 369 21.01 36.06 -17.88
C VAL A 369 22.44 35.65 -18.24
N HIS A 370 23.30 35.69 -17.22
CA HIS A 370 24.71 35.34 -17.32
C HIS A 370 24.95 34.06 -16.59
N VAL A 371 25.09 32.97 -17.35
CA VAL A 371 25.29 31.65 -16.77
C VAL A 371 26.77 31.39 -16.50
N LYS A 372 27.06 31.07 -15.26
CA LYS A 372 28.41 30.88 -14.82
C LYS A 372 28.49 29.53 -14.08
N ILE A 373 29.27 28.59 -14.63
CA ILE A 373 29.37 27.20 -14.17
C ILE A 373 30.64 26.98 -13.36
N SER A 374 30.49 26.41 -12.18
CA SER A 374 31.63 26.17 -11.31
C SER A 374 32.37 24.83 -11.61
N SER A 375 32.52 24.51 -12.88
CA SER A 375 33.21 23.31 -13.30
C SER A 375 33.64 23.59 -14.73
N PRO A 376 34.72 22.92 -15.17
CA PRO A 376 35.13 22.95 -16.57
C PRO A 376 34.09 22.19 -17.36
N PRO A 377 34.04 22.37 -18.68
CA PRO A 377 32.98 21.69 -19.42
C PRO A 377 33.14 20.22 -19.22
N ILE A 378 32.02 19.51 -19.31
CA ILE A 378 32.06 18.07 -19.17
C ILE A 378 31.94 17.38 -20.53
N ALA A 379 33.09 16.93 -21.06
CA ALA A 379 33.24 16.46 -22.45
C ALA A 379 33.61 14.97 -22.61
N HIS A 380 33.89 14.29 -21.50
CA HIS A 380 34.27 12.88 -21.53
C HIS A 380 33.40 12.07 -20.56
N PRO A 381 33.14 10.78 -20.88
CA PRO A 381 32.42 9.81 -20.04
C PRO A 381 33.05 9.58 -18.68
N CYS A 382 32.23 9.25 -17.70
CA CYS A 382 32.78 8.73 -16.47
C CYS A 382 32.64 7.22 -16.53
N PHE A 383 33.55 6.53 -15.86
CA PHE A 383 33.54 5.09 -15.85
C PHE A 383 33.61 4.60 -14.43
N TYR A 384 33.39 5.49 -13.46
CA TYR A 384 33.71 5.13 -12.07
C TYR A 384 32.53 5.23 -11.14
N GLY A 385 31.34 5.08 -11.72
CA GLY A 385 30.14 4.96 -10.94
C GLY A 385 28.93 5.15 -11.82
N ILE A 386 27.83 4.46 -11.52
CA ILE A 386 26.56 4.71 -12.21
C ILE A 386 26.00 6.09 -11.89
N ASP A 387 26.19 6.50 -10.62
CA ASP A 387 25.80 7.83 -10.16
C ASP A 387 26.41 8.97 -10.97
N THR A 388 27.73 8.87 -11.14
CA THR A 388 28.52 9.84 -11.84
C THR A 388 28.52 9.72 -13.38
N SER A 389 28.31 8.52 -13.92
CA SER A 389 28.16 8.32 -15.36
C SER A 389 26.74 8.67 -15.86
N THR A 390 26.58 8.70 -17.18
CA THR A 390 25.29 8.97 -17.82
C THR A 390 25.25 8.41 -19.25
N HIS A 391 24.04 8.02 -19.66
CA HIS A 391 23.71 7.57 -21.02
C HIS A 391 23.31 8.74 -21.93
N GLU A 392 23.09 9.88 -21.31
CA GLU A 392 22.70 11.08 -22.04
C GLU A 392 23.93 11.59 -22.75
N GLU A 393 23.73 12.20 -23.91
CA GLU A 393 24.83 12.79 -24.66
C GLU A 393 25.33 14.07 -24.01
N LEU A 394 26.64 14.29 -24.10
CA LEU A 394 27.29 15.45 -23.48
C LEU A 394 27.40 16.58 -24.47
N ILE A 395 26.88 17.72 -24.06
CA ILE A 395 26.77 18.86 -24.95
C ILE A 395 28.18 19.40 -25.17
N ALA A 396 28.97 19.35 -24.09
CA ALA A 396 30.30 19.94 -24.05
C ALA A 396 31.24 19.13 -24.92
N SER A 397 30.79 17.94 -25.26
CA SER A 397 31.58 17.03 -26.05
C SER A 397 31.54 17.37 -27.54
N SER A 398 30.57 18.16 -27.97
CA SER A 398 30.43 18.48 -29.39
C SER A 398 30.23 19.98 -29.63
N HIS A 399 30.02 20.72 -28.56
CA HIS A 399 29.71 22.16 -28.66
C HIS A 399 30.81 22.94 -27.98
N SER A 400 31.29 24.01 -28.60
CA SER A 400 32.21 24.92 -27.96
C SER A 400 31.44 25.68 -26.90
N VAL A 401 32.15 26.31 -25.99
CA VAL A 401 31.47 27.11 -24.98
C VAL A 401 30.48 28.07 -25.62
N GLU A 402 30.82 28.53 -26.80
CA GLU A 402 30.03 29.54 -27.45
C GLU A 402 28.74 28.93 -27.87
N GLU A 403 28.85 27.71 -28.39
CA GLU A 403 27.69 27.06 -28.99
C GLU A 403 26.72 26.79 -27.88
N ILE A 404 27.24 26.19 -26.82
CA ILE A 404 26.51 25.91 -25.62
C ILE A 404 25.80 27.17 -25.09
N ARG A 405 26.53 28.27 -24.96
CA ARG A 405 25.89 29.53 -24.69
C ARG A 405 24.65 29.75 -25.59
N GLN A 406 24.84 29.70 -26.90
CA GLN A 406 23.74 29.87 -27.84
C GLN A 406 22.62 28.86 -27.60
N GLU A 407 22.97 27.66 -27.23
CA GLU A 407 21.97 26.64 -27.02
C GLU A 407 21.12 26.85 -25.77
N ILE A 408 21.73 27.23 -24.65
CA ILE A 408 20.95 27.53 -23.44
C ILE A 408 20.28 28.90 -23.55
N GLY A 409 20.81 29.73 -24.45
CA GLY A 409 20.25 31.06 -24.66
C GLY A 409 20.73 32.11 -23.67
N ALA A 410 21.87 31.86 -23.00
CA ALA A 410 22.39 32.78 -22.02
C ALA A 410 22.93 34.03 -22.75
N ASP A 411 23.06 35.12 -22.02
CA ASP A 411 23.75 36.28 -22.54
C ASP A 411 25.22 36.00 -22.60
N THR A 412 25.74 35.45 -21.51
CA THR A 412 27.10 34.97 -21.44
C THR A 412 27.13 33.62 -20.76
N LEU A 413 28.15 32.83 -21.09
CA LEU A 413 28.38 31.56 -20.42
C LEU A 413 29.86 31.48 -20.02
N SER A 414 30.13 30.99 -18.81
CA SER A 414 31.48 30.92 -18.30
C SER A 414 31.66 29.65 -17.50
N PHE A 415 32.65 28.85 -17.87
CA PHE A 415 33.02 27.68 -17.09
C PHE A 415 34.25 28.01 -16.28
N LEU A 416 34.38 27.36 -15.15
CA LEU A 416 35.59 27.44 -14.38
C LEU A 416 36.69 26.76 -15.19
N SER A 417 37.88 27.33 -15.15
CA SER A 417 39.02 26.68 -15.78
C SER A 417 39.39 25.52 -14.89
N VAL A 418 40.31 24.72 -15.38
CA VAL A 418 40.77 23.61 -14.58
C VAL A 418 41.64 24.07 -13.41
N GLU A 419 42.47 25.07 -13.65
CA GLU A 419 43.32 25.62 -12.61
C GLU A 419 42.44 26.24 -11.56
N GLY A 420 41.36 26.90 -12.02
CA GLY A 420 40.43 27.57 -11.15
C GLY A 420 39.78 26.53 -10.25
N LEU A 421 39.40 25.41 -10.87
CA LEU A 421 38.76 24.32 -10.15
C LEU A 421 39.71 23.76 -9.10
N LEU A 422 40.95 23.56 -9.52
CA LEU A 422 41.92 22.92 -8.66
C LEU A 422 42.31 23.86 -7.53
N LYS A 423 42.42 25.12 -7.90
CA LYS A 423 42.77 26.21 -7.01
C LYS A 423 41.62 26.45 -6.04
N GLY A 424 40.38 26.38 -6.53
CA GLY A 424 39.23 26.61 -5.68
C GLY A 424 39.08 25.58 -4.60
N ILE A 425 39.16 24.31 -4.99
CA ILE A 425 39.02 23.23 -4.04
C ILE A 425 40.15 23.26 -3.04
N GLY A 426 41.34 23.51 -3.53
CA GLY A 426 42.45 23.76 -2.64
C GLY A 426 43.20 22.53 -2.15
N ARG A 427 43.13 21.43 -2.91
CA ARG A 427 43.82 20.26 -2.43
C ARG A 427 45.36 20.48 -2.57
N LYS A 428 46.14 19.99 -1.60
CA LYS A 428 47.59 20.26 -1.51
C LYS A 428 48.54 19.14 -1.98
N TYR A 429 48.03 18.09 -2.61
CA TYR A 429 48.91 17.04 -3.11
C TYR A 429 49.87 17.62 -4.17
N ASP A 430 51.07 17.04 -4.26
CA ASP A 430 52.01 17.52 -5.27
C ASP A 430 51.91 16.66 -6.50
N ASP A 431 51.08 17.12 -7.42
CA ASP A 431 51.16 16.75 -8.82
C ASP A 431 50.25 17.71 -9.56
N SER A 432 50.38 17.73 -10.88
CA SER A 432 49.73 18.70 -11.77
C SER A 432 48.19 18.81 -11.67
N ASN A 433 47.56 17.92 -10.88
CA ASN A 433 46.11 17.92 -10.68
C ASN A 433 45.64 17.53 -9.29
N CYS A 434 46.51 17.71 -8.32
CA CYS A 434 46.13 17.77 -6.92
C CYS A 434 45.45 16.54 -6.38
N GLY A 435 45.71 15.40 -7.01
CA GLY A 435 45.11 14.18 -6.52
C GLY A 435 43.65 14.08 -6.83
N GLN A 436 43.23 14.68 -7.94
CA GLN A 436 41.85 14.61 -8.34
C GLN A 436 41.80 13.99 -9.69
N CYS A 437 40.71 13.29 -9.96
CA CYS A 437 40.41 12.80 -11.28
C CYS A 437 39.70 13.93 -12.01
N LEU A 438 40.04 14.15 -13.26
CA LEU A 438 39.46 15.24 -14.04
C LEU A 438 39.08 14.68 -15.37
N ALA A 439 38.84 13.39 -15.40
CA ALA A 439 38.71 12.65 -16.63
C ALA A 439 37.58 13.18 -17.53
N CYS A 440 36.43 13.45 -16.93
CA CYS A 440 35.25 13.87 -17.67
C CYS A 440 35.42 15.30 -18.23
N PHE A 441 36.42 16.03 -17.72
CA PHE A 441 36.77 17.33 -18.29
C PHE A 441 37.88 17.19 -19.30
N THR A 442 38.93 16.49 -18.91
CA THR A 442 40.21 16.47 -19.65
C THR A 442 40.36 15.30 -20.65
N GLY A 443 39.77 14.15 -20.34
CA GLY A 443 39.86 12.99 -21.22
C GLY A 443 41.01 12.08 -20.80
N LYS A 444 41.74 12.54 -19.80
CA LYS A 444 42.87 11.81 -19.29
C LYS A 444 42.39 11.00 -18.08
N TYR A 445 42.08 9.74 -18.30
CA TYR A 445 41.61 8.86 -17.22
C TYR A 445 42.72 8.33 -16.36
N PRO A 446 42.50 8.26 -15.03
CA PRO A 446 43.47 7.83 -14.02
C PRO A 446 43.63 6.31 -13.86
N THR A 447 42.88 5.55 -14.64
CA THR A 447 43.06 4.11 -14.77
C THR A 447 42.86 3.77 -16.25
N GLU A 448 43.29 2.58 -16.65
CA GLU A 448 43.15 2.21 -18.06
C GLU A 448 41.75 1.72 -18.30
N ILE A 449 41.24 2.13 -19.45
CA ILE A 449 39.91 1.77 -19.86
C ILE A 449 40.08 0.75 -21.01
N TYR A 450 39.66 -0.47 -20.72
CA TYR A 450 39.78 -1.59 -21.64
C TYR A 450 38.77 -1.51 -22.76
N GLN A 451 38.89 -2.37 -23.75
CA GLN A 451 37.98 -2.28 -24.87
C GLN A 451 36.65 -2.98 -24.62
N ASP A 452 36.66 -3.97 -23.72
CA ASP A 452 35.44 -4.64 -23.29
C ASP A 452 34.65 -3.85 -22.24
N THR A 453 35.29 -2.85 -21.64
CA THR A 453 34.69 -1.99 -20.62
C THR A 453 33.38 -1.38 -21.11
N VAL A 454 32.29 -1.67 -20.39
CA VAL A 454 31.00 -1.01 -20.61
C VAL A 454 30.85 0.21 -19.72
N LEU A 455 30.07 1.19 -20.20
CA LEU A 455 29.63 2.33 -19.36
C LEU A 455 28.80 1.83 -18.18
N PRO A 456 29.00 2.42 -16.99
CA PRO A 456 28.35 1.90 -15.77
C PRO A 456 26.83 1.60 -15.88
N HIS A 457 26.11 2.40 -16.66
CA HIS A 457 24.70 2.18 -16.90
C HIS A 457 24.42 0.91 -17.74
N VAL A 458 25.36 0.56 -18.62
CA VAL A 458 25.20 -0.52 -19.61
C VAL A 458 25.01 -1.89 -18.94
N LYS A 459 25.24 -1.94 -17.62
CA LYS A 459 25.00 -3.14 -16.83
C LYS A 459 23.56 -3.14 -16.26
N CYS B 1 -3.49 26.40 5.16
CA CYS B 1 -4.28 25.78 4.04
C CYS B 1 -4.12 26.67 2.89
N GLY B 2 -4.44 26.17 1.72
CA GLY B 2 -4.19 26.94 0.52
C GLY B 2 -5.28 26.58 -0.43
N VAL B 3 -5.67 27.52 -1.26
CA VAL B 3 -6.80 27.29 -2.13
C VAL B 3 -6.43 27.80 -3.51
N PHE B 4 -6.95 27.15 -4.52
CA PHE B 4 -6.63 27.49 -5.88
C PHE B 4 -7.91 27.23 -6.66
N GLY B 5 -8.30 28.22 -7.46
CA GLY B 5 -9.39 28.01 -8.36
C GLY B 5 -9.07 28.63 -9.70
N ILE B 6 -9.65 28.06 -10.73
CA ILE B 6 -9.48 28.63 -12.05
C ILE B 6 -10.78 28.35 -12.79
N TRP B 7 -11.21 29.34 -13.56
CA TRP B 7 -12.40 29.24 -14.37
C TRP B 7 -12.09 29.51 -15.85
N GLY B 8 -12.43 28.56 -16.72
CA GLY B 8 -12.34 28.79 -18.15
C GLY B 8 -11.10 28.17 -18.76
N HIS B 9 -10.93 26.85 -18.61
CA HIS B 9 -9.72 26.17 -19.05
C HIS B 9 -10.00 24.68 -19.21
N GLU B 10 -9.79 24.15 -20.41
CA GLU B 10 -10.05 22.74 -20.68
C GLU B 10 -9.52 21.82 -19.60
N GLU B 11 -8.32 22.16 -19.11
CA GLU B 11 -7.57 21.30 -18.19
C GLU B 11 -7.57 21.92 -16.82
N ALA B 12 -8.68 22.51 -16.43
CA ALA B 12 -8.79 23.20 -15.17
C ALA B 12 -8.34 22.30 -14.02
N PRO B 13 -8.68 21.00 -14.09
CA PRO B 13 -8.28 20.17 -12.94
C PRO B 13 -6.79 19.85 -12.89
N GLN B 14 -6.14 19.81 -14.05
CA GLN B 14 -4.70 19.59 -14.09
C GLN B 14 -4.01 20.84 -13.56
N ILE B 15 -4.42 22.00 -14.09
CA ILE B 15 -3.89 23.25 -13.63
C ILE B 15 -4.01 23.37 -12.13
N THR B 16 -5.14 22.90 -11.60
CA THR B 16 -5.37 22.97 -10.17
C THR B 16 -4.39 22.08 -9.41
N TYR B 17 -4.13 20.90 -9.98
CA TYR B 17 -3.13 19.98 -9.42
C TYR B 17 -1.83 20.75 -9.26
N TYR B 18 -1.45 21.45 -10.31
CA TYR B 18 -0.16 22.07 -10.34
C TYR B 18 -0.16 23.29 -9.44
N GLY B 19 -1.24 24.07 -9.51
CA GLY B 19 -1.37 25.23 -8.67
C GLY B 19 -1.33 24.77 -7.22
N LEU B 20 -2.02 23.67 -6.93
CA LEU B 20 -2.18 23.25 -5.53
C LEU B 20 -0.85 22.71 -5.03
N HIS B 21 -0.15 22.09 -5.96
CA HIS B 21 1.18 21.60 -5.72
C HIS B 21 2.12 22.70 -5.25
N SER B 22 2.16 23.79 -5.99
CA SER B 22 2.92 24.97 -5.57
C SER B 22 2.47 25.55 -4.22
N LEU B 23 1.27 25.20 -3.76
CA LEU B 23 0.85 25.56 -2.42
C LEU B 23 0.92 24.42 -1.42
N GLN B 24 1.49 23.31 -1.82
CA GLN B 24 1.60 22.16 -0.97
C GLN B 24 2.22 22.44 0.41
N HIS B 25 3.09 23.43 0.50
CA HIS B 25 3.72 23.77 1.78
C HIS B 25 2.74 24.26 2.84
N ARG B 26 1.60 24.76 2.37
CA ARG B 26 0.53 25.29 3.22
C ARG B 26 -0.04 24.27 4.19
N GLY B 27 -0.01 23.01 3.77
CA GLY B 27 -0.28 21.91 4.68
C GLY B 27 -0.28 20.63 3.88
N GLN B 28 -0.06 19.50 4.53
CA GLN B 28 0.03 18.25 3.79
C GLN B 28 -0.88 17.16 4.34
N GLU B 29 -1.93 17.59 5.04
CA GLU B 29 -2.78 16.66 5.76
C GLU B 29 -4.01 16.26 4.97
N GLY B 30 -4.19 16.86 3.81
CA GLY B 30 -5.17 16.37 2.87
C GLY B 30 -5.10 17.22 1.62
N ALA B 31 -5.95 16.94 0.64
CA ALA B 31 -5.98 17.71 -0.60
C ALA B 31 -7.15 17.27 -1.44
N GLY B 32 -7.69 18.16 -2.26
CA GLY B 32 -8.81 17.79 -3.10
C GLY B 32 -9.06 18.76 -4.21
N ILE B 33 -9.61 18.27 -5.30
CA ILE B 33 -10.02 19.13 -6.41
C ILE B 33 -11.46 18.79 -6.75
N VAL B 34 -12.25 19.81 -7.03
CA VAL B 34 -13.59 19.60 -7.57
C VAL B 34 -13.63 20.38 -8.88
N ALA B 35 -14.19 19.78 -9.92
CA ALA B 35 -14.17 20.39 -11.24
C ALA B 35 -15.55 20.28 -11.85
N THR B 36 -15.86 21.21 -12.76
CA THR B 36 -17.17 21.23 -13.42
C THR B 36 -17.02 21.41 -14.93
N ASP B 37 -17.83 20.66 -15.68
CA ASP B 37 -17.87 20.80 -17.13
C ASP B 37 -18.98 21.73 -17.58
N GLY B 38 -19.86 22.08 -16.64
CA GLY B 38 -21.04 22.87 -16.97
C GLY B 38 -22.31 22.13 -16.57
N GLU B 39 -22.21 20.81 -16.44
CA GLU B 39 -23.36 19.97 -16.13
C GLU B 39 -23.14 19.33 -14.78
N LYS B 40 -22.08 18.54 -14.70
CA LYS B 40 -21.83 17.70 -13.54
C LYS B 40 -20.59 18.28 -12.83
N LEU B 41 -20.49 18.04 -11.53
CA LEU B 41 -19.25 18.32 -10.82
C LEU B 41 -18.57 17.00 -10.51
N THR B 42 -17.32 16.88 -10.94
CA THR B 42 -16.46 15.75 -10.62
C THR B 42 -15.54 16.14 -9.48
N ALA B 43 -15.04 15.16 -8.74
CA ALA B 43 -14.23 15.48 -7.56
C ALA B 43 -13.38 14.31 -7.09
N HIS B 44 -12.08 14.49 -7.00
CA HIS B 44 -11.35 13.58 -6.16
C HIS B 44 -10.58 14.32 -5.07
N LYS B 45 -10.51 13.72 -3.88
CA LYS B 45 -9.83 14.32 -2.76
C LYS B 45 -9.45 13.20 -1.81
N GLY B 46 -8.38 13.39 -1.04
CA GLY B 46 -8.01 12.44 -0.01
C GLY B 46 -7.05 13.01 1.02
N GLN B 47 -6.65 12.20 1.99
CA GLN B 47 -5.65 12.60 2.95
C GLN B 47 -4.24 12.51 2.36
N GLY B 48 -3.27 13.07 3.09
CA GLY B 48 -1.90 13.13 2.58
C GLY B 48 -1.59 14.19 1.52
N LEU B 49 -0.46 14.05 0.86
CA LEU B 49 0.00 15.02 -0.15
C LEU B 49 -0.81 14.90 -1.40
N ILE B 50 -0.68 15.89 -2.25
CA ILE B 50 -1.43 15.91 -3.50
C ILE B 50 -1.08 14.70 -4.36
N THR B 51 0.17 14.24 -4.23
CA THR B 51 0.67 13.13 -5.03
C THR B 51 0.26 11.83 -4.41
N GLU B 52 0.28 11.75 -3.08
CA GLU B 52 -0.32 10.61 -2.40
C GLU B 52 -1.82 10.50 -2.74
N VAL B 53 -2.43 11.60 -3.15
CA VAL B 53 -3.88 11.63 -3.39
C VAL B 53 -4.15 11.32 -4.85
N PHE B 54 -3.26 11.77 -5.73
CA PHE B 54 -3.41 11.48 -7.16
C PHE B 54 -2.31 10.59 -7.72
N GLN B 55 -2.75 9.63 -8.54
CA GLN B 55 -2.05 8.39 -8.83
C GLN B 55 -2.10 7.50 -7.60
N ASN B 56 -3.17 7.70 -6.84
CA ASN B 56 -3.63 6.83 -5.74
C ASN B 56 -5.14 7.10 -5.71
N GLY B 57 -5.71 7.15 -6.92
CA GLY B 57 -6.97 7.80 -7.17
C GLY B 57 -6.67 8.72 -8.36
N GLU B 58 -7.34 8.49 -9.48
CA GLU B 58 -6.90 9.08 -10.73
C GLU B 58 -7.32 10.55 -10.96
N LEU B 59 -6.37 11.33 -11.46
CA LEU B 59 -6.64 12.72 -11.85
C LEU B 59 -7.47 12.75 -13.14
N SER B 60 -7.36 11.68 -13.92
CA SER B 60 -8.09 11.56 -15.17
C SER B 60 -9.62 11.57 -14.98
N LYS B 61 -10.07 10.93 -13.91
CA LYS B 61 -11.50 10.89 -13.50
C LYS B 61 -12.11 12.28 -13.31
N VAL B 62 -11.37 13.19 -12.68
CA VAL B 62 -11.84 14.56 -12.46
C VAL B 62 -11.55 15.41 -13.70
N LYS B 63 -12.63 15.89 -14.32
CA LYS B 63 -12.51 16.59 -15.58
C LYS B 63 -13.41 17.81 -15.49
N GLY B 64 -13.08 18.87 -16.24
CA GLY B 64 -13.90 20.07 -16.25
C GLY B 64 -13.28 21.30 -16.93
N LYS B 65 -13.90 22.46 -16.72
CA LYS B 65 -13.45 23.74 -17.29
C LYS B 65 -13.32 24.78 -16.15
N GLY B 66 -13.79 24.39 -14.97
CA GLY B 66 -13.51 25.16 -13.81
C GLY B 66 -13.20 24.18 -12.74
N ALA B 67 -12.34 24.58 -11.82
CA ALA B 67 -12.14 23.77 -10.63
C ALA B 67 -11.66 24.65 -9.49
N ILE B 68 -11.87 24.12 -8.30
CA ILE B 68 -11.37 24.72 -7.12
C ILE B 68 -10.73 23.57 -6.37
N GLY B 69 -9.65 23.89 -5.68
CA GLY B 69 -8.94 22.87 -4.95
C GLY B 69 -8.48 23.45 -3.67
N HIS B 70 -8.17 22.57 -2.75
CA HIS B 70 -7.79 22.97 -1.42
C HIS B 70 -6.67 22.06 -0.95
N VAL B 71 -5.73 22.65 -0.24
CA VAL B 71 -4.67 21.88 0.40
C VAL B 71 -4.76 22.13 1.91
N ARG B 72 -4.95 21.06 2.67
CA ARG B 72 -5.32 21.20 4.06
C ARG B 72 -4.14 21.01 5.01
N TYR B 73 -3.99 21.93 5.94
CA TYR B 73 -3.02 21.80 7.04
C TYR B 73 -3.80 21.10 8.16
N ALA B 74 -3.20 20.22 8.94
CA ALA B 74 -3.92 19.70 10.11
C ALA B 74 -3.08 19.24 11.27
N THR B 75 -3.61 19.48 12.45
CA THR B 75 -2.91 19.19 13.71
C THR B 75 -3.32 17.78 14.09
N GLY B 80 -9.58 13.12 9.51
CA GLY B 80 -10.76 12.52 8.95
C GLY B 80 -10.76 12.87 7.49
N TYR B 81 -11.36 12.00 6.67
CA TYR B 81 -11.55 12.30 5.25
C TYR B 81 -12.71 13.29 5.10
N GLU B 82 -13.63 13.22 6.05
CA GLU B 82 -14.81 14.11 6.04
C GLU B 82 -14.41 15.57 6.03
N ASN B 83 -13.18 15.85 6.48
CA ASN B 83 -12.67 17.21 6.67
C ASN B 83 -11.80 17.70 5.54
N VAL B 84 -11.50 16.80 4.64
CA VAL B 84 -10.64 17.18 3.53
C VAL B 84 -11.48 17.97 2.56
N GLN B 85 -11.01 19.15 2.19
CA GLN B 85 -11.76 19.97 1.26
C GLN B 85 -11.17 19.93 -0.16
N PRO B 86 -11.90 20.49 -1.15
CA PRO B 86 -13.22 21.14 -1.06
C PRO B 86 -14.33 20.22 -0.47
N LEU B 87 -15.35 20.83 0.15
CA LEU B 87 -16.58 20.14 0.50
C LEU B 87 -17.51 20.25 -0.68
N LEU B 88 -18.12 19.14 -1.06
CA LEU B 88 -19.03 19.13 -2.20
C LEU B 88 -20.36 18.68 -1.72
N PHE B 89 -21.40 19.37 -2.21
CA PHE B 89 -22.78 19.10 -1.83
C PHE B 89 -23.64 19.04 -3.04
N ARG B 90 -24.48 18.00 -3.05
CA ARG B 90 -25.42 17.84 -4.15
C ARG B 90 -26.87 17.92 -3.68
N SER B 91 -27.76 18.15 -4.64
CA SER B 91 -29.17 18.29 -4.34
C SER B 91 -30.01 17.79 -5.51
N GLN B 92 -31.24 17.40 -5.17
CA GLN B 92 -32.22 16.87 -6.14
C GLN B 92 -32.55 17.86 -7.25
N ASN B 93 -32.78 19.11 -6.86
CA ASN B 93 -33.45 20.08 -7.72
C ASN B 93 -32.60 21.32 -7.98
N ASN B 94 -31.62 21.52 -7.10
CA ASN B 94 -30.91 22.78 -7.00
C ASN B 94 -29.43 22.63 -7.37
N GLY B 95 -29.05 21.49 -7.93
CA GLY B 95 -27.67 21.32 -8.34
C GLY B 95 -26.68 21.35 -7.19
N SER B 96 -25.43 21.68 -7.51
CA SER B 96 -24.34 21.42 -6.59
C SER B 96 -23.56 22.60 -6.14
N LEU B 97 -22.91 22.40 -4.98
CA LEU B 97 -22.10 23.43 -4.38
C LEU B 97 -20.87 22.83 -3.74
N ALA B 98 -19.70 23.31 -4.18
CA ALA B 98 -18.42 23.02 -3.55
C ALA B 98 -17.83 24.29 -2.95
N LEU B 99 -17.22 24.10 -1.79
CA LEU B 99 -16.72 25.20 -1.02
C LEU B 99 -15.35 24.83 -0.45
N ALA B 100 -14.44 25.79 -0.43
CA ALA B 100 -13.17 25.64 0.21
C ALA B 100 -12.78 26.93 0.98
N HIS B 101 -12.21 26.76 2.15
CA HIS B 101 -11.95 27.85 3.07
C HIS B 101 -10.47 27.86 3.45
N ASN B 102 -9.89 29.06 3.62
CA ASN B 102 -8.59 29.18 4.26
C ASN B 102 -8.73 30.30 5.28
N GLY B 103 -8.54 29.96 6.55
CA GLY B 103 -8.72 30.95 7.59
C GLY B 103 -9.41 30.30 8.76
N ASN B 104 -10.13 31.06 9.57
CA ASN B 104 -10.83 30.47 10.70
C ASN B 104 -11.92 31.41 11.15
N LEU B 105 -13.10 30.85 11.42
CA LEU B 105 -14.28 31.62 11.81
C LEU B 105 -14.37 31.64 13.32
N VAL B 106 -14.12 32.83 13.84
CA VAL B 106 -13.99 33.06 15.27
C VAL B 106 -15.32 33.02 16.03
N ASN B 107 -16.43 32.89 15.28
CA ASN B 107 -17.77 32.70 15.84
C ASN B 107 -18.44 31.37 15.43
N ALA B 108 -17.70 30.48 14.78
CA ALA B 108 -18.22 29.23 14.31
C ALA B 108 -19.01 28.42 15.37
N THR B 109 -18.52 28.36 16.61
CA THR B 109 -19.23 27.68 17.70
C THR B 109 -20.65 28.22 17.84
N GLN B 110 -20.75 29.54 18.03
CA GLN B 110 -22.03 30.25 18.04
C GLN B 110 -22.87 29.71 16.90
N LEU B 111 -22.42 29.93 15.66
CA LEU B 111 -23.28 29.66 14.52
C LEU B 111 -23.73 28.20 14.42
N LYS B 112 -22.85 27.28 14.81
CA LYS B 112 -23.17 25.86 14.73
C LYS B 112 -24.36 25.54 15.61
N GLN B 113 -24.32 25.99 16.86
CA GLN B 113 -25.48 25.81 17.74
C GLN B 113 -26.76 26.40 17.20
N GLN B 114 -26.68 27.64 16.74
CA GLN B 114 -27.87 28.24 16.13
C GLN B 114 -28.38 27.41 14.99
N LEU B 115 -27.49 26.99 14.11
CA LEU B 115 -27.89 26.20 12.95
C LEU B 115 -28.35 24.81 13.35
N GLU B 116 -27.84 24.32 14.48
CA GLU B 116 -28.18 23.01 15.00
C GLU B 116 -29.54 23.08 15.66
N ASN B 117 -29.81 24.20 16.33
CA ASN B 117 -31.12 24.44 16.91
C ASN B 117 -32.18 24.65 15.85
N GLN B 118 -31.77 25.15 14.69
CA GLN B 118 -32.68 25.23 13.55
C GLN B 118 -32.79 23.91 12.80
N GLY B 119 -32.05 22.90 13.23
CA GLY B 119 -32.22 21.57 12.64
C GLY B 119 -31.18 21.14 11.63
N SER B 120 -30.05 21.81 11.62
CA SER B 120 -28.94 21.41 10.78
C SER B 120 -28.15 20.26 11.44
N ILE B 121 -27.79 19.29 10.60
CA ILE B 121 -26.86 18.24 10.98
C ILE B 121 -25.46 18.58 10.49
N PHE B 122 -24.46 18.46 11.37
CA PHE B 122 -23.08 18.66 10.94
C PHE B 122 -22.23 17.37 10.84
N GLN B 123 -21.65 17.18 9.67
CA GLN B 123 -20.98 15.94 9.32
C GLN B 123 -19.45 16.06 9.26
N THR B 124 -18.96 17.29 9.08
CA THR B 124 -17.54 17.57 9.11
C THR B 124 -17.27 18.42 10.34
N SER B 125 -16.00 18.73 10.57
CA SER B 125 -15.61 19.61 11.66
C SER B 125 -15.25 21.02 11.12
N SER B 126 -15.43 21.24 9.82
CA SER B 126 -14.97 22.44 9.16
C SER B 126 -15.90 23.65 9.27
N ASP B 127 -15.26 24.82 9.31
CA ASP B 127 -15.94 26.08 9.12
C ASP B 127 -16.60 26.08 7.74
N THR B 128 -15.98 25.50 6.73
CA THR B 128 -16.55 25.54 5.37
C THR B 128 -18.03 25.08 5.34
N GLU B 129 -18.34 24.14 6.24
CA GLU B 129 -19.65 23.50 6.26
C GLU B 129 -20.69 24.47 6.83
N VAL B 130 -20.26 25.23 7.84
CA VAL B 130 -21.08 26.28 8.39
C VAL B 130 -21.54 27.24 7.32
N LEU B 131 -20.63 27.68 6.48
CA LEU B 131 -21.01 28.55 5.34
C LEU B 131 -22.04 27.85 4.45
N ALA B 132 -21.85 26.55 4.24
CA ALA B 132 -22.77 25.77 3.43
C ALA B 132 -24.19 25.79 4.01
N HIS B 133 -24.26 25.64 5.32
CA HIS B 133 -25.53 25.64 6.02
C HIS B 133 -26.22 27.00 6.04
N LEU B 134 -25.48 28.06 6.33
CA LEU B 134 -26.04 29.40 6.21
C LEU B 134 -26.57 29.63 4.81
N ILE B 135 -25.84 29.22 3.79
CA ILE B 135 -26.28 29.48 2.43
C ILE B 135 -27.64 28.82 2.19
N LYS B 136 -27.77 27.58 2.64
CA LYS B 136 -28.96 26.77 2.36
C LYS B 136 -30.15 27.37 3.08
N ARG B 137 -30.02 27.44 4.40
CA ARG B 137 -31.01 28.07 5.26
C ARG B 137 -30.97 29.59 5.23
N SER B 138 -31.01 30.12 4.01
CA SER B 138 -30.98 31.55 3.79
C SER B 138 -32.20 31.81 2.93
N GLY B 139 -32.80 32.96 3.18
CA GLY B 139 -33.99 33.36 2.44
C GLY B 139 -33.83 33.69 0.96
N HIS B 140 -32.74 34.32 0.54
CA HIS B 140 -32.76 35.03 -0.76
C HIS B 140 -32.97 34.14 -1.96
N PHE B 141 -33.39 34.77 -3.05
CA PHE B 141 -33.70 34.04 -4.28
C PHE B 141 -32.42 33.43 -4.89
N THR B 142 -31.39 34.25 -5.08
CA THR B 142 -30.17 33.77 -5.73
C THR B 142 -29.09 33.34 -4.73
N LEU B 143 -28.20 32.49 -5.23
CA LEU B 143 -27.02 32.09 -4.48
C LEU B 143 -26.10 33.25 -4.16
N LYS B 144 -25.83 34.08 -5.17
CA LYS B 144 -24.97 35.25 -4.98
C LYS B 144 -25.37 35.97 -3.69
N ASP B 145 -26.69 36.13 -3.55
CA ASP B 145 -27.28 36.85 -2.45
C ASP B 145 -27.29 36.04 -1.15
N GLN B 146 -27.63 34.76 -1.24
CA GLN B 146 -27.51 33.85 -0.10
C GLN B 146 -26.12 33.84 0.51
N ILE B 147 -25.11 33.79 -0.36
CA ILE B 147 -23.74 33.88 0.07
C ILE B 147 -23.47 35.25 0.71
N LYS B 148 -23.75 36.35 0.00
CA LYS B 148 -23.46 37.68 0.56
C LYS B 148 -24.04 37.78 1.95
N ASN B 149 -25.28 37.33 2.07
CA ASN B 149 -26.01 37.38 3.34
C ASN B 149 -25.29 36.50 4.37
N SER B 150 -24.91 35.29 3.95
CA SER B 150 -24.26 34.36 4.86
C SER B 150 -22.91 34.88 5.32
N LEU B 151 -22.22 35.53 4.40
CA LEU B 151 -20.86 35.99 4.66
C LEU B 151 -20.88 36.97 5.77
N SER B 152 -21.84 37.88 5.70
CA SER B 152 -21.94 38.98 6.63
C SER B 152 -22.20 38.51 8.05
N MET B 153 -22.50 37.21 8.22
CA MET B 153 -22.71 36.66 9.54
C MET B 153 -21.49 36.01 10.14
N LEU B 154 -20.48 35.78 9.30
CA LEU B 154 -19.20 35.17 9.70
C LEU B 154 -18.30 36.19 10.39
N LYS B 155 -17.63 35.74 11.45
CA LYS B 155 -16.60 36.53 12.10
C LYS B 155 -15.26 35.80 12.05
N GLY B 156 -14.20 36.47 11.61
CA GLY B 156 -12.87 35.88 11.60
C GLY B 156 -12.13 36.03 10.27
N ALA B 157 -11.21 35.10 10.03
CA ALA B 157 -10.44 35.07 8.79
C ALA B 157 -11.07 34.06 7.86
N TYR B 158 -11.27 34.48 6.62
CA TYR B 158 -11.79 33.56 5.65
C TYR B 158 -11.53 34.01 4.23
N ALA B 159 -10.86 33.14 3.49
CA ALA B 159 -10.85 33.24 2.05
C ALA B 159 -11.63 32.00 1.62
N PHE B 160 -12.58 32.23 0.73
CA PHE B 160 -13.53 31.23 0.35
C PHE B 160 -13.49 31.08 -1.16
N LEU B 161 -13.40 29.84 -1.60
CA LEU B 161 -13.68 29.49 -2.96
C LEU B 161 -14.97 28.70 -2.94
N ILE B 162 -15.91 29.10 -3.78
CA ILE B 162 -17.17 28.38 -3.91
C ILE B 162 -17.48 28.15 -5.39
N MET B 163 -17.96 26.95 -5.72
CA MET B 163 -18.45 26.78 -7.06
C MET B 163 -19.48 25.70 -7.32
N THR B 164 -20.20 25.98 -8.39
CA THR B 164 -21.37 25.24 -8.80
C THR B 164 -21.09 24.87 -10.23
N GLU B 165 -22.06 24.22 -10.85
CA GLU B 165 -22.02 23.89 -12.28
C GLU B 165 -21.70 25.08 -13.16
N THR B 166 -22.10 26.27 -12.75
CA THR B 166 -22.14 27.39 -13.70
C THR B 166 -21.20 28.58 -13.40
N GLU B 167 -20.73 28.64 -12.16
CA GLU B 167 -19.96 29.78 -11.68
C GLU B 167 -18.93 29.40 -10.67
N MET B 168 -18.04 30.36 -10.46
CA MET B 168 -17.15 30.34 -9.33
C MET B 168 -17.27 31.66 -8.57
N ILE B 169 -17.35 31.54 -7.26
CA ILE B 169 -17.54 32.68 -6.40
C ILE B 169 -16.48 32.67 -5.33
N VAL B 170 -15.83 33.82 -5.20
CA VAL B 170 -14.63 34.00 -4.40
C VAL B 170 -14.98 35.14 -3.44
N ALA B 171 -14.55 35.02 -2.19
CA ALA B 171 -14.82 36.07 -1.23
C ALA B 171 -13.73 36.14 -0.15
N LEU B 172 -13.38 37.35 0.25
CA LEU B 172 -12.34 37.51 1.27
C LEU B 172 -12.88 38.30 2.45
N ASP B 173 -12.61 37.86 3.67
CA ASP B 173 -13.08 38.59 4.87
C ASP B 173 -12.64 40.02 4.81
N PRO B 174 -13.44 40.90 5.41
CA PRO B 174 -13.19 42.34 5.24
C PRO B 174 -11.97 42.87 5.97
N ASN B 175 -11.22 41.99 6.62
CA ASN B 175 -9.90 42.40 7.09
C ASN B 175 -8.79 41.98 6.15
N GLY B 176 -9.12 41.11 5.18
CA GLY B 176 -8.10 40.50 4.33
C GLY B 176 -6.92 39.92 5.12
N LEU B 177 -7.25 39.21 6.20
CA LEU B 177 -6.28 38.51 7.02
C LEU B 177 -5.43 37.45 6.26
N ARG B 178 -6.05 36.69 5.37
CA ARG B 178 -5.31 35.78 4.50
C ARG B 178 -5.15 36.41 3.15
N PRO B 179 -4.04 36.12 2.50
CA PRO B 179 -3.92 36.66 1.14
C PRO B 179 -4.90 35.95 0.21
N LEU B 180 -5.31 36.62 -0.86
CA LEU B 180 -6.00 35.95 -1.97
C LEU B 180 -5.81 36.81 -3.19
N SER B 181 -5.43 36.22 -4.31
CA SER B 181 -5.14 37.03 -5.49
C SER B 181 -5.77 36.44 -6.73
N ILE B 182 -5.78 37.24 -7.78
CA ILE B 182 -6.44 36.88 -9.01
C ILE B 182 -5.41 36.96 -10.11
N GLY B 183 -5.49 36.03 -11.06
CA GLY B 183 -4.60 36.07 -12.19
C GLY B 183 -5.35 35.66 -13.43
N MET B 184 -4.66 35.77 -14.54
CA MET B 184 -5.21 35.46 -15.85
C MET B 184 -4.36 34.37 -16.52
N MET B 185 -5.01 33.36 -17.07
CA MET B 185 -4.34 32.48 -18.02
C MET B 185 -5.05 32.61 -19.36
N GLY B 186 -4.67 33.62 -20.13
CA GLY B 186 -5.36 33.91 -21.36
C GLY B 186 -6.65 34.57 -20.96
N ASP B 187 -7.74 33.85 -21.18
CA ASP B 187 -9.04 34.36 -20.78
C ASP B 187 -9.51 33.75 -19.48
N ALA B 188 -8.78 32.77 -18.98
CA ALA B 188 -9.14 32.10 -17.74
C ALA B 188 -8.86 32.99 -16.55
N TYR B 189 -9.53 32.68 -15.46
CA TYR B 189 -9.37 33.46 -14.26
C TYR B 189 -8.86 32.49 -13.25
N VAL B 190 -7.93 32.98 -12.44
CA VAL B 190 -7.26 32.11 -11.49
C VAL B 190 -7.17 32.79 -10.15
N VAL B 191 -7.36 32.04 -9.10
CA VAL B 191 -7.46 32.62 -7.79
C VAL B 191 -6.70 31.67 -6.86
N ALA B 192 -5.79 32.23 -6.06
CA ALA B 192 -4.89 31.42 -5.28
C ALA B 192 -4.58 32.12 -3.96
N SER B 193 -4.33 31.35 -2.90
CA SER B 193 -3.82 31.91 -1.64
C SER B 193 -2.52 32.70 -1.80
N GLU B 194 -1.62 32.18 -2.65
CA GLU B 194 -0.31 32.79 -2.90
C GLU B 194 -0.09 32.98 -4.40
N THR B 195 0.73 33.96 -4.77
CA THR B 195 1.04 34.21 -6.18
C THR B 195 1.94 33.15 -6.81
N CYS B 196 2.71 32.44 -5.99
CA CYS B 196 3.67 31.48 -6.52
C CYS B 196 2.95 30.45 -7.39
N ALA B 197 1.74 30.08 -6.99
CA ALA B 197 0.85 29.31 -7.84
C ALA B 197 0.73 29.81 -9.29
N PHE B 198 0.83 31.12 -9.49
CA PHE B 198 0.63 31.71 -10.79
C PHE B 198 1.90 31.47 -11.59
N ASP B 199 3.02 31.89 -11.03
CA ASP B 199 4.37 31.58 -11.56
C ASP B 199 4.43 30.14 -12.08
N VAL B 200 4.15 29.19 -11.20
CA VAL B 200 4.16 27.77 -11.51
C VAL B 200 3.24 27.32 -12.65
N VAL B 201 2.04 27.90 -12.79
CA VAL B 201 1.10 27.40 -13.80
C VAL B 201 1.02 28.28 -15.07
N GLY B 202 1.78 29.36 -15.09
CA GLY B 202 1.74 30.24 -16.26
C GLY B 202 0.65 31.33 -16.18
N ALA B 203 0.21 31.63 -14.97
CA ALA B 203 -0.79 32.68 -14.81
C ALA B 203 -0.09 34.00 -14.64
N THR B 204 -0.70 35.05 -15.19
CA THR B 204 -0.35 36.45 -14.93
C THR B 204 -1.11 37.06 -13.73
N TYR B 205 -0.39 37.74 -12.84
CA TYR B 205 -1.01 38.48 -11.74
C TYR B 205 -1.93 39.53 -12.32
N LEU B 206 -3.08 39.68 -11.67
CA LEU B 206 -4.05 40.70 -11.99
C LEU B 206 -4.14 41.68 -10.83
N ARG B 207 -4.59 41.22 -9.68
CA ARG B 207 -4.63 42.02 -8.46
C ARG B 207 -5.03 41.15 -7.29
N GLU B 208 -5.04 41.75 -6.12
CA GLU B 208 -5.59 41.08 -4.96
C GLU B 208 -7.09 41.22 -4.98
N VAL B 209 -7.74 40.19 -4.44
CA VAL B 209 -9.12 40.27 -3.98
C VAL B 209 -9.18 41.20 -2.74
N GLU B 210 -10.09 42.17 -2.79
CA GLU B 210 -10.22 43.22 -1.79
C GLU B 210 -10.91 42.68 -0.54
N PRO B 211 -10.40 43.03 0.66
CA PRO B 211 -11.07 42.56 1.89
C PRO B 211 -12.52 43.00 1.87
N GLY B 212 -13.44 42.05 2.07
CA GLY B 212 -14.85 42.38 2.00
C GLY B 212 -15.34 42.42 0.54
N GLU B 213 -14.55 41.92 -0.41
CA GLU B 213 -15.01 41.83 -1.78
C GLU B 213 -15.46 40.41 -2.10
N MET B 214 -16.28 40.30 -3.14
CA MET B 214 -16.80 39.04 -3.59
C MET B 214 -16.81 39.03 -5.12
N LEU B 215 -16.31 37.95 -5.70
CA LEU B 215 -16.14 37.86 -7.13
C LEU B 215 -17.07 36.78 -7.58
N ILE B 216 -17.72 37.03 -8.69
CA ILE B 216 -18.52 36.01 -9.33
C ILE B 216 -17.96 35.89 -10.72
N ILE B 217 -17.50 34.69 -11.02
CA ILE B 217 -16.79 34.43 -12.25
C ILE B 217 -17.56 33.31 -12.93
N ASN B 218 -17.74 33.46 -14.24
CA ASN B 218 -18.56 32.54 -15.02
C ASN B 218 -18.17 32.77 -16.45
N ASP B 219 -18.89 32.13 -17.37
CA ASP B 219 -18.44 32.08 -18.76
C ASP B 219 -18.48 33.41 -19.49
N GLU B 220 -18.96 34.46 -18.83
CA GLU B 220 -19.04 35.77 -19.46
C GLU B 220 -18.23 36.79 -18.69
N GLY B 221 -17.55 36.31 -17.65
CA GLY B 221 -16.53 37.10 -17.02
C GLY B 221 -16.64 37.15 -15.52
N MET B 222 -15.99 38.17 -14.96
CA MET B 222 -15.95 38.32 -13.53
C MET B 222 -16.65 39.60 -13.12
N LYS B 223 -17.41 39.52 -12.03
CA LYS B 223 -17.99 40.73 -11.47
C LYS B 223 -17.74 40.79 -9.98
N SER B 224 -17.51 42.02 -9.52
CA SER B 224 -17.16 42.29 -8.14
C SER B 224 -18.37 42.91 -7.43
N GLU B 225 -18.45 42.70 -6.12
CA GLU B 225 -19.60 43.14 -5.35
C GLU B 225 -19.07 43.13 -3.93
N ARG B 226 -19.40 44.15 -3.16
CA ARG B 226 -19.05 44.19 -1.75
C ARG B 226 -20.05 43.42 -0.92
N PHE B 227 -19.63 43.03 0.26
CA PHE B 227 -20.53 42.44 1.20
C PHE B 227 -20.20 43.01 2.57
N SER B 228 -19.25 43.95 2.62
CA SER B 228 -18.92 44.68 3.83
C SER B 228 -18.26 45.98 3.45
N MET B 229 -19.03 47.07 3.48
CA MET B 229 -18.55 48.34 2.94
C MET B 229 -17.36 48.85 3.76
N ASN B 230 -17.47 48.73 5.09
CA ASN B 230 -16.37 49.17 5.95
C ASN B 230 -15.40 48.02 6.16
N ILE B 231 -14.14 48.28 5.81
CA ILE B 231 -13.09 47.26 5.84
C ILE B 231 -11.96 47.77 6.71
N ASN B 232 -11.28 46.84 7.38
CA ASN B 232 -10.15 47.22 8.23
C ASN B 232 -8.92 46.33 7.97
N ARG B 233 -8.14 46.73 6.96
CA ARG B 233 -6.90 46.06 6.52
C ARG B 233 -5.98 45.57 7.65
N SER B 234 -5.86 44.24 7.79
CA SER B 234 -4.90 43.63 8.74
C SER B 234 -4.45 42.21 8.33
N ILE B 235 -3.62 42.18 7.28
CA ILE B 235 -3.11 40.93 6.76
C ILE B 235 -2.16 40.26 7.77
N CYS B 236 -2.27 38.94 7.89
CA CYS B 236 -1.44 38.18 8.78
C CYS B 236 0.04 38.49 8.56
N SER B 237 0.75 38.81 9.64
CA SER B 237 2.17 39.15 9.54
C SER B 237 3.03 37.93 9.24
N MET B 238 2.62 36.78 9.78
CA MET B 238 3.36 35.55 9.58
C MET B 238 3.39 35.09 8.15
N GLU B 239 2.39 35.45 7.36
CA GLU B 239 2.46 35.18 5.92
C GLU B 239 3.76 35.74 5.36
N TYR B 240 4.13 36.92 5.84
CA TYR B 240 5.31 37.61 5.38
C TYR B 240 6.57 37.01 6.03
N ILE B 241 6.49 36.76 7.34
CA ILE B 241 7.64 36.37 8.14
C ILE B 241 8.08 34.93 7.86
N TYR B 242 7.12 34.08 7.55
CA TYR B 242 7.34 32.65 7.67
C TYR B 242 6.50 31.83 6.68
N PHE B 243 5.20 32.10 6.62
CA PHE B 243 4.25 31.14 6.13
C PHE B 243 4.15 31.08 4.60
N SER B 244 4.37 32.17 3.89
CA SER B 244 4.26 32.08 2.46
C SER B 244 5.54 31.64 1.78
N ARG B 245 5.45 31.28 0.50
CA ARG B 245 6.62 30.84 -0.22
C ARG B 245 7.41 32.02 -0.74
N PRO B 246 8.75 31.88 -0.79
CA PRO B 246 9.54 33.09 -0.95
C PRO B 246 9.40 33.70 -2.31
N ASP B 247 8.86 32.93 -3.24
CA ASP B 247 8.64 33.49 -4.56
C ASP B 247 7.29 34.20 -4.75
N SER B 248 6.48 34.13 -3.69
CA SER B 248 5.20 34.82 -3.64
C SER B 248 5.36 36.28 -3.25
N ASN B 249 4.51 37.10 -3.87
CA ASN B 249 4.43 38.52 -3.56
C ASN B 249 3.11 38.73 -2.86
N ILE B 250 3.16 38.96 -1.56
CA ILE B 250 1.96 39.36 -0.83
C ILE B 250 1.66 40.84 -1.04
N ASP B 251 0.63 41.12 -1.86
CA ASP B 251 0.26 42.51 -2.12
C ASP B 251 1.39 43.19 -2.83
N GLY B 252 1.92 42.54 -3.86
CA GLY B 252 2.97 43.17 -4.64
C GLY B 252 4.32 43.27 -3.96
N ILE B 253 4.39 43.01 -2.67
CA ILE B 253 5.67 42.93 -1.97
C ILE B 253 6.16 41.48 -1.97
N ASN B 254 7.35 41.23 -2.55
CA ASN B 254 7.92 39.87 -2.64
C ASN B 254 8.32 39.32 -1.29
N VAL B 255 7.99 38.06 -1.04
CA VAL B 255 8.21 37.50 0.29
C VAL B 255 9.67 37.23 0.57
N HIS B 256 10.45 36.90 -0.46
CA HIS B 256 11.87 36.72 -0.25
C HIS B 256 12.46 38.07 0.13
N SER B 257 12.29 39.05 -0.77
CA SER B 257 12.79 40.42 -0.59
C SER B 257 12.41 41.01 0.76
N ALA B 258 11.15 40.84 1.15
CA ALA B 258 10.66 41.35 2.44
C ALA B 258 11.47 40.72 3.58
N ARG B 259 11.60 39.40 3.55
CA ARG B 259 12.29 38.65 4.58
C ARG B 259 13.79 39.02 4.61
N LYS B 260 14.33 39.28 3.45
CA LYS B 260 15.68 39.76 3.39
C LYS B 260 15.81 41.14 4.05
N ASN B 261 14.84 42.02 3.83
CA ASN B 261 14.88 43.33 4.47
C ASN B 261 14.69 43.24 5.94
N LEU B 262 13.90 42.26 6.38
CA LEU B 262 13.80 41.94 7.79
C LEU B 262 15.15 41.58 8.39
N GLY B 263 16.00 40.93 7.59
CA GLY B 263 17.39 40.71 7.98
C GLY B 263 18.20 42.00 8.07
N LYS B 264 18.18 42.82 7.01
CA LYS B 264 18.79 44.14 7.07
C LYS B 264 18.35 44.94 8.29
N MET B 265 17.07 44.86 8.59
CA MET B 265 16.52 45.52 9.77
C MET B 265 17.14 44.96 11.04
N LEU B 266 17.23 43.65 11.12
CA LEU B 266 17.84 43.03 12.29
C LEU B 266 19.28 43.55 12.45
N ALA B 267 19.94 43.69 11.30
CA ALA B 267 21.35 44.06 11.30
C ALA B 267 21.49 45.52 11.80
N GLN B 268 20.56 46.38 11.39
CA GLN B 268 20.53 47.77 11.83
C GLN B 268 20.14 47.93 13.29
N GLU B 269 19.34 47.02 13.82
CA GLU B 269 18.91 47.11 15.22
C GLU B 269 19.92 46.57 16.20
N SER B 270 20.46 45.40 15.92
CA SER B 270 21.28 44.72 16.91
C SER B 270 22.41 43.97 16.21
N ALA B 271 23.22 44.71 15.47
CA ALA B 271 24.47 44.15 14.99
C ALA B 271 25.38 43.67 16.16
N VAL B 272 26.08 42.57 15.92
CA VAL B 272 27.04 42.00 16.87
C VAL B 272 28.23 41.59 16.05
N GLU B 273 29.36 41.37 16.71
CA GLU B 273 30.58 41.00 16.02
C GLU B 273 30.74 39.50 15.97
N ALA B 274 30.94 38.98 14.77
CA ALA B 274 30.86 37.55 14.55
C ALA B 274 31.59 37.13 13.26
N ASP B 275 31.64 35.83 12.99
CA ASP B 275 32.43 35.28 11.87
C ASP B 275 31.63 34.76 10.71
N VAL B 276 30.48 34.13 10.99
CA VAL B 276 29.59 33.58 9.94
C VAL B 276 28.14 33.82 10.28
N VAL B 277 27.30 33.96 9.25
CA VAL B 277 25.86 34.06 9.43
C VAL B 277 25.21 32.85 8.77
N THR B 278 24.48 32.07 9.55
CA THR B 278 23.70 30.99 8.97
C THR B 278 22.19 31.22 9.14
N GLY B 279 21.42 30.84 8.14
CA GLY B 279 19.99 30.71 8.33
C GLY B 279 19.65 29.29 8.72
N VAL B 280 18.37 29.04 8.92
CA VAL B 280 17.87 27.72 9.17
C VAL B 280 17.04 27.30 7.97
N PRO B 281 17.43 26.21 7.30
CA PRO B 281 16.62 25.82 6.15
C PRO B 281 15.36 25.14 6.61
N ASP B 282 14.23 25.56 6.08
CA ASP B 282 14.17 26.61 5.07
C ASP B 282 13.48 27.86 5.58
N SER B 283 13.12 27.86 6.86
CA SER B 283 12.31 28.92 7.41
C SER B 283 13.00 30.27 7.31
N SER B 284 14.32 30.34 7.48
CA SER B 284 14.95 31.64 7.66
C SER B 284 16.18 31.88 6.82
N ILE B 285 16.14 31.35 5.61
CA ILE B 285 17.23 31.54 4.68
C ILE B 285 17.27 32.99 4.19
N SER B 286 16.16 33.51 3.67
CA SER B 286 16.16 34.87 3.17
C SER B 286 16.55 35.93 4.23
N ALA B 287 16.04 35.80 5.45
CA ALA B 287 16.42 36.69 6.54
C ALA B 287 17.93 36.66 6.70
N ALA B 288 18.48 35.46 6.87
CA ALA B 288 19.93 35.28 7.03
C ALA B 288 20.77 35.92 5.90
N ILE B 289 20.37 35.70 4.65
CA ILE B 289 21.03 36.33 3.52
C ILE B 289 21.07 37.86 3.71
N GLY B 290 19.90 38.44 3.95
CA GLY B 290 19.75 39.86 4.22
C GLY B 290 20.65 40.35 5.33
N TYR B 291 20.64 39.64 6.47
CA TYR B 291 21.46 39.98 7.64
C TYR B 291 22.94 40.03 7.33
N ALA B 292 23.44 38.91 6.80
CA ALA B 292 24.84 38.79 6.40
C ALA B 292 25.19 39.95 5.48
N GLU B 293 24.38 40.18 4.46
CA GLU B 293 24.63 41.22 3.48
C GLU B 293 24.75 42.63 4.10
N ALA B 294 23.85 42.93 5.02
CA ALA B 294 23.94 44.15 5.78
C ALA B 294 25.22 44.23 6.58
N THR B 295 25.46 43.24 7.42
CA THR B 295 26.58 43.33 8.35
C THR B 295 27.96 43.18 7.68
N GLY B 296 27.98 42.56 6.49
CA GLY B 296 29.24 42.20 5.86
C GLY B 296 29.84 40.86 6.30
N ILE B 297 29.30 40.26 7.34
CA ILE B 297 29.67 38.89 7.73
C ILE B 297 29.25 37.89 6.62
N PRO B 298 30.08 36.85 6.36
CA PRO B 298 29.78 35.96 5.23
C PRO B 298 28.60 35.04 5.56
N TYR B 299 27.75 34.82 4.54
CA TYR B 299 26.65 33.87 4.64
C TYR B 299 27.22 32.46 4.38
N GLU B 300 26.97 31.55 5.31
CA GLU B 300 27.33 30.14 5.19
C GLU B 300 26.15 29.20 5.44
N LEU B 301 26.26 27.97 4.95
CA LEU B 301 25.27 26.95 5.31
C LEU B 301 25.78 26.25 6.55
N GLY B 302 25.51 26.85 7.70
CA GLY B 302 26.02 26.28 8.94
C GLY B 302 25.04 25.27 9.48
N LEU B 303 23.91 25.10 8.80
CA LEU B 303 22.89 24.15 9.23
C LEU B 303 22.32 23.52 7.97
N ILE B 304 22.03 22.21 8.06
CA ILE B 304 21.50 21.44 6.94
C ILE B 304 20.23 20.77 7.38
N LYS B 305 19.20 20.84 6.53
CA LYS B 305 17.94 20.14 6.78
C LYS B 305 17.92 18.88 5.92
N ASN B 306 17.79 17.72 6.55
CA ASN B 306 17.62 16.53 5.77
C ASN B 306 16.34 16.51 4.94
N ARG B 307 16.53 16.38 3.63
CA ARG B 307 15.50 16.49 2.60
C ARG B 307 14.44 15.37 2.67
N TYR B 308 14.69 14.33 3.45
CA TYR B 308 13.87 13.12 3.34
C TYR B 308 13.27 12.76 4.67
N VAL B 309 13.06 13.73 5.53
CA VAL B 309 12.56 13.39 6.86
C VAL B 309 11.03 13.54 6.85
N GLY B 310 10.37 12.79 5.97
CA GLY B 310 8.91 12.75 5.95
C GLY B 310 8.24 12.11 7.16
N ARG B 311 6.92 11.95 7.12
CA ARG B 311 6.22 11.29 8.22
C ARG B 311 6.57 9.79 8.31
N THR B 312 7.02 9.21 7.18
CA THR B 312 7.55 7.84 7.15
C THR B 312 8.75 7.64 8.08
N PHE B 313 9.51 8.72 8.26
CA PHE B 313 10.76 8.68 8.97
C PHE B 313 10.62 8.20 10.42
N ILE B 314 11.42 7.22 10.78
CA ILE B 314 11.48 6.72 12.15
C ILE B 314 12.22 7.64 13.09
N GLN B 315 11.52 8.16 14.08
CA GLN B 315 12.13 9.02 15.08
C GLN B 315 13.16 8.27 15.86
N PRO B 316 14.39 8.80 15.95
CA PRO B 316 15.41 8.24 16.86
C PRO B 316 14.87 8.13 18.25
N SER B 317 15.17 7.02 18.92
CA SER B 317 14.82 6.87 20.32
C SER B 317 15.37 8.06 21.07
N GLN B 318 14.73 8.47 22.16
CA GLN B 318 15.21 9.62 22.91
C GLN B 318 16.61 9.36 23.47
N ALA B 319 16.93 8.08 23.69
CA ALA B 319 18.26 7.71 24.15
C ALA B 319 19.29 7.93 23.04
N LEU B 320 18.93 7.64 21.80
CA LEU B 320 19.80 7.86 20.64
C LEU B 320 20.08 9.35 20.44
N ARG B 321 19.04 10.15 20.65
CA ARG B 321 19.17 11.58 20.46
C ARG B 321 20.13 12.15 21.50
N GLU B 322 20.08 11.59 22.71
CA GLU B 322 21.07 11.93 23.75
C GLU B 322 22.46 11.53 23.29
N GLN B 323 22.53 10.47 22.50
CA GLN B 323 23.79 9.98 21.96
C GLN B 323 24.32 10.93 20.92
N GLY B 324 23.41 11.55 20.17
CA GLY B 324 23.80 12.60 19.25
C GLY B 324 23.22 12.36 17.87
N VAL B 325 22.31 11.40 17.74
CA VAL B 325 21.62 11.19 16.49
C VAL B 325 20.69 12.39 16.24
N ARG B 326 20.83 12.99 15.05
CA ARG B 326 20.03 14.14 14.64
C ARG B 326 18.81 13.61 13.92
N MET B 327 17.77 14.46 13.83
CA MET B 327 16.61 14.19 13.00
C MET B 327 16.63 15.06 11.76
N LYS B 328 16.07 16.23 11.86
CA LYS B 328 15.80 16.97 10.64
C LYS B 328 17.01 17.81 10.29
N LEU B 329 17.61 18.42 11.31
CA LEU B 329 18.65 19.40 11.06
C LEU B 329 19.91 18.94 11.72
N SER B 330 21.03 19.39 11.17
CA SER B 330 22.29 19.32 11.91
C SER B 330 23.19 20.49 11.54
N ALA B 331 24.14 20.74 12.43
CA ALA B 331 25.09 21.83 12.31
C ALA B 331 26.30 21.33 11.52
N VAL B 332 26.77 22.15 10.59
CA VAL B 332 27.95 21.84 9.80
C VAL B 332 29.19 22.34 10.55
N ARG B 333 29.91 21.46 11.24
CA ARG B 333 31.18 21.88 11.85
C ARG B 333 32.30 22.14 10.87
N GLY B 334 32.19 21.54 9.71
CA GLY B 334 33.01 21.96 8.60
C GLY B 334 33.01 23.45 8.37
N VAL B 335 32.02 24.16 8.92
CA VAL B 335 31.79 25.55 8.55
C VAL B 335 31.88 26.43 9.82
N VAL B 336 31.41 25.88 10.94
CA VAL B 336 31.24 26.69 12.13
C VAL B 336 32.32 26.41 13.14
N GLU B 337 33.00 25.30 12.97
CA GLU B 337 33.99 24.89 13.95
C GLU B 337 35.01 26.00 14.17
N GLY B 338 35.07 26.47 15.41
CA GLY B 338 35.94 27.55 15.79
C GLY B 338 35.45 28.94 15.44
N LYS B 339 34.29 29.05 14.79
CA LYS B 339 33.75 30.37 14.43
C LYS B 339 32.76 30.88 15.47
N ARG B 340 32.58 32.20 15.50
CA ARG B 340 31.43 32.74 16.22
C ARG B 340 30.33 33.14 15.23
N VAL B 341 29.15 32.58 15.54
CA VAL B 341 28.06 32.40 14.57
C VAL B 341 26.86 33.27 14.96
N VAL B 342 26.35 33.99 13.97
CA VAL B 342 25.01 34.54 14.06
C VAL B 342 24.06 33.57 13.39
N MET B 343 23.17 33.03 14.19
CA MET B 343 22.10 32.18 13.70
C MET B 343 20.78 32.97 13.61
N VAL B 344 20.33 33.24 12.40
CA VAL B 344 19.11 33.98 12.10
C VAL B 344 17.93 32.99 11.89
N ASP B 345 16.85 33.19 12.65
CA ASP B 345 15.63 32.42 12.43
C ASP B 345 14.44 33.38 12.25
N ASP B 346 13.42 32.92 11.53
CA ASP B 346 12.25 33.73 11.26
C ASP B 346 11.48 34.09 12.52
N SER B 347 11.39 33.16 13.46
CA SER B 347 10.52 33.37 14.61
C SER B 347 10.85 32.36 15.67
N ILE B 348 10.29 32.58 16.84
CA ILE B 348 10.34 31.61 17.92
C ILE B 348 8.93 31.43 18.42
N VAL B 349 8.56 30.19 18.69
CA VAL B 349 7.22 29.90 19.18
C VAL B 349 7.31 29.21 20.53
N ARG B 350 7.52 27.89 20.51
CA ARG B 350 7.83 27.13 21.73
C ARG B 350 9.22 27.39 22.28
N GLY B 351 10.14 27.66 21.36
CA GLY B 351 11.54 27.90 21.69
C GLY B 351 12.39 26.64 21.56
N THR B 352 11.76 25.50 21.29
CA THR B 352 12.44 24.25 21.36
C THR B 352 13.47 24.05 20.23
N THR B 353 13.10 24.50 19.05
CA THR B 353 13.99 24.50 17.90
C THR B 353 15.25 25.33 18.07
N SER B 354 15.13 26.56 18.57
CA SER B 354 16.29 27.44 18.71
C SER B 354 17.28 26.90 19.76
N ARG B 355 16.77 26.30 20.81
CA ARG B 355 17.60 25.72 21.85
C ARG B 355 18.42 24.59 21.23
N ARG B 356 17.73 23.70 20.52
CA ARG B 356 18.37 22.60 19.82
C ARG B 356 19.41 23.09 18.84
N ILE B 357 19.05 24.08 18.02
CA ILE B 357 20.00 24.58 17.03
C ILE B 357 21.22 25.17 17.71
N VAL B 358 21.02 25.86 18.83
CA VAL B 358 22.14 26.45 19.55
C VAL B 358 23.04 25.35 20.08
N THR B 359 22.44 24.30 20.61
CA THR B 359 23.21 23.16 21.10
C THR B 359 24.01 22.42 20.02
N MET B 360 23.38 22.10 18.90
CA MET B 360 24.07 21.42 17.81
C MET B 360 25.25 22.24 17.35
N LEU B 361 25.05 23.56 17.30
CA LEU B 361 26.05 24.48 16.77
C LEU B 361 27.24 24.52 17.67
N ARG B 362 26.98 24.40 18.95
CA ARG B 362 28.09 24.37 19.89
C ARG B 362 28.82 23.03 19.85
N GLU B 363 28.05 21.99 19.57
CA GLU B 363 28.59 20.66 19.43
C GLU B 363 29.34 20.51 18.13
N ALA B 364 29.09 21.38 17.15
CA ALA B 364 29.95 21.44 15.94
C ALA B 364 31.15 22.37 16.17
N GLY B 365 31.30 22.86 17.39
CA GLY B 365 32.44 23.70 17.71
C GLY B 365 32.36 25.17 17.35
N ALA B 366 31.14 25.72 17.26
CA ALA B 366 31.02 27.18 17.24
C ALA B 366 31.39 27.77 18.61
N THR B 367 32.14 28.86 18.60
CA THR B 367 32.61 29.48 19.86
C THR B 367 31.55 30.41 20.46
N GLU B 368 30.80 31.09 19.60
CA GLU B 368 29.65 31.89 20.01
C GLU B 368 28.44 31.59 19.14
N VAL B 369 27.26 31.57 19.74
CA VAL B 369 26.01 31.60 18.98
C VAL B 369 25.15 32.82 19.35
N HIS B 370 24.92 33.65 18.34
CA HIS B 370 24.10 34.84 18.48
C HIS B 370 22.81 34.68 17.71
N VAL B 371 21.73 34.41 18.45
CA VAL B 371 20.43 34.14 17.84
C VAL B 371 19.70 35.44 17.59
N LYS B 372 19.32 35.65 16.33
CA LYS B 372 18.66 36.88 15.91
C LYS B 372 17.39 36.51 15.14
N ILE B 373 16.23 36.85 15.71
CA ILE B 373 14.91 36.52 15.17
C ILE B 373 14.29 37.65 14.38
N SER B 374 13.88 37.38 13.15
CA SER B 374 13.26 38.39 12.30
C SER B 374 11.74 38.59 12.55
N SER B 375 11.34 38.55 13.82
CA SER B 375 9.97 38.80 14.20
C SER B 375 10.04 39.25 15.65
N PRO B 376 9.04 40.04 16.08
CA PRO B 376 8.86 40.37 17.50
C PRO B 376 8.50 39.10 18.22
N PRO B 377 8.70 39.06 19.54
CA PRO B 377 8.36 37.81 20.25
C PRO B 377 6.92 37.46 20.00
N ILE B 378 6.63 36.17 20.04
CA ILE B 378 5.26 35.74 19.86
C ILE B 378 4.65 35.32 21.18
N ALA B 379 3.78 36.21 21.71
CA ALA B 379 3.26 36.14 23.08
C ALA B 379 1.75 35.95 23.18
N HIS B 380 1.05 36.02 22.05
CA HIS B 380 -0.43 35.90 22.02
C HIS B 380 -0.86 34.83 21.00
N PRO B 381 -1.95 34.11 21.28
CA PRO B 381 -2.60 33.14 20.38
C PRO B 381 -2.99 33.70 19.02
N CYS B 382 -3.06 32.84 18.02
CA CYS B 382 -3.65 33.23 16.77
C CYS B 382 -5.01 32.61 16.76
N PHE B 383 -5.96 33.27 16.11
CA PHE B 383 -7.31 32.79 16.02
C PHE B 383 -7.77 32.74 14.61
N TYR B 384 -6.84 32.88 13.66
CA TYR B 384 -7.23 33.07 12.27
C TYR B 384 -6.72 31.98 11.31
N GLY B 385 -6.47 30.81 11.86
CA GLY B 385 -6.10 29.66 11.06
C GLY B 385 -5.51 28.58 11.93
N ILE B 386 -5.80 27.31 11.60
CA ILE B 386 -5.16 26.17 12.26
C ILE B 386 -3.66 26.15 11.97
N ASP B 387 -3.30 26.53 10.73
CA ASP B 387 -1.90 26.63 10.29
C ASP B 387 -1.06 27.55 11.15
N THR B 388 -1.63 28.74 11.37
CA THR B 388 -1.01 29.82 12.12
C THR B 388 -1.17 29.72 13.64
N SER B 389 -2.23 29.07 14.13
CA SER B 389 -2.42 28.81 15.57
C SER B 389 -1.59 27.60 16.04
N THR B 390 -1.56 27.39 17.36
CA THR B 390 -0.89 26.26 17.98
C THR B 390 -1.43 25.97 19.37
N HIS B 391 -1.41 24.69 19.74
CA HIS B 391 -1.74 24.19 21.07
C HIS B 391 -0.53 24.20 22.02
N GLU B 392 0.64 24.37 21.44
CA GLU B 392 1.88 24.40 22.20
C GLU B 392 1.93 25.71 22.99
N GLU B 393 2.53 25.68 24.17
CA GLU B 393 2.67 26.89 24.96
C GLU B 393 3.73 27.85 24.37
N LEU B 394 3.47 29.15 24.50
CA LEU B 394 4.35 30.17 23.94
C LEU B 394 5.34 30.62 24.97
N ILE B 395 6.61 30.53 24.60
CA ILE B 395 7.69 30.81 25.52
C ILE B 395 7.72 32.31 25.79
N ALA B 396 7.48 33.08 24.74
CA ALA B 396 7.54 34.56 24.76
C ALA B 396 6.39 35.12 25.62
N SER B 397 5.41 34.28 25.87
CA SER B 397 4.27 34.66 26.64
C SER B 397 4.58 34.70 28.15
N SER B 398 5.62 34.01 28.58
CA SER B 398 5.93 33.93 30.01
C SER B 398 7.40 34.22 30.33
N HIS B 399 8.23 34.35 29.29
CA HIS B 399 9.67 34.55 29.43
C HIS B 399 10.04 35.86 28.81
N SER B 400 10.86 36.64 29.50
CA SER B 400 11.40 37.87 28.91
C SER B 400 12.41 37.47 27.83
N VAL B 401 12.74 38.38 26.93
CA VAL B 401 13.76 38.07 25.93
C VAL B 401 14.99 37.47 26.59
N GLU B 402 15.46 38.13 27.63
CA GLU B 402 16.64 37.69 28.29
C GLU B 402 16.38 36.36 28.99
N GLU B 403 15.14 36.04 29.26
CA GLU B 403 14.86 34.74 29.85
C GLU B 403 14.85 33.61 28.79
N ILE B 404 14.39 33.94 27.59
CA ILE B 404 14.49 33.05 26.44
C ILE B 404 15.96 32.73 26.01
N ARG B 405 16.78 33.75 25.75
CA ARG B 405 18.23 33.58 25.61
C ARG B 405 18.80 32.56 26.58
N GLN B 406 18.48 32.66 27.86
CA GLN B 406 18.99 31.67 28.78
C GLN B 406 18.43 30.29 28.46
N GLU B 407 17.17 30.22 28.07
CA GLU B 407 16.58 28.93 27.81
C GLU B 407 17.13 28.27 26.53
N ILE B 408 17.28 29.02 25.45
CA ILE B 408 17.86 28.43 24.24
C ILE B 408 19.39 28.27 24.37
N GLY B 409 19.97 29.01 25.31
CA GLY B 409 21.39 28.94 25.56
C GLY B 409 22.22 29.81 24.64
N ALA B 410 21.61 30.80 24.00
CA ALA B 410 22.33 31.64 23.05
C ALA B 410 23.30 32.53 23.82
N ASP B 411 24.27 33.09 23.12
CA ASP B 411 25.13 34.10 23.72
C ASP B 411 24.34 35.37 23.81
N THR B 412 23.71 35.73 22.70
CA THR B 412 22.79 36.84 22.67
C THR B 412 21.53 36.43 21.93
N LEU B 413 20.41 37.07 22.25
CA LEU B 413 19.15 36.89 21.55
C LEU B 413 18.54 38.25 21.17
N SER B 414 18.09 38.39 19.94
CA SER B 414 17.57 39.65 19.48
C SER B 414 16.34 39.40 18.64
N PHE B 415 15.21 40.02 19.03
CA PHE B 415 14.01 40.04 18.19
C PHE B 415 13.92 41.31 17.39
N LEU B 416 13.31 41.22 16.24
CA LEU B 416 12.99 42.42 15.51
C LEU B 416 11.94 43.18 16.34
N SER B 417 12.06 44.50 16.35
CA SER B 417 11.04 45.33 16.96
C SER B 417 9.85 45.33 16.02
N VAL B 418 8.77 45.88 16.51
CA VAL B 418 7.58 45.96 15.68
C VAL B 418 7.75 46.99 14.55
N GLU B 419 8.44 48.08 14.85
CA GLU B 419 8.68 49.11 13.85
C GLU B 419 9.56 48.52 12.78
N GLY B 420 10.55 47.74 13.25
CA GLY B 420 11.52 47.12 12.36
C GLY B 420 10.79 46.17 11.43
N LEU B 421 9.86 45.40 12.02
CA LEU B 421 9.07 44.46 11.26
C LEU B 421 8.26 45.21 10.19
N LEU B 422 7.63 46.31 10.63
CA LEU B 422 6.72 47.04 9.76
C LEU B 422 7.49 47.77 8.67
N LYS B 423 8.65 48.25 9.10
CA LYS B 423 9.57 48.98 8.26
C LYS B 423 10.21 48.04 7.26
N GLY B 424 10.57 46.85 7.74
CA GLY B 424 11.23 45.90 6.88
C GLY B 424 10.32 45.40 5.77
N ILE B 425 9.09 45.05 6.13
CA ILE B 425 8.12 44.61 5.13
C ILE B 425 7.83 45.75 4.13
N GLY B 426 8.08 46.96 4.62
CA GLY B 426 8.11 48.12 3.76
C GLY B 426 6.74 48.72 3.74
N ARG B 427 5.85 48.09 4.50
CA ARG B 427 4.46 48.41 4.39
C ARG B 427 4.28 49.86 4.79
N LYS B 428 3.45 50.50 3.99
CA LYS B 428 2.98 51.82 4.28
C LYS B 428 1.56 51.66 3.79
N TYR B 429 0.70 51.40 4.78
CA TYR B 429 -0.74 51.70 4.74
C TYR B 429 -0.97 52.71 5.87
N ASP B 430 -1.80 53.73 5.60
CA ASP B 430 -2.02 54.91 6.45
C ASP B 430 -2.66 54.53 7.77
N ASP B 431 -1.94 53.71 8.53
CA ASP B 431 -2.30 53.52 9.92
C ASP B 431 -1.11 52.96 10.68
N SER B 432 -1.18 53.07 12.00
CA SER B 432 -0.06 52.77 12.88
C SER B 432 0.56 51.36 12.75
N ASN B 433 -0.04 50.50 11.91
CA ASN B 433 0.49 49.14 11.67
C ASN B 433 0.34 48.60 10.26
N CYS B 434 0.21 49.52 9.32
CA CYS B 434 0.45 49.25 7.91
C CYS B 434 -0.45 48.18 7.33
N GLY B 435 -1.64 48.03 7.90
CA GLY B 435 -2.56 47.06 7.36
C GLY B 435 -2.12 45.63 7.61
N GLN B 436 -1.48 45.41 8.75
CA GLN B 436 -1.05 44.07 9.12
C GLN B 436 -1.65 43.76 10.44
N CYS B 437 -1.94 42.48 10.65
CA CYS B 437 -2.33 42.00 11.94
C CYS B 437 -1.05 41.70 12.68
N LEU B 438 -0.99 42.05 13.97
CA LEU B 438 0.21 41.85 14.77
C LEU B 438 -0.19 41.23 16.08
N ALA B 439 -1.34 40.56 16.06
CA ALA B 439 -2.03 40.14 17.26
C ALA B 439 -1.19 39.24 18.14
N CYS B 440 -0.49 38.30 17.51
CA CYS B 440 0.29 37.31 18.24
C CYS B 440 1.54 37.94 18.86
N PHE B 441 1.92 39.12 18.37
CA PHE B 441 2.99 39.87 19.02
C PHE B 441 2.42 40.84 20.06
N THR B 442 1.40 41.62 19.66
CA THR B 442 0.94 42.75 20.44
C THR B 442 -0.22 42.44 21.40
N GLY B 443 -1.07 41.49 21.03
CA GLY B 443 -2.24 41.17 21.85
C GLY B 443 -3.45 41.95 21.41
N LYS B 444 -3.25 42.86 20.46
CA LYS B 444 -4.29 43.69 19.95
C LYS B 444 -4.86 43.02 18.69
N TYR B 445 -5.96 42.26 18.86
CA TYR B 445 -6.59 41.56 17.71
C TYR B 445 -7.46 42.46 16.86
N PRO B 446 -7.39 42.30 15.55
CA PRO B 446 -8.13 43.09 14.54
C PRO B 446 -9.61 42.72 14.35
N THR B 447 -10.09 41.71 15.08
CA THR B 447 -11.51 41.38 15.14
C THR B 447 -11.81 41.02 16.60
N GLU B 448 -13.08 41.00 16.97
CA GLU B 448 -13.41 40.69 18.36
C GLU B 448 -13.39 39.20 18.55
N ILE B 449 -12.90 38.82 19.71
CA ILE B 449 -12.78 37.42 20.07
C ILE B 449 -13.81 37.18 21.15
N TYR B 450 -14.82 36.39 20.80
CA TYR B 450 -15.93 36.09 21.70
C TYR B 450 -15.52 35.11 22.79
N GLN B 451 -16.41 34.88 23.75
CA GLN B 451 -16.03 34.02 24.86
C GLN B 451 -16.23 32.54 24.56
N ASP B 452 -17.13 32.24 23.62
CA ASP B 452 -17.33 30.88 23.12
C ASP B 452 -16.29 30.44 22.09
N THR B 453 -15.56 31.42 21.53
CA THR B 453 -14.50 31.19 20.53
C THR B 453 -13.47 30.17 21.02
N VAL B 454 -13.34 29.07 20.28
CA VAL B 454 -12.28 28.07 20.51
C VAL B 454 -11.06 28.39 19.66
N LEU B 455 -9.89 27.96 20.15
CA LEU B 455 -8.66 27.99 19.35
C LEU B 455 -8.82 27.08 18.14
N PRO B 456 -8.30 27.51 16.97
CA PRO B 456 -8.50 26.76 15.71
C PRO B 456 -8.27 25.24 15.78
N HIS B 457 -7.28 24.82 16.58
CA HIS B 457 -7.01 23.40 16.79
C HIS B 457 -8.12 22.68 17.57
N VAL B 458 -8.80 23.41 18.46
CA VAL B 458 -9.80 22.85 19.39
C VAL B 458 -10.99 22.21 18.66
N LYS B 459 -11.09 22.47 17.36
CA LYS B 459 -12.11 21.85 16.52
C LYS B 459 -11.58 20.53 15.92
N CYS C 1 3.97 -26.36 -3.25
CA CYS C 1 4.30 -25.52 -4.43
C CYS C 1 3.69 -26.08 -5.67
N GLY C 2 3.62 -25.28 -6.71
CA GLY C 2 2.94 -25.72 -7.91
C GLY C 2 3.66 -25.05 -9.03
N VAL C 3 3.71 -25.70 -10.17
CA VAL C 3 4.45 -25.20 -11.31
C VAL C 3 3.59 -25.32 -12.55
N PHE C 4 3.73 -24.35 -13.44
CA PHE C 4 2.93 -24.30 -14.64
C PHE C 4 3.85 -23.80 -15.74
N GLY C 5 3.89 -24.53 -16.84
CA GLY C 5 4.59 -24.03 -17.98
C GLY C 5 3.77 -24.27 -19.23
N ILE C 6 3.98 -23.42 -20.22
CA ILE C 6 3.36 -23.61 -21.49
C ILE C 6 4.33 -23.09 -22.53
N TRP C 7 4.42 -23.81 -23.63
CA TRP C 7 5.27 -23.41 -24.74
C TRP C 7 4.44 -23.29 -26.02
N GLY C 8 4.50 -22.11 -26.65
CA GLY C 8 3.91 -21.94 -27.96
C GLY C 8 2.56 -21.24 -27.95
N HIS C 9 2.51 -20.04 -27.38
CA HIS C 9 1.26 -19.35 -27.16
C HIS C 9 1.56 -17.87 -26.98
N GLU C 10 0.99 -17.04 -27.85
CA GLU C 10 1.19 -15.58 -27.79
C GLU C 10 1.10 -15.01 -26.39
N GLU C 11 0.15 -15.53 -25.63
CA GLU C 11 -0.17 -14.99 -24.32
C GLU C 11 0.29 -15.96 -23.25
N ALA C 12 1.43 -16.59 -23.46
CA ALA C 12 1.94 -17.61 -22.54
C ALA C 12 1.97 -17.08 -21.11
N PRO C 13 2.34 -15.80 -20.94
CA PRO C 13 2.40 -15.32 -19.56
C PRO C 13 1.03 -15.13 -18.90
N GLN C 14 0.03 -14.77 -19.69
CA GLN C 14 -1.33 -14.62 -19.18
C GLN C 14 -1.86 -16.00 -18.79
N ILE C 15 -1.72 -16.95 -19.71
CA ILE C 15 -2.14 -18.31 -19.46
C ILE C 15 -1.49 -18.82 -18.19
N THR C 16 -0.23 -18.46 -17.99
CA THR C 16 0.50 -18.91 -16.81
C THR C 16 -0.08 -18.32 -15.54
N TYR C 17 -0.46 -17.04 -15.60
CA TYR C 17 -1.17 -16.35 -14.52
C TYR C 17 -2.40 -17.19 -14.12
N TYR C 18 -3.18 -17.57 -15.12
CA TYR C 18 -4.43 -18.25 -14.86
C TYR C 18 -4.16 -19.67 -14.40
N GLY C 19 -3.24 -20.37 -15.08
CA GLY C 19 -2.86 -21.69 -14.66
C GLY C 19 -2.36 -21.65 -13.22
N LEU C 20 -1.52 -20.67 -12.91
CA LEU C 20 -0.86 -20.63 -11.62
C LEU C 20 -1.89 -20.33 -10.56
N HIS C 21 -2.86 -19.50 -10.96
CA HIS C 21 -3.99 -19.14 -10.15
C HIS C 21 -4.76 -20.36 -9.69
N SER C 22 -5.10 -21.22 -10.65
CA SER C 22 -5.76 -22.47 -10.34
C SER C 22 -4.91 -23.36 -9.42
N LEU C 23 -3.60 -23.10 -9.34
CA LEU C 23 -2.76 -23.83 -8.40
C LEU C 23 -2.41 -23.02 -7.16
N GLN C 24 -3.01 -21.82 -7.03
CA GLN C 24 -2.75 -20.97 -5.90
C GLN C 24 -2.86 -21.66 -4.52
N HIS C 25 -3.67 -22.70 -4.39
CA HIS C 25 -3.86 -23.40 -3.10
C HIS C 25 -2.60 -24.09 -2.64
N ARG C 26 -1.72 -24.39 -3.60
CA ARG C 26 -0.46 -25.11 -3.37
C ARG C 26 0.46 -24.37 -2.42
N GLY C 27 0.34 -23.04 -2.40
CA GLY C 27 1.00 -22.20 -1.42
C GLY C 27 0.78 -20.74 -1.80
N GLN C 28 0.88 -19.84 -0.83
CA GLN C 28 0.60 -18.45 -1.13
C GLN C 28 1.69 -17.52 -0.68
N GLU C 29 2.90 -18.05 -0.53
CA GLU C 29 3.97 -17.32 0.08
C GLU C 29 4.85 -16.67 -0.94
N GLY C 30 4.57 -16.90 -2.20
CA GLY C 30 5.17 -16.10 -3.25
C GLY C 30 4.66 -16.61 -4.58
N ALA C 31 5.14 -16.05 -5.68
CA ALA C 31 4.70 -16.46 -7.02
C ALA C 31 5.55 -15.75 -8.05
N GLY C 32 5.74 -16.37 -9.21
CA GLY C 32 6.49 -15.72 -10.27
C GLY C 32 6.28 -16.34 -11.63
N ILE C 33 6.44 -15.54 -12.67
CA ILE C 33 6.36 -16.03 -14.02
C ILE C 33 7.61 -15.56 -14.74
N VAL C 34 8.20 -16.43 -15.54
CA VAL C 34 9.25 -16.00 -16.45
C VAL C 34 8.80 -16.41 -17.85
N ALA C 35 8.98 -15.52 -18.81
CA ALA C 35 8.47 -15.74 -20.16
C ALA C 35 9.55 -15.38 -21.16
N THR C 36 9.48 -16.01 -22.34
CA THR C 36 10.47 -15.79 -23.39
C THR C 36 9.78 -15.52 -24.73
N ASP C 37 10.31 -14.56 -25.47
CA ASP C 37 9.85 -14.31 -26.82
C ASP C 37 10.70 -15.03 -27.86
N GLY C 38 11.84 -15.57 -27.43
CA GLY C 38 12.76 -16.20 -28.36
C GLY C 38 14.12 -15.56 -28.26
N GLU C 39 14.16 -14.32 -27.76
CA GLU C 39 15.38 -13.53 -27.66
C GLU C 39 15.68 -13.30 -26.18
N LYS C 40 14.76 -12.61 -25.53
CA LYS C 40 14.99 -12.13 -24.17
C LYS C 40 14.04 -12.92 -23.26
N LEU C 41 14.43 -13.09 -22.00
CA LEU C 41 13.49 -13.59 -20.99
C LEU C 41 13.04 -12.43 -20.11
N THR C 42 11.73 -12.26 -20.03
CA THR C 42 11.09 -11.31 -19.13
C THR C 42 10.62 -12.04 -17.88
N ALA C 43 10.46 -11.32 -16.78
CA ALA C 43 10.10 -11.97 -15.53
C ALA C 43 9.53 -11.03 -14.48
N HIS C 44 8.33 -11.31 -13.98
CA HIS C 44 7.99 -10.69 -12.74
C HIS C 44 7.59 -11.73 -11.71
N LYS C 45 7.96 -11.47 -10.45
CA LYS C 45 7.73 -12.40 -9.37
C LYS C 45 7.76 -11.61 -8.08
N GLY C 46 7.01 -12.07 -7.08
CA GLY C 46 7.06 -11.46 -5.76
C GLY C 46 6.51 -12.36 -4.67
N GLN C 47 6.49 -11.85 -3.45
CA GLN C 47 5.88 -12.56 -2.34
C GLN C 47 4.37 -12.37 -2.35
N GLY C 48 3.69 -13.17 -1.51
CA GLY C 48 2.24 -13.14 -1.48
C GLY C 48 1.53 -13.89 -2.60
N LEU C 49 0.23 -13.64 -2.73
CA LEU C 49 -0.58 -14.29 -3.75
C LEU C 49 -0.27 -13.79 -5.14
N ILE C 50 -0.77 -14.50 -6.14
CA ILE C 50 -0.51 -14.15 -7.52
C ILE C 50 -1.07 -12.78 -7.84
N THR C 51 -2.19 -12.46 -7.21
CA THR C 51 -2.85 -11.17 -7.42
C THR C 51 -2.17 -10.05 -6.63
N GLU C 52 -1.71 -10.33 -5.40
CA GLU C 52 -0.84 -9.39 -4.71
C GLU C 52 0.45 -9.13 -5.51
N VAL C 53 0.83 -10.06 -6.38
CA VAL C 53 2.08 -9.95 -7.10
C VAL C 53 1.83 -9.25 -8.42
N PHE C 54 0.67 -9.48 -9.02
CA PHE C 54 0.32 -8.80 -10.27
C PHE C 54 -0.87 -7.83 -10.17
N GLN C 55 -0.68 -6.67 -10.79
CA GLN C 55 -1.39 -5.44 -10.45
C GLN C 55 -0.86 -4.92 -9.12
N ASN C 56 0.41 -5.25 -8.88
CA ASN C 56 1.27 -4.70 -7.83
C ASN C 56 2.68 -4.88 -8.41
N GLY C 57 2.77 -4.58 -9.70
CA GLY C 57 3.84 -5.08 -10.55
C GLY C 57 3.09 -5.64 -11.74
N GLU C 58 3.33 -5.09 -12.93
CA GLU C 58 2.44 -5.34 -14.07
C GLU C 58 2.68 -6.65 -14.81
N LEU C 59 1.59 -7.33 -15.13
CA LEU C 59 1.63 -8.55 -15.95
C LEU C 59 1.94 -8.18 -17.41
N SER C 60 1.61 -6.96 -17.81
CA SER C 60 1.88 -6.47 -19.14
C SER C 60 3.39 -6.44 -19.51
N LYS C 61 4.22 -6.10 -18.51
CA LYS C 61 5.69 -6.11 -18.64
C LYS C 61 6.25 -7.47 -19.07
N VAL C 62 5.74 -8.55 -18.47
CA VAL C 62 6.17 -9.89 -18.82
C VAL C 62 5.43 -10.37 -20.08
N LYS C 63 6.19 -10.62 -21.13
CA LYS C 63 5.60 -10.96 -22.42
C LYS C 63 6.40 -12.13 -22.99
N GLY C 64 5.77 -12.96 -23.82
CA GLY C 64 6.45 -14.08 -24.44
C GLY C 64 5.58 -15.10 -25.17
N LYS C 65 6.18 -16.24 -25.52
CA LYS C 65 5.49 -17.31 -26.23
C LYS C 65 5.72 -18.62 -25.42
N GLY C 66 6.58 -18.52 -24.44
CA GLY C 66 6.69 -19.61 -23.51
C GLY C 66 6.84 -18.98 -22.17
N ALA C 67 6.34 -19.67 -21.14
CA ALA C 67 6.61 -19.22 -19.81
C ALA C 67 6.53 -20.38 -18.88
N ILE C 68 7.21 -20.22 -17.75
CA ILE C 68 7.10 -21.15 -16.65
C ILE C 68 6.85 -20.29 -15.43
N GLY C 69 6.10 -20.83 -14.51
CA GLY C 69 5.72 -20.06 -13.36
C GLY C 69 5.64 -21.01 -12.20
N HIS C 70 5.73 -20.43 -11.03
CA HIS C 70 5.82 -21.20 -9.82
C HIS C 70 4.98 -20.52 -8.75
N VAL C 71 4.32 -21.31 -7.93
CA VAL C 71 3.60 -20.81 -6.79
C VAL C 71 4.21 -21.45 -5.54
N ARG C 72 4.71 -20.63 -4.64
CA ARG C 72 5.52 -21.13 -3.55
C ARG C 72 4.76 -21.25 -2.25
N TYR C 73 4.89 -22.40 -1.62
CA TYR C 73 4.38 -22.63 -0.26
C TYR C 73 5.53 -22.24 0.66
N ALA C 74 5.24 -21.77 1.87
CA ALA C 74 6.33 -21.52 2.79
C ALA C 74 5.93 -21.53 4.25
N THR C 75 6.92 -21.87 5.07
CA THR C 75 6.83 -21.90 6.52
C THR C 75 7.35 -20.56 6.98
N GLY C 80 11.83 -14.54 1.92
CA GLY C 80 12.74 -13.60 1.34
C GLY C 80 12.46 -13.68 -0.14
N TYR C 81 12.49 -12.54 -0.83
CA TYR C 81 12.24 -12.49 -2.26
C TYR C 81 13.20 -13.43 -3.02
N GLU C 82 14.43 -13.54 -2.55
CA GLU C 82 15.45 -14.36 -3.20
C GLU C 82 15.01 -15.82 -3.48
N ASN C 83 14.03 -16.29 -2.71
CA ASN C 83 13.55 -17.68 -2.74
C ASN C 83 12.29 -17.87 -3.59
N VAL C 84 11.70 -16.77 -4.02
CA VAL C 84 10.49 -16.85 -4.80
C VAL C 84 10.91 -17.29 -6.19
N GLN C 85 10.26 -18.34 -6.69
CA GLN C 85 10.64 -18.84 -8.01
C GLN C 85 9.60 -18.45 -9.03
N PRO C 86 9.91 -18.65 -10.34
CA PRO C 86 11.13 -19.28 -10.88
C PRO C 86 12.39 -18.51 -10.49
N LEU C 87 13.53 -19.21 -10.45
CA LEU C 87 14.85 -18.58 -10.41
C LEU C 87 15.33 -18.31 -11.82
N LEU C 88 15.79 -17.09 -12.08
CA LEU C 88 16.27 -16.73 -13.40
C LEU C 88 17.72 -16.38 -13.31
N PHE C 89 18.47 -16.86 -14.31
CA PHE C 89 19.92 -16.63 -14.39
C PHE C 89 20.28 -16.17 -15.75
N ARG C 90 21.12 -15.16 -15.78
CA ARG C 90 21.60 -14.68 -17.07
C ARG C 90 23.10 -14.82 -17.20
N SER C 91 23.59 -14.71 -18.43
CA SER C 91 25.00 -14.86 -18.68
C SER C 91 25.43 -14.04 -19.88
N GLN C 92 26.72 -13.73 -19.92
CA GLN C 92 27.31 -12.89 -20.96
C GLN C 92 27.19 -13.51 -22.34
N ASN C 93 27.49 -14.81 -22.41
CA ASN C 93 27.76 -15.46 -23.69
C ASN C 93 26.80 -16.61 -23.95
N ASN C 94 26.18 -17.09 -22.88
CA ASN C 94 25.48 -18.38 -22.90
C ASN C 94 23.98 -18.22 -22.67
N GLY C 95 23.47 -16.98 -22.77
CA GLY C 95 22.06 -16.75 -22.57
C GLY C 95 21.53 -17.16 -21.19
N SER C 96 20.23 -17.44 -21.12
CA SER C 96 19.55 -17.50 -19.85
C SER C 96 18.91 -18.80 -19.48
N LEU C 97 18.72 -18.95 -18.20
CA LEU C 97 18.12 -20.16 -17.65
C LEU C 97 17.24 -19.82 -16.44
N ALA C 98 15.96 -20.21 -16.57
CA ALA C 98 15.00 -20.15 -15.48
C ALA C 98 14.58 -21.54 -15.08
N LEU C 99 14.41 -21.72 -13.78
CA LEU C 99 14.19 -23.02 -13.21
C LEU C 99 13.17 -22.89 -12.12
N ALA C 100 12.29 -23.89 -12.01
CA ALA C 100 11.30 -23.94 -10.92
C ALA C 100 11.13 -25.37 -10.49
N HIS C 101 11.02 -25.57 -9.19
CA HIS C 101 11.03 -26.88 -8.58
C HIS C 101 9.77 -27.08 -7.74
N ASN C 102 9.23 -28.28 -7.70
CA ASN C 102 8.25 -28.64 -6.69
C ASN C 102 8.68 -30.01 -6.14
N GLY C 103 8.98 -30.05 -4.85
CA GLY C 103 9.42 -31.30 -4.26
C GLY C 103 10.48 -30.98 -3.22
N ASN C 104 11.39 -31.90 -2.95
CA ASN C 104 12.49 -31.59 -2.06
C ASN C 104 13.64 -32.55 -2.31
N LEU C 105 14.86 -32.01 -2.34
CA LEU C 105 16.07 -32.81 -2.61
C LEU C 105 16.69 -33.25 -1.30
N VAL C 106 16.57 -34.54 -1.07
CA VAL C 106 16.94 -35.16 0.19
C VAL C 106 18.48 -35.26 0.40
N ASN C 107 19.24 -34.88 -0.62
CA ASN C 107 20.69 -34.80 -0.53
C ASN C 107 21.24 -33.38 -0.77
N ALA C 108 20.36 -32.38 -0.83
CA ALA C 108 20.75 -30.98 -1.09
C ALA C 108 21.89 -30.44 -0.19
N THR C 109 21.86 -30.77 1.09
CA THR C 109 22.95 -30.40 2.00
C THR C 109 24.30 -30.91 1.47
N GLN C 110 24.40 -32.23 1.24
CA GLN C 110 25.56 -32.85 0.61
C GLN C 110 25.98 -31.98 -0.56
N LEU C 111 25.11 -31.86 -1.56
CA LEU C 111 25.53 -31.25 -2.83
C LEU C 111 26.01 -29.81 -2.66
N LYS C 112 25.38 -29.09 -1.73
CA LYS C 112 25.71 -27.67 -1.53
C LYS C 112 27.15 -27.56 -1.08
N GLN C 113 27.53 -28.35 -0.08
CA GLN C 113 28.93 -28.35 0.34
C GLN C 113 29.90 -28.71 -0.73
N GLN C 114 29.63 -29.76 -1.47
CA GLN C 114 30.48 -30.11 -2.59
C GLN C 114 30.59 -28.97 -3.57
N LEU C 115 29.46 -28.36 -3.93
CA LEU C 115 29.46 -27.28 -4.89
C LEU C 115 30.11 -26.02 -4.32
N GLU C 116 30.05 -25.88 -3.00
CA GLU C 116 30.64 -24.75 -2.30
C GLU C 116 32.14 -24.94 -2.21
N ASN C 117 32.55 -26.19 -1.99
CA ASN C 117 33.98 -26.55 -2.02
C ASN C 117 34.59 -26.42 -3.38
N GLN C 118 33.77 -26.58 -4.42
CA GLN C 118 34.23 -26.28 -5.77
C GLN C 118 34.14 -24.80 -6.11
N GLY C 119 33.60 -23.98 -5.21
CA GLY C 119 33.65 -22.54 -5.43
C GLY C 119 32.35 -21.89 -5.88
N SER C 120 31.24 -22.59 -5.66
CA SER C 120 29.94 -22.02 -5.90
C SER C 120 29.52 -21.15 -4.73
N ILE C 121 28.94 -20.00 -5.08
CA ILE C 121 28.26 -19.14 -4.10
C ILE C 121 26.76 -19.41 -4.16
N PHE C 122 26.15 -19.58 -3.00
CA PHE C 122 24.68 -19.71 -2.94
C PHE C 122 23.91 -18.49 -2.38
N GLN C 123 22.96 -18.01 -3.19
CA GLN C 123 22.28 -16.75 -2.93
C GLN C 123 20.83 -16.92 -2.49
N THR C 124 20.26 -18.07 -2.81
CA THR C 124 18.93 -18.43 -2.33
C THR C 124 19.05 -19.61 -1.38
N SER C 125 17.92 -20.05 -0.84
CA SER C 125 17.90 -21.21 0.05
C SER C 125 17.32 -22.42 -0.68
N SER C 126 17.01 -22.27 -1.97
CA SER C 126 16.27 -23.27 -2.72
C SER C 126 17.11 -24.39 -3.31
N ASP C 127 16.46 -25.55 -3.39
CA ASP C 127 16.96 -26.68 -4.13
C ASP C 127 17.10 -26.28 -5.58
N THR C 128 16.19 -25.46 -6.09
CA THR C 128 16.24 -25.12 -7.50
C THR C 128 17.64 -24.60 -7.91
N GLU C 129 18.31 -23.94 -6.97
CA GLU C 129 19.58 -23.27 -7.23
C GLU C 129 20.69 -24.31 -7.35
N VAL C 130 20.60 -25.33 -6.50
CA VAL C 130 21.50 -26.43 -6.59
C VAL C 130 21.52 -27.04 -7.98
N LEU C 131 20.34 -27.31 -8.53
CA LEU C 131 20.26 -27.78 -9.91
C LEU C 131 20.97 -26.82 -10.87
N ALA C 132 20.78 -25.51 -10.67
CA ALA C 132 21.38 -24.51 -11.54
C ALA C 132 22.91 -24.62 -11.49
N HIS C 133 23.44 -24.86 -10.29
CA HIS C 133 24.86 -24.96 -10.12
C HIS C 133 25.44 -26.23 -10.72
N LEU C 134 24.77 -27.37 -10.51
CA LEU C 134 25.18 -28.60 -11.16
C LEU C 134 25.18 -28.43 -12.66
N ILE C 135 24.16 -27.81 -13.21
CA ILE C 135 24.11 -27.64 -14.64
C ILE C 135 25.32 -26.85 -15.16
N LYS C 136 25.66 -25.77 -14.47
CA LYS C 136 26.72 -24.86 -14.91
C LYS C 136 28.06 -25.59 -14.85
N ARG C 137 28.37 -26.05 -13.64
CA ARG C 137 29.57 -26.83 -13.37
C ARG C 137 29.42 -28.27 -13.81
N SER C 138 29.03 -28.45 -15.06
CA SER C 138 28.85 -29.77 -15.64
C SER C 138 29.67 -29.71 -16.90
N GLY C 139 30.21 -30.87 -17.24
CA GLY C 139 31.07 -30.96 -18.40
C GLY C 139 30.42 -30.89 -19.76
N HIS C 140 29.23 -31.47 -19.93
CA HIS C 140 28.72 -31.76 -21.29
C HIS C 140 28.50 -30.56 -22.20
N PHE C 141 28.50 -30.84 -23.50
CA PHE C 141 28.42 -29.78 -24.51
C PHE C 141 27.07 -29.08 -24.45
N THR C 142 26.00 -29.86 -24.46
CA THR C 142 24.66 -29.30 -24.49
C THR C 142 24.02 -29.21 -23.11
N LEU C 143 23.04 -28.33 -23.01
CA LEU C 143 22.24 -28.20 -21.82
C LEU C 143 21.42 -29.46 -21.52
N LYS C 144 20.76 -29.98 -22.56
CA LYS C 144 19.96 -31.18 -22.40
C LYS C 144 20.76 -32.20 -21.59
N ASP C 145 22.04 -32.33 -21.98
CA ASP C 145 22.93 -33.29 -21.39
C ASP C 145 23.43 -32.89 -20.01
N GLN C 146 23.75 -31.61 -19.86
CA GLN C 146 24.12 -31.04 -18.56
C GLN C 146 23.03 -31.29 -17.52
N ILE C 147 21.80 -31.09 -17.96
CA ILE C 147 20.66 -31.34 -17.11
C ILE C 147 20.54 -32.84 -16.78
N LYS C 148 20.49 -33.70 -17.80
CA LYS C 148 20.36 -35.14 -17.55
C LYS C 148 21.41 -35.60 -16.55
N ASN C 149 22.64 -35.14 -16.76
CA ASN C 149 23.76 -35.48 -15.90
C ASN C 149 23.46 -34.96 -14.48
N SER C 150 23.05 -33.71 -14.41
CA SER C 150 22.82 -33.09 -13.11
C SER C 150 21.70 -33.82 -12.36
N LEU C 151 20.69 -34.21 -13.12
CA LEU C 151 19.48 -34.76 -12.54
C LEU C 151 19.84 -36.02 -11.82
N SER C 152 20.67 -36.80 -12.47
CA SER C 152 21.03 -38.11 -11.95
C SER C 152 21.81 -38.04 -10.63
N MET C 153 22.23 -36.84 -10.24
CA MET C 153 22.90 -36.68 -8.96
C MET C 153 21.98 -36.27 -7.82
N LEU C 154 20.76 -35.88 -8.17
CA LEU C 154 19.75 -35.45 -7.20
C LEU C 154 19.09 -36.64 -6.55
N LYS C 155 18.85 -36.55 -5.25
CA LYS C 155 18.07 -37.53 -4.51
C LYS C 155 16.83 -36.88 -3.86
N GLY C 156 15.65 -37.47 -4.06
CA GLY C 156 14.44 -36.95 -3.47
C GLY C 156 13.29 -36.73 -4.46
N ALA C 157 12.40 -35.81 -4.10
CA ALA C 157 11.26 -35.51 -4.91
C ALA C 157 11.59 -34.29 -5.72
N TYR C 158 11.30 -34.34 -7.00
CA TYR C 158 11.47 -33.15 -7.81
C TYR C 158 10.72 -33.18 -9.11
N ALA C 159 9.85 -32.19 -9.30
CA ALA C 159 9.34 -31.86 -10.60
C ALA C 159 9.97 -30.52 -10.95
N PHE C 160 10.56 -30.47 -12.14
CA PHE C 160 11.36 -29.34 -12.53
C PHE C 160 10.81 -28.80 -13.81
N LEU C 161 10.65 -27.49 -13.83
CA LEU C 161 10.45 -26.77 -15.06
C LEU C 161 11.69 -25.94 -15.29
N ILE C 162 12.22 -25.99 -16.49
CA ILE C 162 13.42 -25.25 -16.81
C ILE C 162 13.21 -24.63 -18.17
N MET C 163 13.66 -23.39 -18.35
CA MET C 163 13.63 -22.81 -19.67
C MET C 163 14.53 -21.66 -19.94
N THR C 164 14.83 -21.57 -21.24
CA THR C 164 15.82 -20.70 -21.81
C THR C 164 15.05 -19.97 -22.90
N GLU C 165 15.77 -19.12 -23.61
CA GLU C 165 15.25 -18.41 -24.77
C GLU C 165 14.55 -19.34 -25.77
N THR C 166 15.00 -20.60 -25.86
CA THR C 166 14.69 -21.40 -27.04
C THR C 166 13.87 -22.66 -26.77
N GLU C 167 13.87 -23.07 -25.50
CA GLU C 167 13.25 -24.33 -25.13
C GLU C 167 12.66 -24.29 -23.76
N MET C 168 11.85 -25.31 -23.52
CA MET C 168 11.41 -25.67 -22.20
C MET C 168 11.73 -27.14 -21.94
N ILE C 169 12.23 -27.37 -20.74
CA ILE C 169 12.66 -28.68 -20.36
C ILE C 169 12.02 -29.00 -19.02
N VAL C 170 11.41 -30.18 -18.98
CA VAL C 170 10.58 -30.62 -17.87
C VAL C 170 11.18 -31.96 -17.45
N ALA C 171 11.23 -32.20 -16.16
CA ALA C 171 11.75 -33.47 -15.69
C ALA C 171 11.10 -33.88 -14.36
N LEU C 172 10.84 -35.17 -14.20
CA LEU C 172 10.22 -35.68 -12.97
C LEU C 172 11.08 -36.73 -12.33
N ASP C 173 11.27 -36.68 -11.01
CA ASP C 173 12.10 -37.66 -10.32
C ASP C 173 11.61 -39.06 -10.59
N PRO C 174 12.53 -40.02 -10.55
CA PRO C 174 12.16 -41.35 -11.02
C PRO C 174 11.27 -42.12 -10.08
N ASN C 175 10.82 -41.46 -9.01
CA ASN C 175 9.74 -42.06 -8.23
C ASN C 175 8.40 -41.45 -8.54
N GLY C 176 8.41 -40.35 -9.31
CA GLY C 176 7.20 -39.62 -9.56
C GLY C 176 6.41 -39.36 -8.29
N LEU C 177 7.13 -38.88 -7.26
CA LEU C 177 6.55 -38.49 -5.98
C LEU C 177 5.54 -37.32 -6.05
N ARG C 178 5.85 -36.30 -6.85
CA ARG C 178 4.89 -35.23 -7.13
C ARG C 178 4.23 -35.46 -8.46
N PRO C 179 2.98 -35.02 -8.58
CA PRO C 179 2.36 -35.18 -9.89
C PRO C 179 2.98 -34.20 -10.90
N LEU C 180 2.92 -34.54 -12.17
CA LEU C 180 3.25 -33.58 -13.21
C LEU C 180 2.59 -34.10 -14.47
N SER C 181 1.86 -33.25 -15.19
CA SER C 181 1.12 -33.68 -16.37
C SER C 181 1.33 -32.78 -17.56
N ILE C 182 0.94 -33.27 -18.72
CA ILE C 182 1.16 -32.53 -19.95
C ILE C 182 -0.21 -32.34 -20.58
N GLY C 183 -0.40 -31.19 -21.23
CA GLY C 183 -1.64 -30.95 -21.92
C GLY C 183 -1.37 -30.16 -23.15
N MET C 184 -2.41 -30.00 -23.94
CA MET C 184 -2.30 -29.34 -25.23
C MET C 184 -3.28 -28.18 -25.25
N MET C 185 -2.81 -27.03 -25.72
CA MET C 185 -3.72 -25.94 -26.09
C MET C 185 -3.53 -25.67 -27.57
N GLY C 186 -4.21 -26.45 -28.38
CA GLY C 186 -4.01 -26.34 -29.82
C GLY C 186 -2.70 -27.02 -30.09
N ASP C 187 -1.72 -26.22 -30.47
CA ASP C 187 -0.41 -26.77 -30.71
C ASP C 187 0.51 -26.51 -29.55
N ALA C 188 0.06 -25.72 -28.57
CA ALA C 188 0.85 -25.44 -27.38
C ALA C 188 0.96 -26.62 -26.47
N TYR C 189 2.01 -26.62 -25.68
CA TYR C 189 2.23 -27.69 -24.74
C TYR C 189 2.18 -27.07 -23.36
N VAL C 190 1.62 -27.81 -22.44
CA VAL C 190 1.33 -27.24 -21.16
C VAL C 190 1.69 -28.26 -20.13
N VAL C 191 2.25 -27.78 -19.03
CA VAL C 191 2.76 -28.70 -18.03
C VAL C 191 2.42 -28.11 -16.70
N ALA C 192 1.87 -28.92 -15.81
CA ALA C 192 1.33 -28.38 -14.57
C ALA C 192 1.43 -29.42 -13.47
N SER C 193 1.57 -28.98 -12.21
CA SER C 193 1.52 -29.88 -11.05
C SER C 193 0.21 -30.65 -10.96
N GLU C 194 -0.90 -29.98 -11.28
CA GLU C 194 -2.22 -30.56 -11.19
C GLU C 194 -2.96 -30.35 -12.52
N THR C 195 -3.92 -31.25 -12.82
CA THR C 195 -4.70 -31.12 -14.05
C THR C 195 -5.72 -29.96 -13.99
N CYS C 196 -6.12 -29.54 -12.79
CA CYS C 196 -7.14 -28.50 -12.70
C CYS C 196 -6.71 -27.23 -13.43
N ALA C 197 -5.43 -26.92 -13.38
CA ALA C 197 -4.83 -25.93 -14.25
C ALA C 197 -5.24 -26.04 -15.73
N PHE C 198 -5.42 -27.24 -16.24
CA PHE C 198 -5.79 -27.43 -17.65
C PHE C 198 -7.26 -27.01 -17.86
N ASP C 199 -8.13 -27.62 -17.05
CA ASP C 199 -9.54 -27.26 -16.97
C ASP C 199 -9.69 -25.73 -17.03
N VAL C 200 -9.03 -25.06 -16.10
CA VAL C 200 -9.09 -23.63 -15.96
C VAL C 200 -8.62 -22.80 -17.17
N VAL C 201 -7.60 -23.28 -17.89
CA VAL C 201 -7.06 -22.48 -19.00
C VAL C 201 -7.50 -22.96 -20.39
N GLY C 202 -8.31 -24.02 -20.46
CA GLY C 202 -8.69 -24.54 -21.75
C GLY C 202 -7.71 -25.55 -22.34
N ALA C 203 -6.90 -26.17 -21.50
CA ALA C 203 -5.95 -27.16 -21.99
C ALA C 203 -6.60 -28.55 -21.96
N THR C 204 -6.24 -29.37 -22.94
CA THR C 204 -6.59 -30.78 -22.96
C THR C 204 -5.50 -31.63 -22.32
N TYR C 205 -5.90 -32.56 -21.46
CA TYR C 205 -4.98 -33.57 -20.91
C TYR C 205 -4.38 -34.38 -22.03
N LEU C 206 -3.07 -34.63 -21.88
CA LEU C 206 -2.32 -35.48 -22.78
C LEU C 206 -1.91 -36.73 -22.03
N ARG C 207 -1.05 -36.57 -21.03
CA ARG C 207 -0.59 -37.68 -20.21
C ARG C 207 0.22 -37.15 -19.08
N GLU C 208 0.61 -38.05 -18.20
CA GLU C 208 1.55 -37.69 -17.14
C GLU C 208 2.96 -37.78 -17.71
N VAL C 209 3.81 -36.91 -17.18
CA VAL C 209 5.25 -37.05 -17.31
C VAL C 209 5.67 -38.27 -16.48
N GLU C 210 6.47 -39.13 -17.10
CA GLU C 210 6.86 -40.41 -16.52
C GLU C 210 7.97 -40.19 -15.49
N PRO C 211 7.91 -40.87 -14.33
CA PRO C 211 9.00 -40.74 -13.36
C PRO C 211 10.35 -41.11 -14.00
N GLY C 212 11.33 -40.23 -13.89
CA GLY C 212 12.59 -40.47 -14.54
C GLY C 212 12.52 -40.04 -16.01
N GLU C 213 11.49 -39.33 -16.44
CA GLU C 213 11.44 -38.85 -17.81
C GLU C 213 11.84 -37.39 -17.90
N MET C 214 12.19 -36.95 -19.09
CA MET C 214 12.59 -35.59 -19.31
C MET C 214 12.07 -35.20 -20.68
N LEU C 215 11.48 -34.02 -20.73
CA LEU C 215 10.82 -33.56 -21.94
C LEU C 215 11.60 -32.37 -22.39
N ILE C 216 11.77 -32.25 -23.69
CA ILE C 216 12.37 -31.05 -24.23
C ILE C 216 11.36 -30.59 -25.22
N ILE C 217 10.87 -29.37 -25.00
CA ILE C 217 9.81 -28.81 -25.80
C ILE C 217 10.35 -27.53 -26.38
N ASN C 218 10.06 -27.29 -27.65
CA ASN C 218 10.62 -26.16 -28.40
C ASN C 218 9.71 -25.97 -29.60
N ASP C 219 10.09 -25.07 -30.49
CA ASP C 219 9.22 -24.68 -31.57
C ASP C 219 8.93 -25.78 -32.61
N GLU C 220 9.54 -26.95 -32.47
CA GLU C 220 9.33 -28.01 -33.43
C GLU C 220 8.79 -29.23 -32.73
N GLY C 221 8.58 -29.09 -31.42
CA GLY C 221 7.77 -30.05 -30.72
C GLY C 221 8.37 -30.53 -29.42
N MET C 222 7.92 -31.69 -28.99
CA MET C 222 8.37 -32.23 -27.73
C MET C 222 9.11 -33.53 -27.96
N LYS C 223 10.20 -33.73 -27.23
CA LYS C 223 10.87 -35.00 -27.25
C LYS C 223 11.14 -35.49 -25.83
N SER C 224 10.99 -36.79 -25.66
CA SER C 224 11.16 -37.42 -24.38
C SER C 224 12.51 -38.16 -24.34
N GLU C 225 13.07 -38.33 -23.14
CA GLU C 225 14.39 -38.91 -22.98
C GLU C 225 14.40 -39.33 -21.53
N ARG C 226 14.91 -40.52 -21.26
CA ARG C 226 15.10 -40.96 -19.87
C ARG C 226 16.36 -40.42 -19.28
N PHE C 227 16.40 -40.38 -17.96
CA PHE C 227 17.61 -40.02 -17.26
C PHE C 227 17.75 -40.96 -16.06
N SER C 228 16.83 -41.92 -15.97
CA SER C 228 16.90 -42.96 -14.96
C SER C 228 16.07 -44.14 -15.42
N MET C 229 16.76 -45.16 -15.93
CA MET C 229 16.05 -46.25 -16.60
C MET C 229 15.22 -47.02 -15.60
N ASN C 230 15.78 -47.27 -14.43
CA ASN C 230 15.03 -47.97 -13.39
C ASN C 230 14.23 -46.97 -12.56
N ILE C 231 12.92 -47.17 -12.51
CA ILE C 231 12.01 -46.26 -11.83
C ILE C 231 11.23 -47.05 -10.78
N ASN C 232 10.88 -46.36 -9.69
CA ASN C 232 10.12 -47.02 -8.64
C ASN C 232 8.93 -46.15 -8.19
N ARG C 233 7.82 -46.28 -8.93
CA ARG C 233 6.53 -45.56 -8.70
C ARG C 233 6.10 -45.44 -7.22
N SER C 234 6.13 -44.22 -6.69
CA SER C 234 5.57 -43.96 -5.35
C SER C 234 5.08 -42.51 -5.17
N ILE C 235 3.95 -42.22 -5.81
CA ILE C 235 3.36 -40.88 -5.76
C ILE C 235 2.86 -40.57 -4.35
N CYS C 236 3.10 -39.32 -3.91
CA CYS C 236 2.65 -38.86 -2.61
C CYS C 236 1.16 -39.18 -2.37
N SER C 237 0.87 -39.84 -1.26
CA SER C 237 -0.51 -40.21 -0.94
C SER C 237 -1.37 -38.96 -0.59
N MET C 238 -0.73 -37.98 0.05
CA MET C 238 -1.41 -36.80 0.50
C MET C 238 -1.92 -35.99 -0.64
N GLU C 239 -1.28 -36.04 -1.79
CA GLU C 239 -1.84 -35.40 -2.96
C GLU C 239 -3.27 -35.84 -3.17
N TYR C 240 -3.52 -37.14 -2.95
CA TYR C 240 -4.83 -37.74 -3.12
C TYR C 240 -5.75 -37.42 -1.94
N ILE C 241 -5.21 -37.52 -0.73
CA ILE C 241 -5.98 -37.43 0.49
C ILE C 241 -6.43 -35.97 0.79
N TYR C 242 -5.58 -35.04 0.43
CA TYR C 242 -5.65 -33.72 0.99
C TYR C 242 -5.18 -32.59 0.02
N PHE C 243 -4.01 -32.77 -0.57
CA PHE C 243 -3.25 -31.66 -1.07
C PHE C 243 -3.68 -31.16 -2.44
N SER C 244 -4.15 -32.03 -3.32
CA SER C 244 -4.55 -31.54 -4.63
C SER C 244 -5.97 -30.98 -4.64
N ARG C 245 -6.32 -30.31 -5.72
CA ARG C 245 -7.66 -29.75 -5.81
C ARG C 245 -8.62 -30.81 -6.31
N PRO C 246 -9.90 -30.72 -5.88
CA PRO C 246 -10.78 -31.87 -6.09
C PRO C 246 -11.16 -32.06 -7.52
N ASP C 247 -10.98 -31.03 -8.32
CA ASP C 247 -11.20 -31.18 -9.75
C ASP C 247 -10.06 -31.73 -10.56
N SER C 248 -8.92 -31.95 -9.89
CA SER C 248 -7.74 -32.59 -10.47
C SER C 248 -7.82 -34.12 -10.48
N ASN C 249 -7.31 -34.69 -11.55
CA ASN C 249 -7.19 -36.13 -11.70
C ASN C 249 -5.73 -36.46 -11.61
N ILE C 250 -5.32 -37.02 -10.49
CA ILE C 250 -3.97 -37.56 -10.37
C ILE C 250 -3.85 -38.90 -11.07
N ASP C 251 -3.17 -38.92 -12.21
CA ASP C 251 -2.99 -40.15 -12.96
C ASP C 251 -4.34 -40.66 -13.41
N GLY C 252 -5.16 -39.78 -13.96
CA GLY C 252 -6.45 -40.20 -14.46
C GLY C 252 -7.48 -40.57 -13.39
N ILE C 253 -7.11 -40.66 -12.13
CA ILE C 253 -8.07 -40.89 -11.03
C ILE C 253 -8.44 -39.53 -10.46
N ASN C 254 -9.73 -39.19 -10.49
CA ASN C 254 -10.20 -37.86 -10.01
C ASN C 254 -10.09 -37.72 -8.51
N VAL C 255 -9.61 -36.56 -8.06
CA VAL C 255 -9.31 -36.37 -6.64
C VAL C 255 -10.58 -36.27 -5.80
N HIS C 256 -11.65 -35.71 -6.38
CA HIS C 256 -12.90 -35.67 -5.64
C HIS C 256 -13.39 -37.11 -5.47
N SER C 257 -13.62 -37.76 -6.60
CA SER C 257 -14.03 -39.18 -6.65
C SER C 257 -13.21 -40.09 -5.71
N ALA C 258 -11.89 -39.95 -5.74
CA ALA C 258 -11.02 -40.74 -4.90
C ALA C 258 -11.31 -40.54 -3.44
N ARG C 259 -11.41 -39.26 -3.06
CA ARG C 259 -11.65 -38.87 -1.68
C ARG C 259 -13.05 -39.28 -1.23
N LYS C 260 -13.99 -39.22 -2.14
CA LYS C 260 -15.32 -39.76 -1.87
C LYS C 260 -15.29 -41.27 -1.61
N ASN C 261 -14.49 -42.01 -2.38
CA ASN C 261 -14.37 -43.44 -2.14
C ASN C 261 -13.65 -43.77 -0.88
N LEU C 262 -12.74 -42.88 -0.50
CA LEU C 262 -12.14 -42.98 0.81
C LEU C 262 -13.19 -42.84 1.92
N GLY C 263 -14.23 -42.04 1.66
CA GLY C 263 -15.38 -41.99 2.54
C GLY C 263 -16.16 -43.30 2.57
N LYS C 264 -16.52 -43.82 1.40
CA LYS C 264 -17.14 -45.13 1.30
C LYS C 264 -16.35 -46.20 2.02
N MET C 265 -15.03 -46.12 1.89
CA MET C 265 -14.16 -47.06 2.58
C MET C 265 -14.26 -46.92 4.08
N LEU C 266 -14.21 -45.70 4.55
CA LEU C 266 -14.38 -45.45 5.98
C LEU C 266 -15.72 -46.04 6.48
N ALA C 267 -16.76 -45.91 5.66
CA ALA C 267 -18.10 -46.34 6.04
C ALA C 267 -18.15 -47.87 6.13
N GLN C 268 -17.45 -48.54 5.21
CA GLN C 268 -17.33 -49.98 5.23
C GLN C 268 -16.45 -50.52 6.35
N GLU C 269 -15.47 -49.74 6.79
CA GLU C 269 -14.59 -50.20 7.83
C GLU C 269 -15.17 -50.01 9.24
N SER C 270 -15.72 -48.82 9.48
CA SER C 270 -16.11 -48.45 10.84
C SER C 270 -17.35 -47.61 10.81
N ALA C 271 -18.42 -48.14 10.24
CA ALA C 271 -19.73 -47.53 10.41
C ALA C 271 -20.11 -47.46 11.90
N VAL C 272 -20.80 -46.37 12.24
CA VAL C 272 -21.34 -46.14 13.57
C VAL C 272 -22.74 -45.58 13.37
N GLU C 273 -23.55 -45.63 14.41
CA GLU C 273 -24.91 -45.14 14.34
C GLU C 273 -24.99 -43.68 14.77
N ALA C 274 -25.54 -42.84 13.88
CA ALA C 274 -25.47 -41.41 14.04
C ALA C 274 -26.57 -40.69 13.28
N ASP C 275 -26.66 -39.37 13.44
CA ASP C 275 -27.75 -38.58 12.86
C ASP C 275 -27.41 -37.72 11.66
N VAL C 276 -26.21 -37.17 11.67
CA VAL C 276 -25.72 -36.32 10.58
C VAL C 276 -24.26 -36.58 10.30
N VAL C 277 -23.85 -36.41 9.04
CA VAL C 277 -22.43 -36.44 8.68
C VAL C 277 -22.00 -35.08 8.22
N THR C 278 -21.00 -34.51 8.86
CA THR C 278 -20.41 -33.28 8.36
C THR C 278 -18.96 -33.48 7.92
N GLY C 279 -18.57 -32.78 6.85
CA GLY C 279 -17.16 -32.64 6.56
C GLY C 279 -16.62 -31.38 7.21
N VAL C 280 -15.34 -31.13 7.01
CA VAL C 280 -14.70 -29.89 7.38
C VAL C 280 -14.37 -29.12 6.10
N PRO C 281 -14.96 -27.94 5.93
CA PRO C 281 -14.54 -27.18 4.75
C PRO C 281 -13.15 -26.58 4.90
N ASP C 282 -12.31 -26.79 3.90
CA ASP C 282 -12.66 -27.53 2.70
C ASP C 282 -11.93 -28.83 2.58
N SER C 283 -11.13 -29.15 3.60
CA SER C 283 -10.21 -30.26 3.53
C SER C 283 -10.96 -31.58 3.31
N SER C 284 -12.14 -31.77 3.89
CA SER C 284 -12.74 -33.10 3.93
C SER C 284 -14.16 -33.19 3.55
N ILE C 285 -14.55 -32.35 2.59
CA ILE C 285 -15.92 -32.33 2.09
C ILE C 285 -16.20 -33.57 1.26
N SER C 286 -15.34 -33.89 0.30
CA SER C 286 -15.58 -35.06 -0.53
C SER C 286 -15.61 -36.39 0.25
N ALA C 287 -14.71 -36.55 1.22
CA ALA C 287 -14.75 -37.73 2.07
C ALA C 287 -16.12 -37.81 2.77
N ALA C 288 -16.50 -36.73 3.43
CA ALA C 288 -17.78 -36.65 4.12
C ALA C 288 -18.97 -37.02 3.22
N ILE C 289 -19.01 -36.47 2.00
CA ILE C 289 -20.09 -36.77 1.07
C ILE C 289 -20.16 -38.29 0.83
N GLY C 290 -19.00 -38.86 0.52
CA GLY C 290 -18.89 -40.30 0.31
C GLY C 290 -19.33 -41.14 1.51
N TYR C 291 -18.86 -40.76 2.70
CA TYR C 291 -19.24 -41.45 3.94
C TYR C 291 -20.75 -41.46 4.16
N ALA C 292 -21.34 -40.26 4.17
CA ALA C 292 -22.80 -40.11 4.31
C ALA C 292 -23.53 -41.00 3.31
N GLU C 293 -23.13 -40.88 2.04
CA GLU C 293 -23.74 -41.64 0.97
C GLU C 293 -23.70 -43.15 1.16
N ALA C 294 -22.54 -43.65 1.60
CA ALA C 294 -22.43 -45.06 1.98
C ALA C 294 -23.35 -45.42 3.14
N THR C 295 -23.27 -44.69 4.24
CA THR C 295 -23.98 -45.07 5.44
C THR C 295 -25.49 -44.83 5.36
N GLY C 296 -25.90 -43.93 4.46
CA GLY C 296 -27.28 -43.44 4.46
C GLY C 296 -27.59 -42.31 5.42
N ILE C 297 -26.67 -41.98 6.33
CA ILE C 297 -26.83 -40.80 7.17
C ILE C 297 -26.78 -39.50 6.31
N PRO C 298 -27.60 -38.49 6.65
CA PRO C 298 -27.67 -37.30 5.79
C PRO C 298 -26.42 -36.43 5.90
N TYR C 299 -26.00 -35.88 4.76
CA TYR C 299 -24.85 -34.97 4.73
C TYR C 299 -25.40 -33.60 5.10
N GLU C 300 -24.74 -32.97 6.07
CA GLU C 300 -25.06 -31.62 6.47
C GLU C 300 -23.83 -30.70 6.52
N LEU C 301 -24.07 -29.39 6.49
CA LEU C 301 -23.01 -28.43 6.74
C LEU C 301 -22.98 -28.12 8.19
N GLY C 302 -22.34 -28.96 8.98
CA GLY C 302 -22.36 -28.78 10.41
C GLY C 302 -21.17 -27.97 10.84
N LEU C 303 -20.36 -27.56 9.87
CA LEU C 303 -19.20 -26.71 10.16
C LEU C 303 -19.07 -25.73 9.02
N ILE C 304 -18.72 -24.48 9.33
CA ILE C 304 -18.57 -23.43 8.32
C ILE C 304 -17.21 -22.82 8.47
N LYS C 305 -16.56 -22.57 7.33
CA LYS C 305 -15.23 -21.95 7.32
C LYS C 305 -15.45 -20.51 6.87
N ASN C 306 -15.03 -19.57 7.71
CA ASN C 306 -15.09 -18.19 7.28
C ASN C 306 -14.18 -17.89 6.10
N ARG C 307 -14.81 -17.42 5.03
CA ARG C 307 -14.21 -17.22 3.72
C ARG C 307 -13.13 -16.11 3.73
N TYR C 308 -13.06 -15.32 4.79
CA TYR C 308 -12.26 -14.10 4.73
C TYR C 308 -11.22 -14.09 5.82
N VAL C 309 -10.77 -15.25 6.25
CA VAL C 309 -9.81 -15.26 7.34
C VAL C 309 -8.38 -15.34 6.75
N GLY C 310 -8.01 -14.32 5.96
CA GLY C 310 -6.66 -14.19 5.42
C GLY C 310 -5.57 -13.87 6.43
N ARG C 311 -4.35 -13.62 5.96
CA ARG C 311 -3.28 -13.25 6.89
C ARG C 311 -3.52 -11.87 7.50
N THR C 312 -4.29 -11.03 6.82
CA THR C 312 -4.70 -9.73 7.36
C THR C 312 -5.53 -9.85 8.66
N PHE C 313 -6.21 -10.96 8.80
CA PHE C 313 -7.16 -11.16 9.88
C PHE C 313 -6.48 -11.11 11.25
N ILE C 314 -7.06 -10.32 12.15
CA ILE C 314 -6.62 -10.21 13.52
C ILE C 314 -7.02 -11.42 14.36
N GLN C 315 -6.02 -12.14 14.85
CA GLN C 315 -6.29 -13.25 15.74
C GLN C 315 -6.97 -12.78 17.00
N PRO C 316 -8.12 -13.36 17.36
CA PRO C 316 -8.68 -13.14 18.70
C PRO C 316 -7.66 -13.41 19.79
N SER C 317 -7.66 -12.56 20.81
CA SER C 317 -6.84 -12.78 21.98
C SER C 317 -7.18 -14.17 22.53
N GLN C 318 -6.21 -14.81 23.16
CA GLN C 318 -6.45 -16.13 23.70
C GLN C 318 -7.55 -16.08 24.75
N ALA C 319 -7.69 -14.94 25.40
CA ALA C 319 -8.75 -14.77 26.38
C ALA C 319 -10.12 -14.75 25.70
N LEU C 320 -10.21 -14.10 24.53
CA LEU C 320 -11.43 -14.06 23.73
C LEU C 320 -11.84 -15.43 23.24
N ARG C 321 -10.85 -16.21 22.82
CA ARG C 321 -11.12 -17.53 22.32
C ARG C 321 -11.68 -18.41 23.45
N GLU C 322 -11.17 -18.22 24.66
CA GLU C 322 -11.75 -18.87 25.84
C GLU C 322 -13.20 -18.45 26.03
N GLN C 323 -13.48 -17.20 25.65
CA GLN C 323 -14.83 -16.61 25.74
C GLN C 323 -15.73 -17.29 24.72
N GLY C 324 -15.17 -17.63 23.57
CA GLY C 324 -15.92 -18.42 22.60
C GLY C 324 -15.85 -17.79 21.23
N VAL C 325 -15.02 -16.79 21.07
CA VAL C 325 -14.83 -16.22 19.75
C VAL C 325 -14.12 -17.26 18.86
N ARG C 326 -14.71 -17.51 17.70
CA ARG C 326 -14.13 -18.44 16.72
C ARG C 326 -13.22 -17.68 15.77
N MET C 327 -12.31 -18.41 15.09
CA MET C 327 -11.48 -17.84 14.04
C MET C 327 -11.96 -18.35 12.70
N LYS C 328 -11.44 -19.48 12.27
CA LYS C 328 -11.67 -19.87 10.89
C LYS C 328 -12.96 -20.65 10.75
N LEU C 329 -13.20 -21.55 11.69
CA LEU C 329 -14.33 -22.46 11.59
C LEU C 329 -15.26 -22.24 12.74
N SER C 330 -16.53 -22.58 12.53
CA SER C 330 -17.46 -22.78 13.64
C SER C 330 -18.49 -23.86 13.31
N ALA C 331 -19.07 -24.39 14.39
CA ALA C 331 -20.08 -25.44 14.32
C ALA C 331 -21.44 -24.82 14.20
N VAL C 332 -22.26 -25.35 13.31
CA VAL C 332 -23.62 -24.89 13.08
C VAL C 332 -24.54 -25.64 14.06
N ARG C 333 -24.92 -25.01 15.17
CA ARG C 333 -25.90 -25.64 16.05
C ARG C 333 -27.30 -25.65 15.49
N GLY C 334 -27.55 -24.75 14.54
CA GLY C 334 -28.74 -24.90 13.71
C GLY C 334 -28.90 -26.28 13.09
N VAL C 335 -27.83 -27.07 13.06
CA VAL C 335 -27.84 -28.31 12.31
C VAL C 335 -27.53 -29.50 13.24
N VAL C 336 -26.66 -29.26 14.22
CA VAL C 336 -26.15 -30.35 15.00
C VAL C 336 -26.79 -30.41 16.36
N GLU C 337 -27.43 -29.31 16.75
CA GLU C 337 -27.99 -29.24 18.08
C GLU C 337 -28.91 -30.43 18.32
N GLY C 338 -28.54 -31.24 19.30
CA GLY C 338 -29.30 -32.42 19.67
C GLY C 338 -29.03 -33.65 18.82
N LYS C 339 -28.17 -33.53 17.81
CA LYS C 339 -27.87 -34.66 16.95
C LYS C 339 -26.60 -35.37 17.41
N ARG C 340 -26.46 -36.63 17.02
CA ARG C 340 -25.16 -37.29 17.10
C ARG C 340 -24.54 -37.34 15.72
N VAL C 341 -23.30 -36.86 15.70
CA VAL C 341 -22.61 -36.36 14.52
C VAL C 341 -21.43 -37.26 14.21
N VAL C 342 -21.30 -37.62 12.94
CA VAL C 342 -20.04 -38.12 12.42
C VAL C 342 -19.33 -36.95 11.76
N MET C 343 -18.16 -36.63 12.28
CA MET C 343 -17.30 -35.65 11.71
C MET C 343 -16.15 -36.32 10.96
N VAL C 344 -16.17 -36.20 9.64
CA VAL C 344 -15.17 -36.77 8.74
C VAL C 344 -14.11 -35.71 8.40
N ASP C 345 -12.83 -36.03 8.63
CA ASP C 345 -11.73 -35.16 8.22
C ASP C 345 -10.74 -35.97 7.38
N ASP C 346 -10.02 -35.29 6.48
CA ASP C 346 -9.05 -35.96 5.63
C ASP C 346 -7.92 -36.62 6.40
N SER C 347 -7.45 -35.97 7.45
CA SER C 347 -6.24 -36.40 8.11
C SER C 347 -6.13 -35.74 9.47
N ILE C 348 -5.21 -36.25 10.28
CA ILE C 348 -4.83 -35.62 11.52
C ILE C 348 -3.30 -35.53 11.52
N VAL C 349 -2.80 -34.41 11.98
CA VAL C 349 -1.36 -34.21 12.01
C VAL C 349 -0.93 -33.91 13.44
N ARG C 350 -1.07 -32.66 13.86
CA ARG C 350 -0.90 -32.28 15.26
C ARG C 350 -2.04 -32.75 16.15
N GLY C 351 -3.24 -32.79 15.58
CA GLY C 351 -4.44 -33.17 16.29
C GLY C 351 -5.22 -31.97 16.83
N THR C 352 -4.65 -30.80 16.65
CA THR C 352 -5.17 -29.63 17.30
C THR C 352 -6.51 -29.20 16.71
N THR C 353 -6.59 -29.26 15.40
CA THR C 353 -7.84 -29.01 14.71
C THR C 353 -9.02 -29.91 15.10
N SER C 354 -8.79 -31.20 15.19
CA SER C 354 -9.87 -32.14 15.44
C SER C 354 -10.39 -31.96 16.87
N ARG C 355 -9.49 -31.62 17.80
CA ARG C 355 -9.90 -31.41 19.17
C ARG C 355 -10.85 -30.20 19.23
N ARG C 356 -10.40 -29.11 18.59
CA ARG C 356 -11.19 -27.90 18.46
C ARG C 356 -12.53 -28.18 17.82
N ILE C 357 -12.52 -28.86 16.69
CA ILE C 357 -13.77 -29.12 16.01
C ILE C 357 -14.71 -29.93 16.89
N VAL C 358 -14.16 -30.90 17.61
CA VAL C 358 -15.00 -31.71 18.50
C VAL C 358 -15.58 -30.80 19.59
N THR C 359 -14.77 -29.90 20.14
CA THR C 359 -15.26 -28.99 21.16
C THR C 359 -16.33 -28.02 20.69
N MET C 360 -16.11 -27.38 19.56
CA MET C 360 -17.14 -26.51 19.01
C MET C 360 -18.46 -27.22 18.79
N LEU C 361 -18.37 -28.45 18.26
CA LEU C 361 -19.54 -29.24 17.90
C LEU C 361 -20.35 -29.58 19.14
N ARG C 362 -19.65 -29.79 20.24
CA ARG C 362 -20.32 -30.07 21.49
C ARG C 362 -20.91 -28.82 22.10
N GLU C 363 -20.23 -27.71 21.85
CA GLU C 363 -20.75 -26.42 22.24
C GLU C 363 -21.90 -25.95 21.37
N ALA C 364 -22.08 -26.52 20.19
CA ALA C 364 -23.31 -26.30 19.39
C ALA C 364 -24.40 -27.32 19.73
N GLY C 365 -24.17 -28.10 20.77
CA GLY C 365 -25.16 -29.05 21.23
C GLY C 365 -25.28 -30.37 20.49
N ALA C 366 -24.21 -30.81 19.81
CA ALA C 366 -24.17 -32.21 19.36
C ALA C 366 -24.06 -33.18 20.56
N THR C 367 -24.86 -34.24 20.54
CA THR C 367 -24.85 -35.22 21.62
C THR C 367 -23.70 -36.25 21.55
N GLU C 368 -23.33 -36.62 20.32
CA GLU C 368 -22.14 -37.43 20.10
C GLU C 368 -21.30 -36.85 18.98
N VAL C 369 -19.98 -36.92 19.13
CA VAL C 369 -19.08 -36.67 18.00
C VAL C 369 -18.19 -37.89 17.67
N HIS C 370 -18.36 -38.42 16.46
CA HIS C 370 -17.63 -39.57 15.98
C HIS C 370 -16.72 -39.10 14.88
N VAL C 371 -15.44 -38.99 15.23
CA VAL C 371 -14.42 -38.54 14.29
C VAL C 371 -13.88 -39.69 13.45
N LYS C 372 -13.98 -39.53 12.13
CA LYS C 372 -13.58 -40.55 11.18
C LYS C 372 -12.66 -39.93 10.14
N ILE C 373 -11.40 -40.39 10.12
CA ILE C 373 -10.33 -39.84 9.30
C ILE C 373 -10.06 -40.70 8.06
N SER C 374 -10.04 -40.08 6.89
CA SER C 374 -9.88 -40.80 5.64
C SER C 374 -8.41 -41.00 5.30
N SER C 375 -7.59 -41.26 6.31
CA SER C 375 -6.17 -41.54 6.10
C SER C 375 -5.74 -42.38 7.28
N PRO C 376 -4.66 -43.17 7.11
CA PRO C 376 -4.05 -43.88 8.23
C PRO C 376 -3.39 -42.84 9.10
N PRO C 377 -3.11 -43.15 10.36
CA PRO C 377 -2.47 -42.15 11.20
C PRO C 377 -1.20 -41.69 10.57
N ILE C 378 -0.84 -40.45 10.86
CA ILE C 378 0.38 -39.91 10.32
C ILE C 378 1.43 -39.84 11.42
N ALA C 379 2.39 -40.79 11.33
CA ALA C 379 3.38 -41.07 12.41
C ALA C 379 4.85 -40.85 12.03
N HIS C 380 5.11 -40.60 10.75
CA HIS C 380 6.49 -40.39 10.26
C HIS C 380 6.58 -39.06 9.48
N PRO C 381 7.76 -38.38 9.52
CA PRO C 381 8.10 -37.18 8.73
C PRO C 381 7.96 -37.33 7.23
N CYS C 382 7.65 -36.24 6.56
CA CYS C 382 7.78 -36.23 5.13
C CYS C 382 9.08 -35.54 4.81
N PHE C 383 9.71 -35.96 3.71
CA PHE C 383 10.97 -35.40 3.29
C PHE C 383 10.90 -34.95 1.88
N TYR C 384 9.70 -34.84 1.32
CA TYR C 384 9.57 -34.66 -0.12
C TYR C 384 8.81 -33.40 -0.50
N GLY C 385 8.84 -32.43 0.42
CA GLY C 385 8.29 -31.12 0.12
C GLY C 385 8.08 -30.35 1.40
N ILE C 386 8.28 -29.03 1.33
CA ILE C 386 7.96 -28.15 2.46
C ILE C 386 6.48 -28.13 2.74
N ASP C 387 5.70 -28.16 1.65
CA ASP C 387 4.23 -28.19 1.73
C ASP C 387 3.72 -29.37 2.56
N THR C 388 4.26 -30.54 2.24
CA THR C 388 3.86 -31.80 2.81
C THR C 388 4.54 -32.11 4.16
N SER C 389 5.73 -31.57 4.39
CA SER C 389 6.43 -31.71 5.69
C SER C 389 5.90 -30.71 6.73
N THR C 390 6.34 -30.89 7.97
CA THR C 390 5.98 -30.00 9.06
C THR C 390 7.00 -30.09 10.21
N HIS C 391 7.16 -28.96 10.91
CA HIS C 391 7.98 -28.82 12.12
C HIS C 391 7.17 -29.14 13.39
N GLU C 392 5.87 -29.21 13.22
CA GLU C 392 4.98 -29.51 14.33
C GLU C 392 5.14 -30.99 14.68
N GLU C 393 5.03 -31.31 15.96
CA GLU C 393 5.09 -32.70 16.39
C GLU C 393 3.84 -33.49 15.97
N LEU C 394 4.06 -34.76 15.62
CA LEU C 394 2.98 -35.63 15.18
C LEU C 394 2.38 -36.42 16.32
N ILE C 395 1.08 -36.29 16.46
CA ILE C 395 0.38 -36.84 17.61
C ILE C 395 0.37 -38.36 17.45
N ALA C 396 0.21 -38.79 16.20
CA ALA C 396 0.08 -40.20 15.83
C ALA C 396 1.39 -40.90 16.04
N SER C 397 2.43 -40.12 16.18
CA SER C 397 3.75 -40.65 16.36
C SER C 397 3.98 -41.14 17.79
N SER C 398 3.19 -40.65 18.74
CA SER C 398 3.43 -40.99 20.15
C SER C 398 2.15 -41.43 20.87
N HIS C 399 1.00 -41.31 20.19
CA HIS C 399 -0.30 -41.61 20.78
C HIS C 399 -0.95 -42.72 19.99
N SER C 400 -1.51 -43.71 20.68
CA SER C 400 -2.29 -44.75 20.01
C SER C 400 -3.59 -44.10 19.55
N VAL C 401 -4.29 -44.75 18.63
CA VAL C 401 -5.55 -44.21 18.17
C VAL C 401 -6.43 -43.82 19.37
N GLU C 402 -6.16 -44.49 20.48
CA GLU C 402 -6.89 -44.24 21.70
C GLU C 402 -6.44 -42.96 22.42
N GLU C 403 -5.15 -42.79 22.61
CA GLU C 403 -4.65 -41.61 23.31
C GLU C 403 -5.01 -40.36 22.55
N ILE C 404 -4.94 -40.45 21.22
CA ILE C 404 -5.55 -39.45 20.35
C ILE C 404 -7.05 -39.28 20.61
N ARG C 405 -7.83 -40.32 20.40
CA ARG C 405 -9.28 -40.23 20.62
C ARG C 405 -9.61 -39.40 21.88
N GLN C 406 -8.97 -39.78 22.99
CA GLN C 406 -9.08 -39.10 24.26
C GLN C 406 -8.61 -37.67 24.17
N GLU C 407 -7.58 -37.41 23.40
CA GLU C 407 -7.06 -36.06 23.30
C GLU C 407 -7.96 -35.10 22.53
N ILE C 408 -8.52 -35.52 21.40
CA ILE C 408 -9.46 -34.67 20.68
C ILE C 408 -10.84 -34.59 21.40
N GLY C 409 -11.10 -35.60 22.23
CA GLY C 409 -12.35 -35.66 22.97
C GLY C 409 -13.48 -36.30 22.18
N ALA C 410 -13.16 -37.05 21.11
CA ALA C 410 -14.21 -37.65 20.29
C ALA C 410 -14.88 -38.77 21.10
N ASP C 411 -16.11 -39.12 20.71
CA ASP C 411 -16.75 -40.33 21.23
C ASP C 411 -16.04 -41.57 20.68
N THR C 412 -15.83 -41.55 19.36
CA THR C 412 -15.05 -42.57 18.71
C THR C 412 -14.11 -41.89 17.72
N LEU C 413 -13.02 -42.58 17.42
CA LEU C 413 -12.05 -42.12 16.41
C LEU C 413 -11.67 -43.30 15.52
N SER C 414 -11.69 -43.09 14.21
CA SER C 414 -11.45 -44.16 13.25
C SER C 414 -10.58 -43.64 12.12
N PHE C 415 -9.42 -44.26 11.92
CA PHE C 415 -8.60 -43.99 10.74
C PHE C 415 -8.85 -45.02 9.65
N LEU C 416 -8.70 -44.60 8.42
CA LEU C 416 -8.71 -45.53 7.32
C LEU C 416 -7.49 -46.42 7.50
N SER C 417 -7.67 -47.70 7.18
CA SER C 417 -6.54 -48.61 7.14
C SER C 417 -5.75 -48.29 5.89
N VAL C 418 -4.60 -48.90 5.78
CA VAL C 418 -3.78 -48.70 4.63
C VAL C 418 -4.39 -49.36 3.40
N GLU C 419 -5.00 -50.52 3.60
CA GLU C 419 -5.61 -51.25 2.50
C GLU C 419 -6.80 -50.46 2.05
N GLY C 420 -7.51 -49.88 3.03
CA GLY C 420 -8.68 -49.07 2.73
C GLY C 420 -8.30 -47.87 1.90
N LEU C 421 -7.21 -47.24 2.32
CA LEU C 421 -6.66 -46.11 1.58
C LEU C 421 -6.29 -46.49 0.15
N LEU C 422 -5.61 -47.62 0.01
CA LEU C 422 -5.10 -48.05 -1.28
C LEU C 422 -6.26 -48.44 -2.17
N LYS C 423 -7.23 -49.09 -1.51
CA LYS C 423 -8.41 -49.63 -2.16
C LYS C 423 -9.29 -48.49 -2.56
N GLY C 424 -9.38 -47.48 -1.69
CA GLY C 424 -10.25 -46.33 -1.92
C GLY C 424 -9.80 -45.50 -3.13
N ILE C 425 -8.51 -45.19 -3.16
CA ILE C 425 -7.93 -44.44 -4.27
C ILE C 425 -8.01 -45.23 -5.53
N GLY C 426 -7.58 -46.49 -5.41
CA GLY C 426 -7.94 -47.47 -6.41
C GLY C 426 -7.01 -47.35 -7.57
N ARG C 427 -5.76 -47.08 -7.20
CA ARG C 427 -4.66 -47.13 -8.13
C ARG C 427 -4.47 -48.61 -8.55
N LYS C 428 -4.21 -48.87 -9.84
CA LYS C 428 -4.10 -50.27 -10.31
C LYS C 428 -2.70 -50.87 -10.38
N TYR C 429 -1.67 -50.12 -10.00
CA TYR C 429 -0.29 -50.53 -10.21
C TYR C 429 0.08 -51.79 -9.46
N ASP C 430 0.89 -52.64 -10.09
CA ASP C 430 1.20 -53.90 -9.46
C ASP C 430 2.40 -53.89 -8.52
N ASP C 431 2.11 -53.61 -7.25
CA ASP C 431 2.99 -53.88 -6.13
C ASP C 431 2.18 -53.63 -4.86
N SER C 432 2.71 -54.06 -3.72
CA SER C 432 2.01 -54.07 -2.43
C SER C 432 1.44 -52.73 -1.97
N ASN C 433 1.75 -51.63 -2.69
CA ASN C 433 1.24 -50.31 -2.33
C ASN C 433 0.92 -49.39 -3.51
N CYS C 434 0.63 -50.01 -4.64
CA CYS C 434 -0.05 -49.34 -5.74
C CYS C 434 0.65 -48.12 -6.30
N GLY C 435 1.96 -48.10 -6.21
CA GLY C 435 2.68 -46.97 -6.75
C GLY C 435 2.45 -45.70 -5.94
N GLN C 436 2.22 -45.83 -4.65
CA GLN C 436 2.08 -44.67 -3.79
C GLN C 436 3.16 -44.71 -2.73
N CYS C 437 3.61 -43.53 -2.34
CA CYS C 437 4.40 -43.38 -1.14
C CYS C 437 3.45 -43.35 0.06
N LEU C 438 3.81 -44.08 1.12
CA LEU C 438 2.99 -44.16 2.32
C LEU C 438 3.88 -43.90 3.51
N ALA C 439 4.98 -43.21 3.26
CA ALA C 439 6.06 -43.11 4.23
C ALA C 439 5.61 -42.54 5.57
N CYS C 440 4.83 -41.46 5.51
CA CYS C 440 4.40 -40.74 6.72
C CYS C 440 3.40 -41.57 7.53
N PHE C 441 2.82 -42.60 6.91
CA PHE C 441 2.00 -43.56 7.66
C PHE C 441 2.84 -44.73 8.13
N THR C 442 3.60 -45.32 7.21
CA THR C 442 4.26 -46.62 7.42
C THR C 442 5.69 -46.53 7.96
N GLY C 443 6.42 -45.48 7.56
CA GLY C 443 7.81 -45.33 7.99
C GLY C 443 8.77 -45.90 6.96
N LYS C 444 8.20 -46.49 5.92
CA LYS C 444 8.95 -47.11 4.87
C LYS C 444 9.07 -46.12 3.72
N TYR C 445 10.17 -45.37 3.71
CA TYR C 445 10.41 -44.35 2.67
C TYR C 445 10.88 -44.96 1.36
N PRO C 446 10.39 -44.42 0.25
CA PRO C 446 10.66 -44.88 -1.12
C PRO C 446 11.98 -44.40 -1.71
N THR C 447 12.73 -43.60 -0.95
CA THR C 447 14.10 -43.23 -1.31
C THR C 447 14.91 -43.26 -0.01
N GLU C 448 16.24 -43.29 -0.12
CA GLU C 448 17.06 -43.36 1.08
C GLU C 448 17.19 -41.97 1.67
N ILE C 449 17.12 -41.97 2.99
CA ILE C 449 17.23 -40.73 3.74
C ILE C 449 18.60 -40.77 4.42
N TYR C 450 19.46 -39.87 3.96
CA TYR C 450 20.82 -39.75 4.45
C TYR C 450 20.87 -39.12 5.84
N GLN C 451 22.05 -39.12 6.45
CA GLN C 451 22.15 -38.61 7.80
C GLN C 451 22.30 -37.10 7.86
N ASP C 452 22.84 -36.52 6.79
CA ASP C 452 22.93 -35.06 6.65
C ASP C 452 21.60 -34.42 6.23
N THR C 453 20.67 -35.22 5.70
CA THR C 453 19.35 -34.77 5.24
C THR C 453 18.62 -33.97 6.32
N VAL C 454 18.28 -32.73 5.98
CA VAL C 454 17.44 -31.88 6.83
C VAL C 454 15.98 -32.01 6.42
N LEU C 455 15.08 -31.82 7.39
CA LEU C 455 13.66 -31.68 7.10
C LEU C 455 13.42 -30.46 6.20
N PRO C 456 12.49 -30.57 5.23
CA PRO C 456 12.31 -29.51 4.23
C PRO C 456 12.21 -28.08 4.79
N HIS C 457 11.56 -27.92 5.96
CA HIS C 457 11.46 -26.61 6.64
C HIS C 457 12.81 -26.08 7.13
N VAL C 458 13.73 -26.99 7.49
CA VAL C 458 15.00 -26.67 8.13
C VAL C 458 15.90 -25.81 7.23
N LYS C 459 15.52 -25.69 5.96
CA LYS C 459 16.20 -24.81 5.03
C LYS C 459 15.55 -23.41 5.02
N CYS D 1 -26.52 -5.91 3.01
CA CYS D 1 -25.80 -5.21 4.12
C CYS D 1 -26.09 -5.95 5.37
N GLY D 2 -25.28 -5.74 6.38
CA GLY D 2 -25.42 -6.52 7.58
C GLY D 2 -25.08 -5.59 8.69
N VAL D 3 -25.72 -5.77 9.83
CA VAL D 3 -25.50 -4.91 10.95
C VAL D 3 -25.31 -5.74 12.20
N PHE D 4 -24.49 -5.25 13.09
CA PHE D 4 -24.16 -5.98 14.30
C PHE D 4 -24.00 -4.91 15.37
N GLY D 5 -24.65 -5.15 16.51
CA GLY D 5 -24.46 -4.25 17.63
C GLY D 5 -24.40 -5.06 18.88
N ILE D 6 -23.68 -4.53 19.85
CA ILE D 6 -23.62 -5.18 21.13
C ILE D 6 -23.46 -4.10 22.17
N TRP D 7 -24.16 -4.29 23.29
CA TRP D 7 -24.12 -3.33 24.39
C TRP D 7 -23.71 -4.05 25.69
N GLY D 8 -22.65 -3.55 26.32
CA GLY D 8 -22.25 -4.01 27.64
C GLY D 8 -21.09 -4.99 27.62
N HIS D 9 -19.96 -4.61 27.04
CA HIS D 9 -18.87 -5.55 26.81
C HIS D 9 -17.59 -4.74 26.63
N GLU D 10 -16.59 -5.00 27.48
CA GLU D 10 -15.32 -4.27 27.44
C GLU D 10 -14.78 -4.14 26.04
N GLU D 11 -14.93 -5.22 25.28
CA GLU D 11 -14.31 -5.35 23.96
C GLU D 11 -15.37 -5.29 22.88
N ALA D 12 -16.40 -4.48 23.11
CA ALA D 12 -17.51 -4.38 22.18
C ALA D 12 -17.03 -4.15 20.74
N PRO D 13 -15.98 -3.33 20.56
CA PRO D 13 -15.56 -3.12 19.16
C PRO D 13 -14.89 -4.33 18.51
N GLN D 14 -14.18 -5.12 19.32
CA GLN D 14 -13.55 -6.35 18.82
C GLN D 14 -14.63 -7.34 18.47
N ILE D 15 -15.56 -7.55 19.40
CA ILE D 15 -16.68 -8.42 19.14
C ILE D 15 -17.38 -8.02 17.87
N THR D 16 -17.49 -6.71 17.64
CA THR D 16 -18.19 -6.23 16.47
C THR D 16 -17.42 -6.59 15.20
N TYR D 17 -16.10 -6.47 15.27
CA TYR D 17 -15.21 -6.87 14.17
C TYR D 17 -15.54 -8.31 13.78
N TYR D 18 -15.62 -9.16 14.80
CA TYR D 18 -15.83 -10.57 14.57
C TYR D 18 -17.25 -10.86 14.12
N GLY D 19 -18.21 -10.22 14.79
CA GLY D 19 -19.58 -10.36 14.37
C GLY D 19 -19.72 -9.91 12.92
N LEU D 20 -19.09 -8.79 12.60
CA LEU D 20 -19.31 -8.17 11.30
C LEU D 20 -18.63 -9.03 10.26
N HIS D 21 -17.50 -9.61 10.68
CA HIS D 21 -16.79 -10.57 9.87
C HIS D 21 -17.65 -11.76 9.43
N SER D 22 -18.32 -12.38 10.38
CA SER D 22 -19.28 -13.42 10.08
C SER D 22 -20.42 -12.95 9.19
N LEU D 23 -20.66 -11.63 9.09
CA LEU D 23 -21.63 -11.12 8.10
C LEU D 23 -21.00 -10.54 6.84
N GLN D 24 -19.69 -10.73 6.68
CA GLN D 24 -18.98 -10.14 5.58
C GLN D 24 -19.56 -10.50 4.20
N HIS D 25 -20.23 -11.64 4.12
CA HIS D 25 -20.83 -12.07 2.85
C HIS D 25 -21.96 -11.17 2.39
N ARG D 26 -22.56 -10.45 3.33
CA ARG D 26 -23.63 -9.50 3.07
C ARG D 26 -23.28 -8.38 2.12
N GLY D 27 -22.00 -8.01 2.11
CA GLY D 27 -21.46 -7.15 1.08
C GLY D 27 -20.06 -6.79 1.48
N GLN D 28 -19.25 -6.39 0.51
CA GLN D 28 -17.84 -6.13 0.78
C GLN D 28 -17.36 -4.77 0.30
N GLU D 29 -18.30 -3.84 0.16
CA GLU D 29 -18.02 -2.57 -0.45
C GLU D 29 -17.72 -1.49 0.56
N GLY D 30 -17.84 -1.82 1.83
CA GLY D 30 -17.32 -0.95 2.86
C GLY D 30 -17.61 -1.63 4.19
N ALA D 31 -17.26 -0.98 5.30
CA ALA D 31 -17.49 -1.53 6.64
C ALA D 31 -17.11 -0.48 7.66
N GLY D 32 -17.75 -0.51 8.83
CA GLY D 32 -17.38 0.44 9.86
C GLY D 32 -17.87 0.02 11.21
N ILE D 33 -17.20 0.47 12.24
CA ILE D 33 -17.63 0.25 13.62
C ILE D 33 -17.64 1.58 14.32
N VAL D 34 -18.66 1.82 15.14
CA VAL D 34 -18.67 2.99 16.02
C VAL D 34 -18.88 2.42 17.42
N ALA D 35 -18.11 2.91 18.38
CA ALA D 35 -18.14 2.38 19.74
C ALA D 35 -18.22 3.53 20.72
N THR D 36 -18.74 3.26 21.91
CA THR D 36 -18.90 4.27 22.95
C THR D 36 -18.42 3.74 24.29
N ASP D 37 -17.70 4.59 25.02
CA ASP D 37 -17.30 4.27 26.39
C ASP D 37 -18.28 4.81 27.43
N GLY D 38 -19.20 5.66 27.00
CA GLY D 38 -20.11 6.31 27.91
C GLY D 38 -20.02 7.82 27.76
N GLU D 39 -18.88 8.29 27.27
CA GLU D 39 -18.58 9.71 27.15
C GLU D 39 -18.47 10.07 25.69
N LYS D 40 -17.50 9.45 25.04
CA LYS D 40 -17.15 9.80 23.66
C LYS D 40 -17.54 8.63 22.75
N LEU D 41 -17.84 8.92 21.49
CA LEU D 41 -17.97 7.86 20.51
C LEU D 41 -16.75 7.86 19.65
N THR D 42 -16.10 6.70 19.57
CA THR D 42 -14.98 6.44 18.67
C THR D 42 -15.48 5.71 17.42
N ALA D 43 -14.75 5.82 16.32
CA ALA D 43 -15.24 5.22 15.10
C ALA D 43 -14.16 5.02 14.04
N HIS D 44 -13.98 3.81 13.55
CA HIS D 44 -13.31 3.71 12.29
C HIS D 44 -14.15 2.97 11.26
N LYS D 45 -14.02 3.37 10.01
CA LYS D 45 -14.80 2.78 8.93
C LYS D 45 -14.06 3.11 7.64
N GLY D 46 -14.22 2.25 6.63
CA GLY D 46 -13.67 2.51 5.32
C GLY D 46 -14.27 1.63 4.24
N GLN D 47 -13.82 1.83 3.00
CA GLN D 47 -14.23 0.99 1.89
C GLN D 47 -13.51 -0.37 1.90
N GLY D 48 -14.01 -1.31 1.10
CA GLY D 48 -13.47 -2.66 1.11
C GLY D 48 -13.93 -3.59 2.22
N LEU D 49 -13.23 -4.72 2.38
CA LEU D 49 -13.54 -5.69 3.41
C LEU D 49 -13.18 -5.19 4.78
N ILE D 50 -13.64 -5.91 5.78
CA ILE D 50 -13.42 -5.53 7.17
C ILE D 50 -11.95 -5.55 7.50
N THR D 51 -11.24 -6.47 6.87
CA THR D 51 -9.79 -6.62 7.06
C THR D 51 -9.01 -5.59 6.26
N GLU D 52 -9.47 -5.27 5.06
CA GLU D 52 -8.90 -4.14 4.33
C GLU D 52 -9.10 -2.84 5.11
N VAL D 53 -10.09 -2.82 6.00
CA VAL D 53 -10.43 -1.59 6.71
C VAL D 53 -9.69 -1.55 8.04
N PHE D 54 -9.50 -2.70 8.65
CA PHE D 54 -8.74 -2.77 9.89
C PHE D 54 -7.42 -3.52 9.78
N GLN D 55 -6.39 -2.92 10.40
CA GLN D 55 -4.98 -3.13 10.06
C GLN D 55 -4.68 -2.45 8.74
N ASN D 56 -5.47 -1.41 8.48
CA ASN D 56 -5.27 -0.42 7.40
C ASN D 56 -5.96 0.83 7.96
N GLY D 57 -5.72 1.03 9.25
CA GLY D 57 -6.56 1.85 10.10
C GLY D 57 -6.81 0.96 11.31
N GLU D 58 -6.39 1.40 12.48
CA GLU D 58 -6.30 0.50 13.64
C GLU D 58 -7.60 0.27 14.39
N LEU D 59 -7.83 -1.00 14.73
CA LEU D 59 -8.96 -1.40 15.55
C LEU D 59 -8.73 -0.96 17.00
N SER D 60 -7.47 -0.84 17.38
CA SER D 60 -7.11 -0.39 18.72
C SER D 60 -7.65 1.02 19.07
N LYS D 61 -7.63 1.92 18.08
CA LYS D 61 -8.16 3.29 18.19
C LYS D 61 -9.63 3.34 18.61
N VAL D 62 -10.45 2.45 18.05
CA VAL D 62 -11.87 2.38 18.40
C VAL D 62 -12.04 1.53 19.66
N LYS D 63 -12.53 2.16 20.72
CA LYS D 63 -12.65 1.50 21.99
C LYS D 63 -14.02 1.81 22.56
N GLY D 64 -14.57 0.92 23.39
CA GLY D 64 -15.85 1.18 24.03
C GLY D 64 -16.49 0.01 24.78
N LYS D 65 -17.76 0.14 25.13
CA LYS D 65 -18.52 -0.89 25.84
C LYS D 65 -19.81 -1.16 25.04
N GLY D 66 -20.02 -0.35 24.02
CA GLY D 66 -21.10 -0.63 23.13
C GLY D 66 -20.58 -0.25 21.77
N ALA D 67 -21.04 -0.98 20.76
CA ALA D 67 -20.73 -0.57 19.41
C ALA D 67 -21.78 -1.09 18.48
N ILE D 68 -21.87 -0.43 17.35
CA ILE D 68 -22.69 -0.87 16.25
C ILE D 68 -21.80 -0.81 15.03
N GLY D 69 -22.03 -1.74 14.12
CA GLY D 69 -21.15 -1.85 12.98
C GLY D 69 -22.01 -2.26 11.82
N HIS D 70 -21.50 -1.95 10.65
CA HIS D 70 -22.27 -2.16 9.45
C HIS D 70 -21.33 -2.69 8.38
N VAL D 71 -21.83 -3.62 7.59
CA VAL D 71 -21.09 -4.12 6.44
C VAL D 71 -21.91 -3.80 5.18
N ARG D 72 -21.34 -3.03 4.29
CA ARG D 72 -22.08 -2.48 3.17
C ARG D 72 -21.96 -3.25 1.86
N TYR D 73 -23.08 -3.56 1.25
CA TYR D 73 -23.11 -4.11 -0.10
C TYR D 73 -23.14 -2.91 -1.03
N ALA D 74 -22.47 -2.94 -2.17
CA ALA D 74 -22.63 -1.80 -3.06
C ALA D 74 -22.70 -2.13 -4.53
N THR D 75 -23.39 -1.26 -5.26
CA THR D 75 -23.50 -1.36 -6.71
C THR D 75 -22.33 -0.68 -7.40
N GLY D 80 -18.33 5.74 -2.42
CA GLY D 80 -17.85 6.94 -1.79
C GLY D 80 -17.74 6.67 -0.32
N TYR D 81 -16.69 7.16 0.31
CA TYR D 81 -16.51 6.92 1.72
C TYR D 81 -17.68 7.49 2.53
N GLU D 82 -18.29 8.57 2.04
CA GLU D 82 -19.42 9.24 2.71
C GLU D 82 -20.60 8.31 2.98
N ASN D 83 -20.70 7.22 2.22
CA ASN D 83 -21.80 6.24 2.26
C ASN D 83 -21.53 4.99 3.12
N VAL D 84 -20.30 4.86 3.58
CA VAL D 84 -19.93 3.72 4.36
C VAL D 84 -20.50 3.95 5.75
N GLN D 85 -21.24 2.98 6.26
CA GLN D 85 -21.83 3.14 7.56
C GLN D 85 -21.09 2.34 8.61
N PRO D 86 -21.44 2.54 9.91
CA PRO D 86 -22.43 3.48 10.47
C PRO D 86 -22.16 4.95 10.06
N LEU D 87 -23.23 5.74 10.00
CA LEU D 87 -23.12 7.20 9.95
C LEU D 87 -23.01 7.73 11.37
N LEU D 88 -22.04 8.60 11.61
CA LEU D 88 -21.88 9.21 12.93
C LEU D 88 -22.08 10.69 12.83
N PHE D 89 -22.81 11.24 13.81
CA PHE D 89 -23.12 12.66 13.87
C PHE D 89 -22.82 13.18 15.24
N ARG D 90 -22.15 14.32 15.25
CA ARG D 90 -21.91 14.99 16.52
C ARG D 90 -22.56 16.36 16.62
N SER D 91 -22.66 16.85 17.85
CA SER D 91 -23.32 18.11 18.11
C SER D 91 -22.71 18.80 19.31
N GLN D 92 -22.88 20.13 19.32
CA GLN D 92 -22.32 20.98 20.36
C GLN D 92 -22.85 20.66 21.75
N ASN D 93 -24.17 20.45 21.83
CA ASN D 93 -24.89 20.50 23.11
C ASN D 93 -25.62 19.19 23.39
N ASN D 94 -25.83 18.41 22.33
CA ASN D 94 -26.78 17.32 22.36
C ASN D 94 -26.08 15.99 22.13
N GLY D 95 -24.74 15.97 22.20
CA GLY D 95 -24.03 14.71 22.02
C GLY D 95 -24.20 14.06 20.66
N SER D 96 -23.98 12.74 20.60
CA SER D 96 -23.79 12.08 19.34
C SER D 96 -24.77 11.01 18.98
N LEU D 97 -24.86 10.75 17.68
CA LEU D 97 -25.76 9.76 17.14
C LEU D 97 -25.10 9.05 15.98
N ALA D 98 -25.00 7.72 16.11
CA ALA D 98 -24.61 6.84 15.03
C ALA D 98 -25.77 5.96 14.64
N LEU D 99 -25.87 5.71 13.34
CA LEU D 99 -27.01 5.00 12.77
C LEU D 99 -26.52 4.07 11.68
N ALA D 100 -27.11 2.87 11.62
CA ALA D 100 -26.84 1.92 10.56
C ALA D 100 -28.11 1.22 10.12
N HIS D 101 -28.25 1.06 8.80
CA HIS D 101 -29.49 0.60 8.19
C HIS D 101 -29.18 -0.66 7.36
N ASN D 102 -30.12 -1.61 7.35
CA ASN D 102 -30.12 -2.67 6.35
C ASN D 102 -31.55 -2.72 5.77
N GLY D 103 -31.68 -2.45 4.50
CA GLY D 103 -33.01 -2.47 3.92
C GLY D 103 -33.08 -1.39 2.87
N ASN D 104 -34.26 -0.89 2.61
CA ASN D 104 -34.39 0.21 1.68
C ASN D 104 -35.70 0.92 1.90
N LEU D 105 -35.66 2.26 1.92
CA LEU D 105 -36.83 3.09 2.20
C LEU D 105 -37.45 3.49 0.88
N VAL D 106 -38.63 2.93 0.67
CA VAL D 106 -39.33 3.00 -0.59
C VAL D 106 -39.99 4.39 -0.81
N ASN D 107 -39.91 5.26 0.21
CA ASN D 107 -40.36 6.66 0.11
C ASN D 107 -39.27 7.68 0.33
N ALA D 108 -38.01 7.24 0.39
CA ALA D 108 -36.84 8.12 0.61
C ALA D 108 -36.75 9.35 -0.30
N THR D 109 -37.03 9.20 -1.57
CA THR D 109 -37.09 10.35 -2.48
C THR D 109 -38.05 11.43 -1.96
N GLN D 110 -39.31 11.05 -1.73
CA GLN D 110 -40.32 11.90 -1.10
C GLN D 110 -39.65 12.63 0.06
N LEU D 111 -39.25 11.88 1.07
CA LEU D 111 -38.82 12.50 2.32
C LEU D 111 -37.63 13.46 2.14
N LYS D 112 -36.72 13.12 1.24
CA LYS D 112 -35.53 13.93 1.03
C LYS D 112 -35.93 15.31 0.56
N GLN D 113 -36.81 15.37 -0.44
CA GLN D 113 -37.33 16.65 -0.88
C GLN D 113 -38.03 17.44 0.20
N GLN D 114 -38.93 16.80 0.93
CA GLN D 114 -39.54 17.48 2.05
C GLN D 114 -38.52 18.02 3.04
N LEU D 115 -37.55 17.20 3.40
CA LEU D 115 -36.51 17.60 4.34
C LEU D 115 -35.59 18.65 3.74
N GLU D 116 -35.45 18.64 2.43
CA GLU D 116 -34.62 19.61 1.71
C GLU D 116 -35.32 20.94 1.60
N ASN D 117 -36.64 20.88 1.43
CA ASN D 117 -37.49 22.07 1.42
C ASN D 117 -37.58 22.69 2.79
N GLN D 118 -37.48 21.87 3.82
CA GLN D 118 -37.35 22.39 5.17
C GLN D 118 -35.93 22.87 5.51
N GLY D 119 -34.97 22.68 4.60
CA GLY D 119 -33.64 23.25 4.78
C GLY D 119 -32.54 22.28 5.21
N SER D 120 -32.80 20.99 5.04
CA SER D 120 -31.80 19.97 5.32
C SER D 120 -30.84 19.88 4.16
N ILE D 121 -29.56 19.77 4.51
CA ILE D 121 -28.52 19.42 3.53
C ILE D 121 -28.19 17.92 3.59
N PHE D 122 -28.12 17.29 2.42
CA PHE D 122 -27.74 15.89 2.39
C PHE D 122 -26.32 15.61 1.84
N GLN D 123 -25.54 14.90 2.63
CA GLN D 123 -24.13 14.73 2.36
C GLN D 123 -23.77 13.32 1.92
N THR D 124 -24.62 12.36 2.27
CA THR D 124 -24.47 10.98 1.82
C THR D 124 -25.61 10.67 0.85
N SER D 125 -25.60 9.45 0.33
CA SER D 125 -26.66 8.99 -0.54
C SER D 125 -27.58 8.02 0.20
N SER D 126 -27.32 7.81 1.49
CA SER D 126 -28.01 6.75 2.25
C SER D 126 -29.39 7.13 2.82
N ASP D 127 -30.24 6.12 2.87
CA ASP D 127 -31.46 6.18 3.66
C ASP D 127 -31.13 6.48 5.11
N THR D 128 -30.03 5.93 5.64
CA THR D 128 -29.72 6.10 7.06
C THR D 128 -29.72 7.58 7.45
N GLU D 129 -29.33 8.44 6.49
CA GLU D 129 -29.18 9.87 6.75
C GLU D 129 -30.56 10.54 6.89
N VAL D 130 -31.49 10.08 6.05
CA VAL D 130 -32.83 10.54 6.11
C VAL D 130 -33.38 10.34 7.50
N LEU D 131 -33.19 9.15 8.07
CA LEU D 131 -33.63 8.89 9.45
C LEU D 131 -32.98 9.88 10.41
N ALA D 132 -31.71 10.19 10.18
CA ALA D 132 -31.00 11.15 11.02
C ALA D 132 -31.66 12.55 10.98
N HIS D 133 -32.07 12.95 9.79
CA HIS D 133 -32.69 14.24 9.60
C HIS D 133 -34.09 14.32 10.20
N LEU D 134 -34.91 13.28 10.00
CA LEU D 134 -36.19 13.23 10.66
C LEU D 134 -36.02 13.31 12.16
N ILE D 135 -35.05 12.61 12.70
CA ILE D 135 -34.89 12.60 14.15
C ILE D 135 -34.59 13.99 14.64
N LYS D 136 -33.71 14.70 13.95
CA LYS D 136 -33.27 16.03 14.37
C LYS D 136 -34.42 17.02 14.31
N ARG D 137 -34.96 17.17 13.11
CA ARG D 137 -36.13 17.98 12.83
C ARG D 137 -37.41 17.32 13.28
N SER D 138 -37.42 16.89 14.54
CA SER D 138 -38.56 16.23 15.13
C SER D 138 -38.83 17.02 16.39
N GLY D 139 -40.11 17.15 16.73
CA GLY D 139 -40.49 17.93 17.88
C GLY D 139 -40.12 17.33 19.22
N HIS D 140 -40.25 16.02 19.40
CA HIS D 140 -40.37 15.45 20.75
C HIS D 140 -39.20 15.71 21.66
N PHE D 141 -39.46 15.64 22.97
CA PHE D 141 -38.46 15.95 23.97
C PHE D 141 -37.32 14.93 23.91
N THR D 142 -37.65 13.64 23.96
CA THR D 142 -36.64 12.58 23.98
C THR D 142 -36.35 12.00 22.60
N LEU D 143 -35.15 11.43 22.50
CA LEU D 143 -34.74 10.71 21.31
C LEU D 143 -35.60 9.48 21.04
N LYS D 144 -35.87 8.70 22.08
CA LYS D 144 -36.69 7.50 21.93
C LYS D 144 -37.93 7.90 21.14
N ASP D 145 -38.46 9.06 21.49
CA ASP D 145 -39.71 9.53 20.93
C ASP D 145 -39.55 10.15 19.55
N GLN D 146 -38.44 10.86 19.37
CA GLN D 146 -38.07 11.40 18.07
C GLN D 146 -37.91 10.31 17.04
N ILE D 147 -37.28 9.24 17.48
CA ILE D 147 -37.11 8.07 16.63
C ILE D 147 -38.45 7.41 16.34
N LYS D 148 -39.23 7.06 17.38
CA LYS D 148 -40.55 6.43 17.14
C LYS D 148 -41.35 7.21 16.13
N ASN D 149 -41.39 8.53 16.33
CA ASN D 149 -42.09 9.44 15.45
C ASN D 149 -41.49 9.38 14.03
N SER D 150 -40.17 9.42 13.92
CA SER D 150 -39.52 9.40 12.62
C SER D 150 -39.78 8.09 11.89
N LEU D 151 -39.77 6.99 12.65
CA LEU D 151 -39.85 5.65 12.09
C LEU D 151 -41.15 5.54 11.36
N SER D 152 -42.19 6.04 12.01
CA SER D 152 -43.55 5.88 11.53
C SER D 152 -43.76 6.66 10.22
N MET D 153 -42.77 7.42 9.82
CA MET D 153 -42.87 8.11 8.54
C MET D 153 -42.17 7.40 7.39
N LEU D 154 -41.38 6.38 7.74
CA LEU D 154 -40.61 5.60 6.78
C LEU D 154 -41.48 4.56 6.13
N LYS D 155 -41.29 4.36 4.83
CA LYS D 155 -41.94 3.27 4.12
C LYS D 155 -40.88 2.34 3.49
N GLY D 156 -40.99 1.04 3.73
CA GLY D 156 -40.11 0.08 3.10
C GLY D 156 -39.49 -0.91 4.09
N ALA D 157 -38.32 -1.41 3.73
CA ALA D 157 -37.61 -2.35 4.56
C ALA D 157 -36.56 -1.58 5.34
N TYR D 158 -36.46 -1.87 6.63
CA TYR D 158 -35.43 -1.25 7.41
C TYR D 158 -35.19 -1.96 8.71
N ALA D 159 -33.96 -2.38 8.92
CA ALA D 159 -33.49 -2.74 10.24
C ALA D 159 -32.45 -1.67 10.57
N PHE D 160 -32.61 -1.08 11.75
CA PHE D 160 -31.87 0.09 12.14
C PHE D 160 -31.17 -0.20 13.44
N LEU D 161 -29.89 0.11 13.46
CA LEU D 161 -29.13 0.18 14.69
C LEU D 161 -28.79 1.66 14.88
N ILE D 162 -29.06 2.16 16.07
CA ILE D 162 -28.80 3.54 16.38
C ILE D 162 -28.12 3.57 17.75
N MET D 163 -27.12 4.42 17.90
CA MET D 163 -26.60 4.61 19.23
C MET D 163 -25.86 5.89 19.50
N THR D 164 -25.87 6.20 20.79
CA THR D 164 -25.41 7.46 21.35
C THR D 164 -24.45 7.03 22.44
N GLU D 165 -23.92 8.02 23.12
CA GLU D 165 -23.10 7.81 24.31
C GLU D 165 -23.70 6.84 25.33
N THR D 166 -25.02 6.79 25.43
CA THR D 166 -25.63 6.19 26.61
C THR D 166 -26.51 4.96 26.36
N GLU D 167 -26.90 4.78 25.09
CA GLU D 167 -27.87 3.75 24.74
C GLU D 167 -27.62 3.22 23.36
N MET D 168 -28.29 2.09 23.13
CA MET D 168 -28.46 1.54 21.80
C MET D 168 -29.95 1.30 21.55
N ILE D 169 -30.35 1.71 20.37
CA ILE D 169 -31.73 1.62 19.96
C ILE D 169 -31.82 0.91 18.63
N VAL D 170 -32.72 -0.07 18.60
CA VAL D 170 -32.81 -1.06 17.52
C VAL D 170 -34.25 -1.00 17.11
N ALA D 171 -34.49 -1.03 15.80
CA ALA D 171 -35.86 -1.01 15.31
C ALA D 171 -36.03 -1.76 13.99
N LEU D 172 -37.14 -2.47 13.84
CA LEU D 172 -37.38 -3.27 12.62
C LEU D 172 -38.69 -2.83 11.98
N ASP D 173 -38.69 -2.67 10.66
CA ASP D 173 -39.91 -2.27 9.95
C ASP D 173 -41.02 -3.24 10.24
N PRO D 174 -42.26 -2.75 10.24
CA PRO D 174 -43.37 -3.57 10.71
C PRO D 174 -43.76 -4.68 9.77
N ASN D 175 -42.99 -4.89 8.69
CA ASN D 175 -43.15 -6.12 7.94
C ASN D 175 -42.12 -7.15 8.28
N GLY D 176 -41.09 -6.73 9.02
CA GLY D 176 -39.92 -7.57 9.28
C GLY D 176 -39.36 -8.21 8.01
N LEU D 177 -39.26 -7.40 6.95
CA LEU D 177 -38.68 -7.80 5.68
C LEU D 177 -37.21 -8.32 5.78
N ARG D 178 -36.39 -7.67 6.59
CA ARG D 178 -35.03 -8.14 6.86
C ARG D 178 -35.00 -8.82 8.18
N PRO D 179 -34.14 -9.82 8.31
CA PRO D 179 -34.08 -10.46 9.62
C PRO D 179 -33.38 -9.53 10.59
N LEU D 180 -33.67 -9.67 11.89
CA LEU D 180 -32.88 -9.04 12.91
C LEU D 180 -33.15 -9.83 14.16
N SER D 181 -32.08 -10.18 14.89
CA SER D 181 -32.22 -11.00 16.09
C SER D 181 -31.42 -10.48 17.26
N ILE D 182 -31.71 -11.03 18.42
CA ILE D 182 -31.12 -10.54 19.65
C ILE D 182 -30.46 -11.73 20.29
N GLY D 183 -29.32 -11.49 20.95
CA GLY D 183 -28.65 -12.55 21.66
C GLY D 183 -28.04 -11.99 22.92
N MET D 184 -27.51 -12.88 23.73
CA MET D 184 -26.91 -12.53 24.99
C MET D 184 -25.45 -13.02 25.01
N MET D 185 -24.54 -12.17 25.44
CA MET D 185 -23.22 -12.61 25.81
C MET D 185 -23.03 -12.32 27.29
N GLY D 186 -23.53 -13.22 28.12
CA GLY D 186 -23.48 -13.00 29.54
C GLY D 186 -24.60 -12.03 29.82
N ASP D 187 -24.21 -10.81 30.19
CA ASP D 187 -25.18 -9.77 30.41
C ASP D 187 -25.26 -8.83 29.24
N ALA D 188 -24.36 -8.98 28.27
CA ALA D 188 -24.39 -8.13 27.09
C ALA D 188 -25.55 -8.48 26.18
N TYR D 189 -25.91 -7.51 25.36
CA TYR D 189 -27.01 -7.68 24.42
C TYR D 189 -26.42 -7.53 23.05
N VAL D 190 -26.89 -8.38 22.14
CA VAL D 190 -26.28 -8.44 20.84
C VAL D 190 -27.36 -8.48 19.82
N VAL D 191 -27.12 -7.82 18.71
CA VAL D 191 -28.16 -7.66 17.72
C VAL D 191 -27.48 -7.75 16.38
N ALA D 192 -28.02 -8.59 15.51
CA ALA D 192 -27.33 -8.94 14.27
C ALA D 192 -28.34 -9.19 13.18
N SER D 193 -27.99 -8.89 11.92
CA SER D 193 -28.83 -9.29 10.76
C SER D 193 -29.08 -10.81 10.68
N GLU D 194 -28.05 -11.60 11.02
CA GLU D 194 -28.09 -13.06 10.95
C GLU D 194 -27.56 -13.67 12.23
N THR D 195 -28.05 -14.88 12.55
CA THR D 195 -27.67 -15.53 13.81
C THR D 195 -26.24 -16.05 13.79
N CYS D 196 -25.71 -16.29 12.58
CA CYS D 196 -24.38 -16.87 12.47
C CYS D 196 -23.37 -16.01 13.21
N ALA D 197 -23.55 -14.70 13.14
CA ALA D 197 -22.80 -13.78 14.00
C ALA D 197 -22.75 -14.17 15.49
N PHE D 198 -23.80 -14.80 15.99
CA PHE D 198 -23.87 -15.18 17.40
C PHE D 198 -22.97 -16.38 17.63
N ASP D 199 -23.22 -17.44 16.85
CA ASP D 199 -22.34 -18.62 16.76
C ASP D 199 -20.85 -18.23 16.81
N VAL D 200 -20.48 -17.36 15.88
CA VAL D 200 -19.12 -16.86 15.73
C VAL D 200 -18.54 -16.12 16.94
N VAL D 201 -19.36 -15.35 17.64
CA VAL D 201 -18.82 -14.54 18.73
C VAL D 201 -19.11 -15.09 20.14
N GLY D 202 -19.79 -16.22 20.21
CA GLY D 202 -20.13 -16.77 21.52
C GLY D 202 -21.43 -16.21 22.12
N ALA D 203 -22.29 -15.67 21.27
CA ALA D 203 -23.56 -15.15 21.76
C ALA D 203 -24.60 -16.26 21.73
N THR D 204 -25.47 -16.28 22.75
CA THR D 204 -26.70 -17.09 22.76
C THR D 204 -27.93 -16.41 22.13
N TYR D 205 -28.64 -17.12 21.28
CA TYR D 205 -29.88 -16.62 20.71
C TYR D 205 -30.84 -16.34 21.83
N LEU D 206 -31.57 -15.23 21.67
CA LEU D 206 -32.64 -14.84 22.57
C LEU D 206 -33.94 -14.89 21.84
N ARG D 207 -34.09 -14.04 20.82
CA ARG D 207 -35.30 -14.02 19.99
C ARG D 207 -35.09 -13.08 18.82
N GLU D 208 -36.09 -13.03 17.95
CA GLU D 208 -36.11 -12.06 16.90
C GLU D 208 -36.67 -10.78 17.44
N VAL D 209 -36.18 -9.69 16.88
CA VAL D 209 -36.83 -8.39 16.99
C VAL D 209 -38.14 -8.44 16.19
N GLU D 210 -39.24 -8.04 16.81
CA GLU D 210 -40.58 -8.11 16.24
C GLU D 210 -40.79 -7.00 15.19
N PRO D 211 -41.42 -7.30 14.06
CA PRO D 211 -41.65 -6.26 13.05
C PRO D 211 -42.46 -5.14 13.67
N GLY D 212 -42.00 -3.90 13.56
CA GLY D 212 -42.70 -2.83 14.21
C GLY D 212 -42.29 -2.71 15.68
N GLU D 213 -41.28 -3.44 16.13
CA GLU D 213 -40.78 -3.28 17.50
C GLU D 213 -39.55 -2.38 17.58
N MET D 214 -39.31 -1.83 18.76
CA MET D 214 -38.17 -0.96 18.97
C MET D 214 -37.57 -1.27 20.34
N LEU D 215 -36.26 -1.40 20.38
CA LEU D 215 -35.59 -1.86 21.58
C LEU D 215 -34.75 -0.70 22.00
N ILE D 216 -34.71 -0.48 23.29
CA ILE D 216 -33.82 0.51 23.83
C ILE D 216 -33.01 -0.27 24.85
N ILE D 217 -31.70 -0.27 24.64
CA ILE D 217 -30.80 -1.05 25.45
C ILE D 217 -29.78 -0.08 26.02
N ASN D 218 -29.47 -0.25 27.28
CA ASN D 218 -28.62 0.69 27.99
C ASN D 218 -28.13 -0.05 29.21
N ASP D 219 -27.43 0.63 30.09
CA ASP D 219 -26.73 -0.04 31.18
C ASP D 219 -27.63 -0.70 32.22
N GLU D 220 -28.94 -0.55 32.10
CA GLU D 220 -29.86 -1.14 33.06
C GLU D 220 -30.81 -2.09 32.36
N GLY D 221 -30.60 -2.25 31.05
CA GLY D 221 -31.20 -3.37 30.36
C GLY D 221 -31.87 -2.96 29.07
N MET D 222 -32.78 -3.82 28.64
CA MET D 222 -33.46 -3.62 27.38
C MET D 222 -34.95 -3.41 27.61
N LYS D 223 -35.52 -2.48 26.86
CA LYS D 223 -36.96 -2.30 26.89
C LYS D 223 -37.51 -2.24 25.48
N SER D 224 -38.69 -2.82 25.34
CA SER D 224 -39.36 -2.91 24.06
C SER D 224 -40.53 -1.92 24.01
N GLU D 225 -40.90 -1.49 22.80
CA GLU D 225 -41.90 -0.46 22.63
C GLU D 225 -42.27 -0.58 21.18
N ARG D 226 -43.56 -0.51 20.90
CA ARG D 226 -44.04 -0.58 19.52
C ARG D 226 -43.98 0.79 18.91
N PHE D 227 -43.98 0.83 17.59
CA PHE D 227 -44.08 2.08 16.89
C PHE D 227 -45.02 1.89 15.70
N SER D 228 -45.59 0.67 15.60
CA SER D 228 -46.58 0.33 14.58
C SER D 228 -47.38 -0.87 15.05
N MET D 229 -48.58 -0.60 15.57
CA MET D 229 -49.33 -1.66 16.27
C MET D 229 -49.74 -2.73 15.27
N ASN D 230 -50.17 -2.30 14.09
CA ASN D 230 -50.56 -3.27 13.07
C ASN D 230 -49.32 -3.64 12.24
N ILE D 231 -49.04 -4.94 12.22
CA ILE D 231 -47.87 -5.48 11.53
C ILE D 231 -48.30 -6.51 10.48
N ASN D 232 -47.54 -6.61 9.40
CA ASN D 232 -47.89 -7.55 8.35
C ASN D 232 -46.66 -8.34 7.92
N ARG D 233 -46.36 -9.39 8.68
CA ARG D 233 -45.25 -10.32 8.45
C ARG D 233 -45.00 -10.69 6.98
N SER D 234 -43.86 -10.26 6.44
CA SER D 234 -43.42 -10.69 5.09
C SER D 234 -41.88 -10.64 4.88
N ILE D 235 -41.20 -11.60 5.51
CA ILE D 235 -39.75 -11.66 5.48
C ILE D 235 -39.29 -12.02 4.08
N CYS D 236 -38.25 -11.35 3.62
CA CYS D 236 -37.63 -11.61 2.33
C CYS D 236 -37.39 -13.13 2.12
N SER D 237 -37.90 -13.65 1.01
CA SER D 237 -37.72 -15.06 0.70
C SER D 237 -36.27 -15.42 0.35
N MET D 238 -35.56 -14.45 -0.23
CA MET D 238 -34.22 -14.66 -0.73
C MET D 238 -33.26 -14.82 0.40
N GLU D 239 -33.58 -14.26 1.55
CA GLU D 239 -32.76 -14.53 2.73
C GLU D 239 -32.64 -16.03 2.96
N TYR D 240 -33.76 -16.73 2.72
CA TYR D 240 -33.85 -18.17 2.92
C TYR D 240 -33.21 -18.92 1.74
N ILE D 241 -33.51 -18.47 0.54
CA ILE D 241 -33.15 -19.18 -0.70
C ILE D 241 -31.63 -19.05 -0.96
N TYR D 242 -31.07 -17.89 -0.64
CA TYR D 242 -29.80 -17.49 -1.21
C TYR D 242 -28.94 -16.64 -0.25
N PHE D 243 -29.53 -15.62 0.33
CA PHE D 243 -28.76 -14.50 0.82
C PHE D 243 -28.14 -14.72 2.19
N SER D 244 -28.79 -15.46 3.07
CA SER D 244 -28.19 -15.64 4.37
C SER D 244 -27.16 -16.76 4.41
N ARG D 245 -26.39 -16.82 5.49
CA ARG D 245 -25.38 -17.86 5.61
C ARG D 245 -26.00 -19.13 6.13
N PRO D 246 -25.48 -20.30 5.69
CA PRO D 246 -26.25 -21.53 5.89
C PRO D 246 -26.28 -21.94 7.34
N ASP D 247 -25.39 -21.36 8.14
CA ASP D 247 -25.43 -21.66 9.57
C ASP D 247 -26.36 -20.78 10.36
N SER D 248 -26.93 -19.79 9.68
CA SER D 248 -27.95 -18.92 10.28
C SER D 248 -29.37 -19.55 10.30
N ASN D 249 -30.09 -19.26 11.38
CA ASN D 249 -31.48 -19.67 11.52
C ASN D 249 -32.34 -18.45 11.40
N ILE D 250 -33.05 -18.32 10.30
CA ILE D 250 -33.98 -17.21 10.16
C ILE D 250 -35.29 -17.59 10.85
N ASP D 251 -35.51 -16.96 11.99
CA ASP D 251 -36.73 -17.22 12.74
C ASP D 251 -36.73 -18.65 13.20
N GLY D 252 -35.61 -19.08 13.77
CA GLY D 252 -35.53 -20.45 14.26
C GLY D 252 -35.49 -21.56 13.21
N ILE D 253 -35.75 -21.24 11.95
CA ILE D 253 -35.58 -22.21 10.86
C ILE D 253 -34.18 -22.06 10.28
N ASN D 254 -33.37 -23.12 10.35
CA ASN D 254 -31.96 -23.12 9.87
C ASN D 254 -31.90 -22.97 8.36
N VAL D 255 -30.99 -22.12 7.88
CA VAL D 255 -30.94 -21.80 6.47
C VAL D 255 -30.38 -22.96 5.64
N HIS D 256 -29.49 -23.74 6.25
CA HIS D 256 -28.99 -24.90 5.52
C HIS D 256 -30.15 -25.85 5.34
N SER D 257 -30.71 -26.26 6.47
CA SER D 257 -31.80 -27.21 6.51
C SER D 257 -32.94 -26.82 5.59
N ALA D 258 -33.29 -25.55 5.59
CA ALA D 258 -34.38 -25.05 4.76
C ALA D 258 -34.08 -25.25 3.31
N ARG D 259 -32.86 -24.85 2.92
CA ARG D 259 -32.41 -24.94 1.55
C ARG D 259 -32.28 -26.43 1.11
N LYS D 260 -31.91 -27.28 2.05
CA LYS D 260 -31.91 -28.69 1.76
C LYS D 260 -33.32 -29.21 1.49
N ASN D 261 -34.30 -28.75 2.28
CA ASN D 261 -35.69 -29.13 2.05
C ASN D 261 -36.25 -28.61 0.77
N LEU D 262 -35.74 -27.45 0.36
CA LEU D 262 -36.07 -26.92 -0.95
C LEU D 262 -35.59 -27.87 -2.04
N GLY D 263 -34.47 -28.55 -1.78
CA GLY D 263 -34.00 -29.58 -2.68
C GLY D 263 -34.93 -30.79 -2.67
N LYS D 264 -35.25 -31.33 -1.50
CA LYS D 264 -36.24 -32.41 -1.40
C LYS D 264 -37.55 -32.05 -2.12
N MET D 265 -37.99 -30.80 -1.98
CA MET D 265 -39.18 -30.32 -2.67
C MET D 265 -39.01 -30.37 -4.16
N LEU D 266 -37.90 -29.83 -4.66
CA LEU D 266 -37.60 -29.94 -6.09
C LEU D 266 -37.64 -31.41 -6.57
N ALA D 267 -37.10 -32.31 -5.74
CA ALA D 267 -37.05 -33.73 -6.10
C ALA D 267 -38.47 -34.32 -6.20
N GLN D 268 -39.34 -33.92 -5.27
CA GLN D 268 -40.73 -34.34 -5.28
C GLN D 268 -41.54 -33.72 -6.41
N GLU D 269 -41.16 -32.53 -6.85
CA GLU D 269 -41.91 -31.88 -7.92
C GLU D 269 -41.53 -32.35 -9.30
N SER D 270 -40.23 -32.47 -9.56
CA SER D 270 -39.77 -32.71 -10.92
C SER D 270 -38.54 -33.57 -10.90
N ALA D 271 -38.66 -34.74 -10.31
CA ALA D 271 -37.59 -35.73 -10.46
C ALA D 271 -37.38 -36.10 -11.97
N VAL D 272 -36.12 -36.35 -12.29
CA VAL D 272 -35.71 -36.77 -13.61
C VAL D 272 -34.66 -37.86 -13.40
N GLU D 273 -34.38 -38.62 -14.44
CA GLU D 273 -33.44 -39.71 -14.34
C GLU D 273 -32.06 -39.28 -14.77
N ALA D 274 -31.10 -39.51 -13.89
CA ALA D 274 -29.78 -38.94 -14.08
C ALA D 274 -28.70 -39.72 -13.31
N ASP D 275 -27.44 -39.33 -13.49
CA ASP D 275 -26.30 -40.03 -12.87
C ASP D 275 -25.60 -39.36 -11.68
N VAL D 276 -25.50 -38.02 -11.72
CA VAL D 276 -24.90 -37.23 -10.62
C VAL D 276 -25.70 -35.95 -10.35
N VAL D 277 -25.68 -35.50 -9.10
CA VAL D 277 -26.25 -34.19 -8.76
C VAL D 277 -25.13 -33.30 -8.27
N THR D 278 -24.96 -32.16 -8.93
CA THR D 278 -24.02 -31.16 -8.45
C THR D 278 -24.75 -29.88 -8.04
N GLY D 279 -24.27 -29.25 -6.97
CA GLY D 279 -24.64 -27.88 -6.71
C GLY D 279 -23.64 -26.93 -7.34
N VAL D 280 -23.87 -25.64 -7.13
CA VAL D 280 -22.95 -24.59 -7.54
C VAL D 280 -22.34 -23.97 -6.31
N PRO D 281 -21.03 -24.05 -6.15
CA PRO D 281 -20.48 -23.42 -4.95
C PRO D 281 -20.44 -21.89 -5.11
N ASP D 282 -20.95 -21.16 -4.13
CA ASP D 282 -21.49 -21.75 -2.91
C ASP D 282 -22.97 -21.52 -2.75
N SER D 283 -23.57 -20.93 -3.78
CA SER D 283 -24.94 -20.54 -3.74
C SER D 283 -25.88 -21.70 -3.51
N SER D 284 -25.62 -22.86 -4.12
CA SER D 284 -26.66 -23.90 -4.11
C SER D 284 -26.21 -25.28 -3.70
N ILE D 285 -25.26 -25.33 -2.80
CA ILE D 285 -24.79 -26.58 -2.26
C ILE D 285 -25.88 -27.25 -1.42
N SER D 286 -26.46 -26.57 -0.44
CA SER D 286 -27.46 -27.23 0.42
C SER D 286 -28.71 -27.72 -0.34
N ALA D 287 -29.17 -26.96 -1.31
CA ALA D 287 -30.24 -27.46 -2.18
C ALA D 287 -29.82 -28.76 -2.88
N ALA D 288 -28.66 -28.74 -3.53
CA ALA D 288 -28.13 -29.91 -4.23
C ALA D 288 -28.00 -31.14 -3.32
N ILE D 289 -27.49 -30.96 -2.09
CA ILE D 289 -27.39 -32.08 -1.16
C ILE D 289 -28.77 -32.68 -0.90
N GLY D 290 -29.74 -31.80 -0.59
CA GLY D 290 -31.12 -32.19 -0.37
C GLY D 290 -31.71 -32.91 -1.55
N TYR D 291 -31.52 -32.38 -2.76
CA TYR D 291 -32.04 -32.99 -3.99
C TYR D 291 -31.50 -34.40 -4.20
N ALA D 292 -30.18 -34.53 -4.21
CA ALA D 292 -29.53 -35.79 -4.36
C ALA D 292 -30.09 -36.78 -3.34
N GLU D 293 -30.12 -36.37 -2.07
CA GLU D 293 -30.58 -37.22 -0.99
C GLU D 293 -32.03 -37.74 -1.18
N ALA D 294 -32.91 -36.85 -1.60
CA ALA D 294 -34.25 -37.25 -2.00
C ALA D 294 -34.25 -38.26 -3.15
N THR D 295 -33.64 -37.90 -4.28
CA THR D 295 -33.72 -38.74 -5.47
C THR D 295 -32.92 -40.04 -5.36
N GLY D 296 -31.94 -40.11 -4.46
CA GLY D 296 -31.02 -41.23 -4.47
C GLY D 296 -29.81 -41.14 -5.42
N ILE D 297 -29.85 -40.22 -6.37
CA ILE D 297 -28.67 -39.88 -7.18
C ILE D 297 -27.49 -39.33 -6.34
N PRO D 298 -26.26 -39.73 -6.67
CA PRO D 298 -25.13 -39.36 -5.81
C PRO D 298 -24.80 -37.88 -5.95
N TYR D 299 -24.47 -37.26 -4.82
CA TYR D 299 -24.01 -35.86 -4.81
C TYR D 299 -22.54 -35.89 -5.15
N GLU D 300 -22.18 -35.07 -6.15
CA GLU D 300 -20.78 -34.87 -6.53
C GLU D 300 -20.40 -33.38 -6.61
N LEU D 301 -19.11 -33.09 -6.55
CA LEU D 301 -18.61 -31.74 -6.82
C LEU D 301 -18.33 -31.60 -8.29
N GLY D 302 -19.36 -31.35 -9.05
CA GLY D 302 -19.16 -31.33 -10.48
C GLY D 302 -18.79 -29.94 -10.92
N LEU D 303 -18.72 -29.03 -9.98
CA LEU D 303 -18.36 -27.64 -10.30
C LEU D 303 -17.48 -27.17 -9.16
N ILE D 304 -16.44 -26.41 -9.50
CA ILE D 304 -15.51 -25.86 -8.52
C ILE D 304 -15.44 -24.35 -8.67
N LYS D 305 -15.48 -23.65 -7.54
CA LYS D 305 -15.36 -22.19 -7.51
C LYS D 305 -13.95 -21.85 -7.08
N ASN D 306 -13.23 -21.11 -7.92
CA ASN D 306 -11.93 -20.70 -7.50
C ASN D 306 -11.97 -19.74 -6.33
N ARG D 307 -11.26 -20.14 -5.28
CA ARG D 307 -11.28 -19.49 -3.96
C ARG D 307 -10.63 -18.08 -3.96
N TYR D 308 -9.94 -17.73 -5.03
CA TYR D 308 -9.10 -16.54 -4.97
C TYR D 308 -9.47 -15.55 -6.06
N VAL D 309 -10.71 -15.57 -6.52
CA VAL D 309 -11.07 -14.70 -7.63
C VAL D 309 -11.68 -13.41 -7.07
N GLY D 310 -10.89 -12.71 -6.24
CA GLY D 310 -11.27 -11.39 -5.71
C GLY D 310 -11.33 -10.28 -6.74
N ARG D 311 -11.55 -9.05 -6.30
CA ARG D 311 -11.60 -7.93 -7.23
C ARG D 311 -10.23 -7.62 -7.84
N THR D 312 -9.17 -8.05 -7.16
CA THR D 312 -7.80 -7.98 -7.70
C THR D 312 -7.62 -8.78 -8.99
N PHE D 313 -8.40 -9.84 -9.12
CA PHE D 313 -8.25 -10.80 -10.19
C PHE D 313 -8.45 -10.14 -11.58
N ILE D 314 -7.49 -10.40 -12.47
CA ILE D 314 -7.58 -9.95 -13.84
C ILE D 314 -8.55 -10.79 -14.68
N GLN D 315 -9.59 -10.13 -15.18
CA GLN D 315 -10.52 -10.78 -16.06
C GLN D 315 -9.85 -11.27 -17.33
N PRO D 316 -9.98 -12.55 -17.63
CA PRO D 316 -9.56 -13.00 -18.96
C PRO D 316 -10.16 -12.12 -20.06
N SER D 317 -9.37 -11.82 -21.09
CA SER D 317 -9.89 -11.18 -22.27
C SER D 317 -11.06 -11.99 -22.80
N GLN D 318 -12.02 -11.33 -23.45
CA GLN D 318 -13.15 -12.05 -23.98
C GLN D 318 -12.71 -13.09 -25.01
N ALA D 319 -11.60 -12.80 -25.69
CA ALA D 319 -11.05 -13.75 -26.66
C ALA D 319 -10.52 -15.02 -25.96
N LEU D 320 -9.91 -14.84 -24.79
CA LEU D 320 -9.42 -15.94 -23.97
C LEU D 320 -10.57 -16.82 -23.47
N ARG D 321 -11.65 -16.17 -23.09
CA ARG D 321 -12.78 -16.90 -22.60
C ARG D 321 -13.39 -17.74 -23.70
N GLU D 322 -13.40 -17.21 -24.92
CA GLU D 322 -13.78 -18.00 -26.08
C GLU D 322 -12.85 -19.19 -26.24
N GLN D 323 -11.59 -18.99 -25.86
CA GLN D 323 -10.56 -20.04 -25.93
C GLN D 323 -10.84 -21.12 -24.90
N GLY D 324 -11.40 -20.69 -23.77
CA GLY D 324 -11.88 -21.64 -22.79
C GLY D 324 -11.34 -21.32 -21.43
N VAL D 325 -10.72 -20.18 -21.28
CA VAL D 325 -10.21 -19.79 -19.99
C VAL D 325 -11.42 -19.51 -19.09
N ARG D 326 -11.43 -20.13 -17.91
CA ARG D 326 -12.52 -19.96 -16.95
C ARG D 326 -12.13 -18.85 -16.00
N MET D 327 -13.12 -18.25 -15.34
CA MET D 327 -12.91 -17.26 -14.28
C MET D 327 -13.19 -17.88 -12.95
N LYS D 328 -14.45 -17.81 -12.52
CA LYS D 328 -14.73 -18.18 -11.14
C LYS D 328 -14.97 -19.67 -10.99
N LEU D 329 -15.72 -20.23 -11.92
CA LEU D 329 -16.16 -21.62 -11.80
C LEU D 329 -15.64 -22.41 -12.97
N SER D 330 -15.46 -23.70 -12.74
CA SER D 330 -15.32 -24.64 -13.83
C SER D 330 -15.95 -25.98 -13.49
N ALA D 331 -16.25 -26.72 -14.56
CA ALA D 331 -16.86 -28.03 -14.44
C ALA D 331 -15.78 -29.09 -14.29
N VAL D 332 -15.99 -30.02 -13.38
CA VAL D 332 -15.08 -31.13 -13.19
C VAL D 332 -15.44 -32.27 -14.17
N ARG D 333 -14.70 -32.41 -15.28
CA ARG D 333 -14.92 -33.57 -16.14
C ARG D 333 -14.43 -34.89 -15.56
N GLY D 334 -13.51 -34.79 -14.62
CA GLY D 334 -13.21 -35.91 -13.77
C GLY D 334 -14.43 -36.57 -13.15
N VAL D 335 -15.55 -35.86 -13.15
CA VAL D 335 -16.72 -36.28 -12.38
C VAL D 335 -17.93 -36.46 -13.29
N VAL D 336 -18.02 -35.57 -14.27
CA VAL D 336 -19.23 -35.47 -15.08
C VAL D 336 -19.05 -36.10 -16.44
N GLU D 337 -17.81 -36.34 -16.81
CA GLU D 337 -17.54 -36.85 -18.13
C GLU D 337 -18.31 -38.16 -18.35
N GLY D 338 -19.17 -38.13 -19.37
CA GLY D 338 -20.00 -39.25 -19.72
C GLY D 338 -21.21 -39.43 -18.83
N LYS D 339 -21.40 -38.59 -17.81
CA LYS D 339 -22.59 -38.68 -16.96
C LYS D 339 -23.72 -37.76 -17.44
N ARG D 340 -24.96 -38.11 -17.06
CA ARG D 340 -26.03 -37.15 -17.14
C ARG D 340 -26.30 -36.57 -15.76
N VAL D 341 -26.27 -35.23 -15.78
CA VAL D 341 -26.09 -34.36 -14.60
C VAL D 341 -27.36 -33.56 -14.28
N VAL D 342 -27.76 -33.59 -13.02
CA VAL D 342 -28.69 -32.59 -12.48
C VAL D 342 -27.86 -31.51 -11.82
N MET D 343 -27.99 -30.32 -12.37
CA MET D 343 -27.35 -29.16 -11.80
C MET D 343 -28.39 -28.34 -11.07
N VAL D 344 -28.29 -28.34 -9.74
CA VAL D 344 -29.16 -27.58 -8.85
C VAL D 344 -28.59 -26.18 -8.51
N ASP D 345 -29.34 -25.12 -8.80
CA ASP D 345 -28.97 -23.77 -8.39
C ASP D 345 -30.07 -23.14 -7.53
N ASP D 346 -29.68 -22.22 -6.65
CA ASP D 346 -30.67 -21.54 -5.80
C ASP D 346 -31.71 -20.75 -6.59
N SER D 347 -31.28 -20.06 -7.63
CA SER D 347 -32.15 -19.10 -8.32
C SER D 347 -31.60 -18.77 -9.68
N ILE D 348 -32.41 -18.08 -10.46
CA ILE D 348 -31.99 -17.53 -11.73
C ILE D 348 -32.41 -16.08 -11.73
N VAL D 349 -31.55 -15.21 -12.24
CA VAL D 349 -31.87 -13.80 -12.27
C VAL D 349 -31.71 -13.33 -13.71
N ARG D 350 -30.49 -13.01 -14.13
CA ARG D 350 -30.21 -12.70 -15.53
C ARG D 350 -30.22 -13.93 -16.43
N GLY D 351 -29.85 -15.07 -15.84
CA GLY D 351 -29.78 -16.33 -16.56
C GLY D 351 -28.39 -16.63 -17.07
N THR D 352 -27.48 -15.70 -16.90
CA THR D 352 -26.20 -15.74 -17.56
C THR D 352 -25.32 -16.82 -16.95
N THR D 353 -25.37 -16.95 -15.63
CA THR D 353 -24.65 -17.99 -14.93
C THR D 353 -25.05 -19.41 -15.30
N SER D 354 -26.34 -19.65 -15.36
CA SER D 354 -26.84 -21.01 -15.63
C SER D 354 -26.50 -21.45 -17.05
N ARG D 355 -26.53 -20.53 -18.00
CA ARG D 355 -26.14 -20.80 -19.37
C ARG D 355 -24.69 -21.24 -19.43
N ARG D 356 -23.84 -20.45 -18.78
CA ARG D 356 -22.41 -20.71 -18.68
C ARG D 356 -22.16 -22.05 -18.02
N ILE D 357 -22.77 -22.27 -16.86
CA ILE D 357 -22.58 -23.55 -16.17
C ILE D 357 -23.01 -24.74 -17.05
N VAL D 358 -24.11 -24.59 -17.79
CA VAL D 358 -24.56 -25.66 -18.67
C VAL D 358 -23.52 -25.91 -19.78
N THR D 359 -23.00 -24.84 -20.37
CA THR D 359 -21.96 -24.97 -21.36
C THR D 359 -20.67 -25.62 -20.86
N MET D 360 -20.15 -25.17 -19.73
CA MET D 360 -18.92 -25.76 -19.18
C MET D 360 -19.10 -27.24 -18.90
N LEU D 361 -20.29 -27.60 -18.39
CA LEU D 361 -20.60 -28.98 -18.02
C LEU D 361 -20.61 -29.87 -19.25
N ARG D 362 -21.09 -29.32 -20.35
CA ARG D 362 -21.11 -30.05 -21.58
C ARG D 362 -19.72 -30.17 -22.18
N GLU D 363 -18.93 -29.15 -21.92
CA GLU D 363 -17.53 -29.13 -22.35
C GLU D 363 -16.67 -29.99 -21.47
N ALA D 364 -17.16 -30.36 -20.29
CA ALA D 364 -16.50 -31.41 -19.50
C ALA D 364 -17.04 -32.80 -19.85
N GLY D 365 -17.89 -32.87 -20.88
CA GLY D 365 -18.42 -34.13 -21.32
C GLY D 365 -19.60 -34.72 -20.56
N ALA D 366 -20.41 -33.89 -19.90
CA ALA D 366 -21.70 -34.37 -19.43
C ALA D 366 -22.61 -34.63 -20.62
N THR D 367 -23.35 -35.73 -20.57
CA THR D 367 -24.25 -36.11 -21.68
C THR D 367 -25.62 -35.42 -21.60
N GLU D 368 -26.10 -35.23 -20.38
CA GLU D 368 -27.29 -34.43 -20.15
C GLU D 368 -27.04 -33.40 -19.05
N VAL D 369 -27.61 -32.20 -19.21
CA VAL D 369 -27.71 -31.25 -18.08
C VAL D 369 -29.16 -30.87 -17.77
N HIS D 370 -29.58 -31.19 -16.55
CA HIS D 370 -30.93 -30.94 -16.08
C HIS D 370 -30.86 -29.90 -14.99
N VAL D 371 -31.23 -28.67 -15.34
CA VAL D 371 -31.14 -27.56 -14.41
C VAL D 371 -32.40 -27.50 -13.57
N LYS D 372 -32.21 -27.52 -12.25
CA LYS D 372 -33.33 -27.50 -11.30
C LYS D 372 -33.09 -26.39 -10.26
N ILE D 373 -33.98 -25.39 -10.25
CA ILE D 373 -33.84 -24.16 -9.46
C ILE D 373 -34.71 -24.23 -8.20
N SER D 374 -34.13 -23.98 -7.03
CA SER D 374 -34.85 -24.07 -5.78
C SER D 374 -35.58 -22.74 -5.43
N SER D 375 -36.12 -22.08 -6.45
CA SER D 375 -36.90 -20.86 -6.26
C SER D 375 -37.86 -20.81 -7.46
N PRO D 376 -38.99 -20.12 -7.28
CA PRO D 376 -39.87 -19.81 -8.42
C PRO D 376 -39.14 -18.84 -9.31
N PRO D 377 -39.55 -18.70 -10.55
CA PRO D 377 -38.85 -17.73 -11.40
C PRO D 377 -38.85 -16.36 -10.79
N ILE D 378 -37.83 -15.57 -11.10
CA ILE D 378 -37.77 -14.22 -10.58
C ILE D 378 -38.09 -13.23 -11.69
N ALA D 379 -39.33 -12.71 -11.62
CA ALA D 379 -39.94 -11.90 -12.68
C ALA D 379 -40.28 -10.45 -12.29
N HIS D 380 -40.11 -10.09 -11.01
CA HIS D 380 -40.43 -8.73 -10.52
C HIS D 380 -39.24 -8.14 -9.76
N PRO D 381 -39.05 -6.81 -9.82
CA PRO D 381 -38.04 -6.06 -9.06
C PRO D 381 -38.13 -6.24 -7.55
N CYS D 382 -37.00 -6.10 -6.87
CA CYS D 382 -37.05 -5.96 -5.44
C CYS D 382 -36.87 -4.48 -5.16
N PHE D 383 -37.47 -4.03 -4.06
CA PHE D 383 -37.41 -2.65 -3.65
C PHE D 383 -36.98 -2.55 -2.21
N TYR D 384 -36.47 -3.63 -1.64
CA TYR D 384 -36.20 -3.67 -0.21
C TYR D 384 -34.75 -3.91 0.17
N GLY D 385 -33.85 -3.56 -0.75
CA GLY D 385 -32.43 -3.58 -0.45
C GLY D 385 -31.64 -3.50 -1.73
N ILE D 386 -30.49 -2.83 -1.70
CA ILE D 386 -29.54 -2.81 -2.83
C ILE D 386 -28.99 -4.19 -3.09
N ASP D 387 -28.73 -4.92 -1.99
CA ASP D 387 -28.23 -6.31 -2.06
C ASP D 387 -29.13 -7.23 -2.85
N THR D 388 -30.42 -7.17 -2.51
CA THR D 388 -31.47 -7.97 -3.12
C THR D 388 -32.02 -7.45 -4.47
N SER D 389 -31.97 -6.14 -4.71
CA SER D 389 -32.35 -5.56 -6.01
C SER D 389 -31.22 -5.73 -7.05
N THR D 390 -31.53 -5.39 -8.31
CA THR D 390 -30.57 -5.39 -9.41
C THR D 390 -31.03 -4.48 -10.56
N HIS D 391 -30.03 -3.93 -11.26
CA HIS D 391 -30.21 -3.14 -12.48
C HIS D 391 -30.23 -4.01 -13.73
N GLU D 392 -29.84 -5.25 -13.55
CA GLU D 392 -29.78 -6.19 -14.65
C GLU D 392 -31.20 -6.59 -14.99
N GLU D 393 -31.45 -6.86 -16.26
CA GLU D 393 -32.77 -7.29 -16.70
C GLU D 393 -33.07 -8.72 -16.28
N LEU D 394 -34.33 -8.98 -15.95
CA LEU D 394 -34.75 -10.29 -15.48
C LEU D 394 -35.27 -11.16 -16.60
N ILE D 395 -34.70 -12.35 -16.71
CA ILE D 395 -34.94 -13.20 -17.86
C ILE D 395 -36.33 -13.76 -17.71
N ALA D 396 -36.68 -14.05 -16.45
CA ALA D 396 -37.95 -14.68 -16.08
C ALA D 396 -39.11 -13.71 -16.31
N SER D 397 -38.76 -12.45 -16.46
CA SER D 397 -39.73 -11.42 -16.64
C SER D 397 -40.26 -11.40 -18.06
N SER D 398 -39.51 -11.96 -19.00
CA SER D 398 -39.90 -11.89 -20.41
C SER D 398 -39.85 -13.26 -21.11
N HIS D 399 -39.35 -14.27 -20.41
CA HIS D 399 -39.14 -15.59 -21.00
C HIS D 399 -39.92 -16.58 -20.20
N SER D 400 -40.64 -17.47 -20.87
CA SER D 400 -41.34 -18.55 -20.20
C SER D 400 -40.28 -19.55 -19.72
N VAL D 401 -40.67 -20.46 -18.84
CA VAL D 401 -39.71 -21.43 -18.36
C VAL D 401 -39.04 -22.16 -19.53
N GLU D 402 -39.84 -22.51 -20.54
CA GLU D 402 -39.29 -23.23 -21.69
C GLU D 402 -38.41 -22.34 -22.56
N GLU D 403 -38.89 -21.12 -22.79
CA GLU D 403 -38.04 -20.11 -23.39
C GLU D 403 -36.69 -19.90 -22.66
N ILE D 404 -36.70 -20.10 -21.34
CA ILE D 404 -35.50 -19.99 -20.52
C ILE D 404 -34.59 -21.23 -20.67
N ARG D 405 -35.20 -22.41 -20.58
CA ARG D 405 -34.48 -23.66 -20.79
C ARG D 405 -33.73 -23.65 -22.12
N GLN D 406 -34.34 -23.07 -23.15
CA GLN D 406 -33.63 -22.91 -24.40
C GLN D 406 -32.45 -21.93 -24.32
N GLU D 407 -32.59 -20.89 -23.52
CA GLU D 407 -31.54 -19.90 -23.48
C GLU D 407 -30.31 -20.40 -22.71
N ILE D 408 -30.51 -21.08 -21.58
CA ILE D 408 -29.37 -21.62 -20.85
C ILE D 408 -28.82 -22.89 -21.53
N GLY D 409 -29.66 -23.49 -22.38
CA GLY D 409 -29.29 -24.67 -23.12
C GLY D 409 -29.43 -25.95 -22.32
N ALA D 410 -30.20 -25.93 -21.24
CA ALA D 410 -30.39 -27.12 -20.41
C ALA D 410 -31.19 -28.16 -21.21
N ASP D 411 -31.08 -29.42 -20.81
CA ASP D 411 -31.99 -30.46 -21.33
C ASP D 411 -33.39 -30.26 -20.76
N THR D 412 -33.45 -30.06 -19.46
CA THR D 412 -34.68 -29.67 -18.80
C THR D 412 -34.38 -28.53 -17.84
N LEU D 413 -35.42 -27.74 -17.53
CA LEU D 413 -35.33 -26.70 -16.54
C LEU D 413 -36.55 -26.82 -15.62
N SER D 414 -36.33 -26.74 -14.32
CA SER D 414 -37.42 -26.84 -13.37
C SER D 414 -37.24 -25.83 -12.26
N PHE D 415 -38.28 -25.01 -12.03
CA PHE D 415 -38.31 -24.09 -10.89
C PHE D 415 -39.16 -24.67 -9.80
N LEU D 416 -38.83 -24.36 -8.56
CA LEU D 416 -39.68 -24.72 -7.46
C LEU D 416 -40.97 -23.90 -7.65
N SER D 417 -42.10 -24.52 -7.35
CA SER D 417 -43.37 -23.79 -7.29
C SER D 417 -43.35 -22.95 -6.03
N VAL D 418 -44.36 -22.09 -5.93
CA VAL D 418 -44.44 -21.25 -4.78
C VAL D 418 -44.83 -22.05 -3.55
N GLU D 419 -45.72 -23.03 -3.74
CA GLU D 419 -46.18 -23.86 -2.62
C GLU D 419 -45.02 -24.68 -2.16
N GLY D 420 -44.23 -25.16 -3.12
CA GLY D 420 -43.02 -25.94 -2.83
C GLY D 420 -42.05 -25.12 -1.99
N LEU D 421 -41.83 -23.87 -2.43
CA LEU D 421 -40.96 -22.95 -1.72
C LEU D 421 -41.48 -22.74 -0.28
N LEU D 422 -42.78 -22.48 -0.16
CA LEU D 422 -43.35 -22.16 1.13
C LEU D 422 -43.35 -23.38 2.03
N LYS D 423 -43.66 -24.51 1.40
CA LYS D 423 -43.67 -25.81 2.06
C LYS D 423 -42.25 -26.23 2.47
N GLY D 424 -41.29 -25.96 1.58
CA GLY D 424 -39.91 -26.36 1.83
C GLY D 424 -39.34 -25.63 3.03
N ILE D 425 -39.55 -24.31 3.06
CA ILE D 425 -39.03 -23.49 4.15
C ILE D 425 -39.71 -23.88 5.46
N GLY D 426 -40.98 -24.28 5.35
CA GLY D 426 -41.74 -24.80 6.49
C GLY D 426 -42.12 -23.76 7.55
N ARG D 427 -42.47 -22.56 7.10
CA ARG D 427 -42.73 -21.45 8.01
C ARG D 427 -44.17 -21.59 8.55
N LYS D 428 -44.36 -21.34 9.84
CA LYS D 428 -45.63 -21.64 10.53
C LYS D 428 -46.77 -20.61 10.50
N TYR D 429 -46.47 -19.36 10.21
CA TYR D 429 -47.46 -18.29 10.30
C TYR D 429 -48.71 -18.52 9.47
N ASP D 430 -49.81 -17.96 9.96
CA ASP D 430 -51.15 -18.18 9.40
C ASP D 430 -51.51 -17.15 8.32
N ASP D 431 -51.15 -17.42 7.07
CA ASP D 431 -51.71 -16.72 5.92
C ASP D 431 -51.18 -17.39 4.66
N SER D 432 -51.80 -17.08 3.52
CA SER D 432 -51.55 -17.74 2.25
C SER D 432 -50.08 -17.76 1.78
N ASN D 433 -49.20 -17.08 2.50
CA ASN D 433 -47.77 -17.06 2.15
C ASN D 433 -46.81 -17.02 3.33
N CYS D 434 -47.28 -17.50 4.47
CA CYS D 434 -46.41 -17.89 5.57
C CYS D 434 -45.52 -16.81 6.11
N GLY D 435 -45.95 -15.56 5.95
CA GLY D 435 -45.17 -14.46 6.46
C GLY D 435 -43.91 -14.20 5.68
N GLN D 436 -43.95 -14.45 4.38
CA GLN D 436 -42.79 -14.23 3.56
C GLN D 436 -43.19 -13.30 2.49
N CYS D 437 -42.24 -12.51 2.05
CA CYS D 437 -42.44 -11.69 0.89
C CYS D 437 -42.09 -12.54 -0.31
N LEU D 438 -42.88 -12.43 -1.37
CA LEU D 438 -42.66 -13.23 -2.56
C LEU D 438 -42.75 -12.32 -3.77
N ALA D 439 -42.49 -11.06 -3.53
CA ALA D 439 -42.82 -10.01 -4.50
C ALA D 439 -42.11 -10.24 -5.85
N CYS D 440 -40.84 -10.61 -5.79
CA CYS D 440 -40.01 -10.74 -6.97
C CYS D 440 -40.42 -11.99 -7.78
N PHE D 441 -41.17 -12.90 -7.15
CA PHE D 441 -41.76 -14.02 -7.88
C PHE D 441 -43.15 -13.68 -8.35
N THR D 442 -43.99 -13.16 -7.44
CA THR D 442 -45.46 -13.00 -7.66
C THR D 442 -45.91 -11.64 -8.19
N GLY D 443 -45.16 -10.58 -7.87
CA GLY D 443 -45.53 -9.24 -8.30
C GLY D 443 -46.41 -8.55 -7.28
N LYS D 444 -46.76 -9.28 -6.23
CA LYS D 444 -47.60 -8.80 -5.17
C LYS D 444 -46.71 -8.30 -4.04
N TYR D 445 -46.43 -6.99 -4.01
CA TYR D 445 -45.57 -6.39 -2.97
C TYR D 445 -46.29 -6.17 -1.65
N PRO D 446 -45.60 -6.46 -0.52
CA PRO D 446 -46.13 -6.35 0.84
C PRO D 446 -46.18 -4.93 1.43
N THR D 447 -45.71 -3.94 0.65
CA THR D 447 -45.86 -2.53 1.01
C THR D 447 -46.19 -1.81 -0.31
N GLU D 448 -46.68 -0.57 -0.22
CA GLU D 448 -47.02 0.17 -1.43
C GLU D 448 -45.79 0.79 -2.04
N ILE D 449 -45.76 0.71 -3.35
CA ILE D 449 -44.65 1.25 -4.11
C ILE D 449 -45.15 2.52 -4.80
N TYR D 450 -44.62 3.65 -4.35
CA TYR D 450 -45.02 4.95 -4.85
C TYR D 450 -44.47 5.21 -6.24
N GLN D 451 -44.91 6.29 -6.87
CA GLN D 451 -44.47 6.54 -8.23
C GLN D 451 -43.11 7.24 -8.30
N ASP D 452 -42.76 7.94 -7.23
CA ASP D 452 -41.44 8.57 -7.10
C ASP D 452 -40.36 7.58 -6.66
N THR D 453 -40.78 6.42 -6.15
CA THR D 453 -39.88 5.36 -5.68
C THR D 453 -38.85 4.94 -6.75
N VAL D 454 -37.58 5.08 -6.42
CA VAL D 454 -36.49 4.60 -7.27
C VAL D 454 -36.08 3.20 -6.83
N LEU D 455 -35.56 2.44 -7.78
CA LEU D 455 -34.90 1.17 -7.48
C LEU D 455 -33.69 1.40 -6.59
N PRO D 456 -33.49 0.54 -5.60
CA PRO D 456 -32.40 0.74 -4.62
C PRO D 456 -31.03 1.15 -5.21
N HIS D 457 -30.68 0.61 -6.37
CA HIS D 457 -29.42 0.95 -7.03
C HIS D 457 -29.41 2.40 -7.55
N VAL D 458 -30.60 2.91 -7.90
CA VAL D 458 -30.75 4.21 -8.56
C VAL D 458 -30.27 5.36 -7.67
N LYS D 459 -30.00 5.07 -6.41
CA LYS D 459 -29.45 6.05 -5.48
C LYS D 459 -27.90 5.96 -5.48
#